data_8D21
#
_entry.id   8D21
#
_cell.length_a   1.00
_cell.length_b   1.00
_cell.length_c   1.00
_cell.angle_alpha   90.00
_cell.angle_beta   90.00
_cell.angle_gamma   90.00
#
_symmetry.space_group_name_H-M   'P 1'
#
loop_
_entity.id
_entity.type
_entity.pdbx_description
1 polymer 'Hemagglutinin HA2 chain'
2 polymer 'Hemagglutinin HA1 chain'
3 polymer '1B06 Heavy Chain'
4 polymer '1B06 Light Chain'
5 branched beta-D-mannopyranose-(1-4)-2-acetamido-2-deoxy-beta-D-glucopyranose-(1-4)-2-acetamido-2-deoxy-beta-D-glucopyranose
6 non-polymer 2-acetamido-2-deoxy-beta-D-glucopyranose
#
loop_
_entity_poly.entity_id
_entity_poly.type
_entity_poly.pdbx_seq_one_letter_code
_entity_poly.pdbx_strand_id
1 'polypeptide(L)'
;GLFGAIAGFIEGGWTGMVDGWYGYHHQNEQGSGYAADQKSTQNAINCITNKVNSVIEKMNTQFTAVGKEFNKLERRMENL
NKKVDDGFLDIWTYNAELLVLLENERTLDFHDSNVKNLYEKVKSQLKNNAKEIGNGCFEFYHKCNNECMESVKNGTYDYP
KYSEESKLNREKIDGVSGRLVPRGSPGSGYIPEAPRDGQAYVRKDGEWVLLSTFLGHHHHHH
;
B,C,G
2 'polypeptide(L)'
;DTICIGYHANNSTDTVDTVCEKNVTVTHSVNLLEDSHNGKLCLLKGIAPLQLGNCSVAGWILGNPECELLISKESWSYIV
ETPNPENGTCYPGYFADYEELREQLSSVSSFERFEIFPKESSWPNHTVTGVSASCSHNGKSSFYRNLLWLTGKNGLYPNL
SKSYVNNKEKEVLVLWGVHHPPNIGNQRALYHTENAYVSVVSSHYSRRFTPEIAKRPKVRDQEGRINYYWTLLEPGDTII
FEANGNLIAPWYAFALSRGFGSGIITSNAPMDECDAKCQTPQGAINSSLPFQNVHPVTIGECPKYVRSAKLRMVTGLRNI
PSIQSR
;
A,D,I
3 'polypeptide(L)'
;EVQLLESGGGLVRPGGSLRLSCKASGFSFSRHGLSWVRQAPGKGLEWVSSISGSSLSRYYADSVKGRFTISRDNSQNTLY
LQMNSLRVEDTAVFYCVKDRLDTAVPRGWFDSWGQGILVTVSS
;
H,E,J
4 'polypeptide(L)'
;EIVMTQSPATLSVSPGDRATLSCRASQSVSTELAWYQQKPGQAPRLLIYGASTRATDIPARFSGSGSGTEFTLTISSLQS
EDFAVYFCQQYNNWPPITFGQGTRLEIK
;
L,F,K
#
# COMPACT_ATOMS: atom_id res chain seq x y z
N GLY A 1 -6.43 24.29 15.42
CA GLY A 1 -7.70 23.63 15.78
C GLY A 1 -7.89 22.29 15.09
N LEU A 2 -7.91 21.21 15.88
CA LEU A 2 -8.09 19.88 15.31
C LEU A 2 -9.44 19.74 14.63
N PHE A 3 -10.49 20.28 15.24
CA PHE A 3 -11.80 20.25 14.57
C PHE A 3 -11.77 20.97 13.24
N GLY A 4 -10.91 21.98 13.10
CA GLY A 4 -10.73 22.63 11.81
C GLY A 4 -9.91 21.80 10.83
N ALA A 5 -9.12 20.87 11.32
CA ALA A 5 -8.34 19.99 10.43
C ALA A 5 -9.27 19.16 9.55
N ILE A 6 -10.35 18.63 10.14
CA ILE A 6 -11.27 17.80 9.38
C ILE A 6 -12.34 18.66 8.71
N ALA A 7 -12.79 19.72 9.38
CA ALA A 7 -13.82 20.60 8.84
C ALA A 7 -15.08 19.81 8.48
N GLY A 8 -15.43 18.86 9.34
CA GLY A 8 -16.59 18.03 9.08
C GLY A 8 -17.89 18.79 9.24
N PHE A 9 -18.93 18.28 8.57
CA PHE A 9 -20.25 18.89 8.63
C PHE A 9 -21.00 18.58 9.92
N ILE A 10 -20.49 17.66 10.73
CA ILE A 10 -21.13 17.27 11.98
C ILE A 10 -20.22 17.67 13.13
N GLU A 11 -20.84 17.91 14.29
CA GLU A 11 -20.10 18.34 15.47
C GLU A 11 -19.40 17.13 16.09
N GLY A 12 -18.85 17.33 17.29
CA GLY A 12 -17.99 16.32 17.90
C GLY A 12 -18.65 14.98 18.13
N GLY A 13 -19.98 14.94 18.19
CA GLY A 13 -20.70 13.71 18.39
C GLY A 13 -21.28 13.61 19.80
N TRP A 14 -22.12 12.61 19.98
CA TRP A 14 -22.86 12.40 21.21
C TRP A 14 -22.19 11.31 22.05
N THR A 15 -22.67 11.17 23.28
CA THR A 15 -22.18 10.15 24.20
C THR A 15 -23.29 9.36 24.89
N GLY A 16 -24.52 9.86 24.93
CA GLY A 16 -25.58 9.14 25.60
C GLY A 16 -25.93 7.84 24.92
N MET A 17 -26.01 7.85 23.59
CA MET A 17 -26.33 6.64 22.85
C MET A 17 -25.20 5.62 23.01
N VAL A 18 -25.58 4.34 23.13
CA VAL A 18 -24.61 3.28 23.33
C VAL A 18 -24.81 2.09 22.41
N ASP A 19 -25.95 1.95 21.74
CA ASP A 19 -26.29 0.73 21.00
C ASP A 19 -26.01 0.87 19.50
N GLY A 20 -24.97 1.60 19.13
CA GLY A 20 -24.62 1.72 17.73
C GLY A 20 -23.46 2.67 17.54
N TRP A 21 -23.12 2.88 16.27
CA TRP A 21 -22.09 3.83 15.87
C TRP A 21 -22.63 5.04 15.15
N TYR A 22 -23.69 4.87 14.34
CA TYR A 22 -24.41 5.96 13.73
C TYR A 22 -25.87 5.83 14.11
N GLY A 23 -26.49 6.97 14.45
CA GLY A 23 -27.88 6.93 14.88
C GLY A 23 -28.60 8.25 14.68
N TYR A 24 -29.79 8.36 15.26
CA TYR A 24 -30.60 9.56 15.16
C TYR A 24 -31.10 9.92 16.55
N HIS A 25 -31.45 11.20 16.72
CA HIS A 25 -32.08 11.69 17.95
C HIS A 25 -33.43 12.26 17.53
N HIS A 26 -34.44 11.41 17.52
CA HIS A 26 -35.78 11.82 17.13
C HIS A 26 -36.42 12.61 18.27
N GLN A 27 -36.90 13.81 17.97
CA GLN A 27 -37.66 14.60 18.91
C GLN A 27 -39.05 14.86 18.35
N ASN A 28 -40.05 14.82 19.22
CA ASN A 28 -41.43 15.02 18.84
C ASN A 28 -42.25 15.04 20.12
N GLU A 29 -43.54 15.26 19.97
CA GLU A 29 -44.41 15.15 21.13
C GLU A 29 -44.38 13.71 21.66
N GLN A 30 -44.37 13.59 22.98
CA GLN A 30 -44.51 12.31 23.70
C GLN A 30 -43.50 11.25 23.24
N GLY A 31 -42.42 11.65 22.56
CA GLY A 31 -41.56 10.67 21.92
C GLY A 31 -40.05 10.86 21.94
N SER A 32 -39.52 11.84 22.66
CA SER A 32 -38.09 12.14 22.62
C SER A 32 -37.22 10.94 23.00
N GLY A 33 -35.98 10.92 22.50
CA GLY A 33 -35.00 9.91 22.81
C GLY A 33 -33.92 9.84 21.75
N TYR A 34 -33.03 8.87 21.91
CA TYR A 34 -32.03 8.56 20.90
C TYR A 34 -32.46 7.33 20.09
N ALA A 35 -31.65 6.99 19.09
CA ALA A 35 -31.91 5.84 18.25
C ALA A 35 -30.60 5.42 17.60
N ALA A 36 -30.60 4.22 17.02
CA ALA A 36 -29.44 3.68 16.34
C ALA A 36 -29.88 3.07 15.01
N ASP A 37 -29.06 3.26 13.98
CA ASP A 37 -29.33 2.76 12.65
C ASP A 37 -28.71 1.38 12.53
N GLN A 38 -29.47 0.34 12.88
CA GLN A 38 -28.93 -1.01 12.91
C GLN A 38 -28.45 -1.47 11.54
N LYS A 39 -28.93 -0.85 10.46
CA LYS A 39 -28.47 -1.26 9.14
C LYS A 39 -27.02 -0.84 8.89
N SER A 40 -26.62 0.31 9.42
CA SER A 40 -25.31 0.86 9.09
C SER A 40 -24.20 0.26 9.96
N THR A 41 -24.46 0.08 11.25
CA THR A 41 -23.38 -0.33 12.15
C THR A 41 -22.92 -1.75 11.84
N GLN A 42 -23.84 -2.69 11.69
CA GLN A 42 -23.46 -4.07 11.39
C GLN A 42 -22.72 -4.14 10.06
N ASN A 43 -23.15 -3.35 9.08
CA ASN A 43 -22.52 -3.33 7.77
C ASN A 43 -21.28 -2.44 7.73
N ALA A 44 -20.94 -1.77 8.82
CA ALA A 44 -19.71 -1.02 8.95
C ALA A 44 -18.71 -1.65 9.91
N ILE A 45 -19.20 -2.37 10.93
CA ILE A 45 -18.30 -3.07 11.83
C ILE A 45 -17.57 -4.19 11.10
N ASN A 46 -18.29 -4.94 10.27
CA ASN A 46 -17.70 -6.12 9.65
C ASN A 46 -16.54 -5.75 8.73
N CYS A 47 -16.75 -4.80 7.82
CA CYS A 47 -15.70 -4.47 6.85
C CYS A 47 -14.46 -3.94 7.55
N ILE A 48 -14.64 -3.07 8.55
CA ILE A 48 -13.49 -2.54 9.27
C ILE A 48 -12.77 -3.67 10.01
N THR A 49 -13.52 -4.54 10.68
CA THR A 49 -12.90 -5.64 11.41
C THR A 49 -12.18 -6.58 10.47
N ASN A 50 -12.78 -6.88 9.31
CA ASN A 50 -12.12 -7.76 8.35
C ASN A 50 -10.81 -7.17 7.85
N LYS A 51 -10.71 -5.84 7.79
CA LYS A 51 -9.44 -5.21 7.46
C LYS A 51 -8.40 -5.50 8.53
N VAL A 52 -8.81 -5.45 9.80
CA VAL A 52 -7.90 -5.83 10.88
C VAL A 52 -7.61 -7.32 10.83
N ASN A 53 -8.64 -8.13 10.60
CA ASN A 53 -8.44 -9.58 10.51
C ASN A 53 -7.52 -9.93 9.36
N SER A 54 -7.70 -9.27 8.20
CA SER A 54 -6.85 -9.56 7.06
C SER A 54 -5.39 -9.24 7.37
N VAL A 55 -5.14 -8.13 8.05
CA VAL A 55 -3.76 -7.77 8.41
C VAL A 55 -3.17 -8.82 9.34
N ILE A 56 -3.93 -9.21 10.36
CA ILE A 56 -3.40 -10.13 11.38
C ILE A 56 -3.22 -11.52 10.79
N GLU A 57 -4.22 -12.02 10.07
CA GLU A 57 -4.20 -13.42 9.65
C GLU A 57 -3.17 -13.69 8.55
N LYS A 58 -2.79 -12.67 7.79
CA LYS A 58 -1.90 -12.92 6.66
C LYS A 58 -0.44 -13.01 7.06
N MET A 59 -0.12 -12.74 8.33
CA MET A 59 1.23 -12.96 8.84
C MET A 59 1.47 -14.45 9.01
N ASN A 60 1.77 -15.14 7.92
CA ASN A 60 2.09 -16.55 8.00
C ASN A 60 3.34 -16.76 8.85
N THR A 61 3.38 -17.91 9.52
CA THR A 61 4.43 -18.19 10.49
C THR A 61 5.10 -19.52 10.18
N GLN A 62 6.39 -19.59 10.46
CA GLN A 62 7.17 -20.81 10.30
C GLN A 62 8.31 -20.78 11.31
N PHE A 63 8.82 -21.97 11.61
CA PHE A 63 9.90 -22.08 12.58
C PHE A 63 11.12 -21.33 12.07
N THR A 64 11.76 -20.55 12.95
CA THR A 64 12.89 -19.72 12.60
C THR A 64 14.03 -19.96 13.59
N ALA A 65 15.25 -19.76 13.13
CA ALA A 65 16.45 -19.91 13.94
C ALA A 65 17.01 -18.55 14.32
N VAL A 66 17.87 -18.56 15.34
CA VAL A 66 18.55 -17.35 15.80
C VAL A 66 19.82 -17.16 14.98
N GLY A 67 20.40 -15.96 15.06
CA GLY A 67 21.70 -15.74 14.48
C GLY A 67 22.70 -16.71 15.09
N LYS A 68 23.34 -17.52 14.25
CA LYS A 68 24.22 -18.57 14.74
C LYS A 68 25.52 -17.96 15.27
N GLU A 69 26.45 -18.83 15.66
CA GLU A 69 27.74 -18.41 16.17
C GLU A 69 28.84 -18.74 15.17
N PHE A 70 29.89 -17.94 15.18
CA PHE A 70 31.02 -18.12 14.29
C PHE A 70 32.32 -17.84 15.04
N ASN A 71 33.36 -18.59 14.71
CA ASN A 71 34.67 -18.34 15.29
C ASN A 71 35.32 -17.13 14.63
N LYS A 72 36.41 -16.66 15.24
CA LYS A 72 37.04 -15.41 14.81
C LYS A 72 37.70 -15.51 13.43
N LEU A 73 37.89 -16.71 12.90
CA LEU A 73 38.48 -16.87 11.57
C LEU A 73 37.43 -16.92 10.46
N GLU A 74 36.15 -16.78 10.77
CA GLU A 74 35.07 -16.83 9.79
C GLU A 74 34.17 -15.60 9.91
N ARG A 75 34.79 -14.43 10.02
CA ARG A 75 34.02 -13.21 10.23
C ARG A 75 33.13 -12.86 9.05
N ARG A 76 33.50 -13.28 7.84
CA ARG A 76 32.67 -12.96 6.67
C ARG A 76 31.25 -13.49 6.83
N MET A 77 31.10 -14.71 7.36
CA MET A 77 29.77 -15.24 7.61
C MET A 77 28.99 -14.35 8.56
N GLU A 78 29.64 -13.88 9.63
CA GLU A 78 28.95 -13.12 10.65
C GLU A 78 28.35 -11.84 10.08
N ASN A 79 29.13 -11.11 9.28
CA ASN A 79 28.62 -9.88 8.70
C ASN A 79 27.59 -10.14 7.61
N LEU A 80 27.77 -11.22 6.84
CA LEU A 80 26.73 -11.61 5.89
C LEU A 80 25.43 -11.94 6.61
N ASN A 81 25.51 -12.66 7.73
CA ASN A 81 24.32 -12.95 8.50
C ASN A 81 23.70 -11.68 9.07
N LYS A 82 24.52 -10.72 9.48
CA LYS A 82 23.98 -9.46 9.96
C LYS A 82 23.31 -8.68 8.84
N LYS A 83 23.90 -8.69 7.65
CA LYS A 83 23.32 -7.94 6.53
C LYS A 83 21.94 -8.46 6.16
N VAL A 84 21.78 -9.78 6.09
CA VAL A 84 20.48 -10.34 5.73
C VAL A 84 19.47 -10.10 6.84
N ASP A 85 19.88 -10.26 8.10
CA ASP A 85 18.97 -10.04 9.22
C ASP A 85 18.56 -8.58 9.31
N ASP A 86 19.51 -7.65 9.13
CA ASP A 86 19.17 -6.23 9.16
C ASP A 86 18.32 -5.83 7.97
N GLY A 87 18.53 -6.45 6.81
CA GLY A 87 17.71 -6.13 5.66
C GLY A 87 16.25 -6.43 5.88
N PHE A 88 15.95 -7.59 6.48
CA PHE A 88 14.57 -7.90 6.81
C PHE A 88 14.04 -6.97 7.89
N LEU A 89 14.87 -6.64 8.89
CA LEU A 89 14.43 -5.75 9.95
C LEU A 89 14.06 -4.38 9.39
N ASP A 90 14.89 -3.83 8.50
CA ASP A 90 14.57 -2.53 7.91
C ASP A 90 13.36 -2.62 7.00
N ILE A 91 13.19 -3.74 6.30
CA ILE A 91 12.06 -3.87 5.38
C ILE A 91 10.75 -3.88 6.16
N TRP A 92 10.66 -4.72 7.20
CA TRP A 92 9.40 -4.90 7.90
C TRP A 92 8.97 -3.64 8.63
N THR A 93 9.92 -2.86 9.17
CA THR A 93 9.56 -1.62 9.84
C THR A 93 8.83 -0.68 8.89
N TYR A 94 9.42 -0.40 7.73
CA TYR A 94 8.79 0.50 6.77
C TYR A 94 7.50 -0.10 6.22
N ASN A 95 7.52 -1.38 5.86
CA ASN A 95 6.32 -2.00 5.30
C ASN A 95 5.19 -2.02 6.32
N ALA A 96 5.47 -2.46 7.55
CA ALA A 96 4.43 -2.52 8.56
C ALA A 96 3.92 -1.13 8.92
N GLU A 97 4.83 -0.18 9.15
CA GLU A 97 4.41 1.13 9.61
C GLU A 97 3.58 1.84 8.54
N LEU A 98 4.10 1.93 7.31
CA LEU A 98 3.39 2.68 6.28
C LEU A 98 2.05 2.06 5.93
N LEU A 99 1.83 0.78 6.29
CA LEU A 99 0.53 0.18 6.06
C LEU A 99 -0.52 0.73 7.02
N VAL A 100 -0.17 0.85 8.30
CA VAL A 100 -1.15 1.26 9.30
C VAL A 100 -1.37 2.76 9.32
N LEU A 101 -0.53 3.55 8.64
CA LEU A 101 -0.81 4.97 8.44
C LEU A 101 -1.62 5.22 7.19
N LEU A 102 -1.36 4.46 6.12
CA LEU A 102 -2.15 4.61 4.90
C LEU A 102 -3.54 4.05 5.07
N GLU A 103 -3.68 2.95 5.81
CA GLU A 103 -4.97 2.32 6.03
C GLU A 103 -5.71 2.88 7.24
N ASN A 104 -5.08 3.73 8.03
CA ASN A 104 -5.81 4.44 9.07
C ASN A 104 -6.64 5.58 8.49
N GLU A 105 -6.13 6.25 7.46
CA GLU A 105 -6.95 7.22 6.75
C GLU A 105 -8.11 6.56 6.02
N ARG A 106 -7.89 5.36 5.48
CA ARG A 106 -8.97 4.68 4.77
C ARG A 106 -10.15 4.40 5.69
N THR A 107 -9.89 3.91 6.90
CA THR A 107 -10.98 3.65 7.84
C THR A 107 -11.56 4.95 8.38
N LEU A 108 -10.73 5.96 8.62
CA LEU A 108 -11.25 7.23 9.09
C LEU A 108 -12.08 7.93 8.03
N ASP A 109 -11.63 7.88 6.76
CA ASP A 109 -12.45 8.41 5.69
C ASP A 109 -13.73 7.60 5.51
N PHE A 110 -13.66 6.29 5.75
CA PHE A 110 -14.85 5.45 5.66
C PHE A 110 -15.91 5.90 6.66
N HIS A 111 -15.49 6.21 7.89
CA HIS A 111 -16.46 6.65 8.89
C HIS A 111 -17.05 8.01 8.52
N ASP A 112 -16.22 8.92 8.01
CA ASP A 112 -16.73 10.23 7.59
C ASP A 112 -17.71 10.08 6.45
N SER A 113 -17.40 9.22 5.47
CA SER A 113 -18.31 9.02 4.35
C SER A 113 -19.60 8.34 4.79
N ASN A 114 -19.53 7.46 5.78
CA ASN A 114 -20.73 6.78 6.24
C ASN A 114 -21.75 7.75 6.81
N VAL A 115 -21.29 8.75 7.56
CA VAL A 115 -22.20 9.77 8.09
C VAL A 115 -22.84 10.53 6.94
N LYS A 116 -22.05 10.90 5.94
CA LYS A 116 -22.57 11.76 4.87
C LYS A 116 -23.66 11.06 4.08
N ASN A 117 -23.42 9.83 3.62
CA ASN A 117 -24.42 9.15 2.81
C ASN A 117 -25.69 8.87 3.60
N LEU A 118 -25.56 8.50 4.87
CA LEU A 118 -26.74 8.34 5.71
C LEU A 118 -27.47 9.67 5.87
N TYR A 119 -26.71 10.76 6.01
CA TYR A 119 -27.32 12.09 6.08
C TYR A 119 -28.04 12.41 4.76
N GLU A 120 -27.46 12.02 3.64
CA GLU A 120 -28.13 12.24 2.36
C GLU A 120 -29.42 11.44 2.24
N LYS A 121 -29.49 10.26 2.90
CA LYS A 121 -30.66 9.41 2.74
C LYS A 121 -31.92 10.08 3.30
N VAL A 122 -31.82 10.71 4.47
CA VAL A 122 -32.98 11.40 5.01
C VAL A 122 -33.34 12.61 4.17
N LYS A 123 -32.34 13.29 3.61
CA LYS A 123 -32.63 14.46 2.77
C LYS A 123 -33.47 14.08 1.57
N SER A 124 -33.09 13.02 0.85
CA SER A 124 -33.81 12.62 -0.34
C SER A 124 -35.15 11.97 -0.02
N GLN A 125 -35.29 11.34 1.16
CA GLN A 125 -36.54 10.70 1.51
C GLN A 125 -37.68 11.70 1.56
N LEU A 126 -37.44 12.86 2.16
CA LEU A 126 -38.41 13.95 2.19
C LEU A 126 -37.65 15.25 1.99
N LYS A 127 -38.14 16.09 1.07
CA LYS A 127 -37.40 17.25 0.61
C LYS A 127 -38.06 18.56 1.03
N ASN A 128 -39.32 18.78 0.65
CA ASN A 128 -40.00 20.02 0.99
C ASN A 128 -40.62 20.00 2.37
N ASN A 129 -40.81 18.82 2.96
CA ASN A 129 -41.36 18.72 4.32
C ASN A 129 -40.25 18.68 5.37
N ALA A 130 -39.35 19.66 5.29
CA ALA A 130 -38.23 19.73 6.22
C ALA A 130 -37.51 21.05 6.00
N LYS A 131 -36.89 21.56 7.06
CA LYS A 131 -36.11 22.78 7.01
C LYS A 131 -34.71 22.50 7.53
N GLU A 132 -33.71 23.06 6.87
CA GLU A 132 -32.32 22.85 7.25
C GLU A 132 -32.02 23.76 8.44
N ILE A 133 -32.29 23.25 9.65
CA ILE A 133 -32.06 24.04 10.84
C ILE A 133 -30.58 24.35 11.01
N GLY A 134 -29.72 23.38 10.73
CA GLY A 134 -28.29 23.58 10.92
C GLY A 134 -27.47 22.35 10.63
N ASN A 135 -26.62 21.96 11.58
CA ASN A 135 -25.67 20.87 11.38
C ASN A 135 -26.41 19.53 11.48
N GLY A 136 -26.91 19.08 10.34
CA GLY A 136 -27.54 17.77 10.25
C GLY A 136 -28.74 17.61 11.16
N CYS A 137 -29.57 18.64 11.28
CA CYS A 137 -30.80 18.58 12.07
C CYS A 137 -31.93 19.16 11.23
N PHE A 138 -32.93 18.34 10.93
CA PHE A 138 -34.09 18.79 10.19
C PHE A 138 -35.21 19.18 11.16
N GLU A 139 -36.19 19.89 10.63
CA GLU A 139 -37.38 20.29 11.39
C GLU A 139 -38.60 20.01 10.54
N PHE A 140 -39.50 19.18 11.06
CA PHE A 140 -40.71 18.80 10.32
C PHE A 140 -41.74 19.91 10.44
N TYR A 141 -42.13 20.49 9.30
CA TYR A 141 -43.21 21.47 9.32
C TYR A 141 -44.50 20.86 9.84
N HIS A 142 -44.80 19.64 9.40
CA HIS A 142 -46.01 18.95 9.81
C HIS A 142 -45.84 18.36 11.21
N LYS A 143 -46.86 17.64 11.66
CA LYS A 143 -46.81 16.86 12.89
C LYS A 143 -46.52 15.41 12.54
N CYS A 144 -45.64 14.78 13.32
CA CYS A 144 -45.17 13.44 12.98
C CYS A 144 -44.89 12.67 14.27
N ASN A 145 -45.72 11.67 14.54
CA ASN A 145 -45.62 10.87 15.76
C ASN A 145 -44.55 9.79 15.59
N ASN A 146 -44.44 8.92 16.61
CA ASN A 146 -43.40 7.89 16.60
C ASN A 146 -43.57 6.95 15.41
N GLU A 147 -44.80 6.53 15.14
CA GLU A 147 -45.04 5.67 13.98
C GLU A 147 -44.61 6.36 12.70
N CYS A 148 -44.92 7.64 12.56
CA CYS A 148 -44.41 8.43 11.44
C CYS A 148 -42.89 8.52 11.46
N MET A 149 -42.29 8.76 12.63
CA MET A 149 -40.85 8.97 12.69
C MET A 149 -40.09 7.73 12.22
N GLU A 150 -40.57 6.54 12.56
CA GLU A 150 -39.92 5.32 12.11
C GLU A 150 -39.86 5.21 10.60
N SER A 151 -40.75 5.92 9.89
CA SER A 151 -40.69 5.91 8.43
C SER A 151 -39.34 6.42 7.94
N VAL A 152 -38.80 7.44 8.59
CA VAL A 152 -37.47 7.94 8.22
C VAL A 152 -36.42 6.86 8.43
N LYS A 153 -36.49 6.15 9.57
CA LYS A 153 -35.55 5.07 9.81
C LYS A 153 -35.76 3.91 8.85
N ASN A 154 -37.01 3.61 8.48
CA ASN A 154 -37.26 2.67 7.40
C ASN A 154 -36.77 3.26 6.09
N GLY A 155 -36.91 2.48 5.03
CA GLY A 155 -36.81 2.96 3.67
C GLY A 155 -38.13 3.36 3.07
N THR A 156 -39.17 3.49 3.90
CA THR A 156 -40.54 3.76 3.45
C THR A 156 -40.97 5.15 3.90
N TYR A 157 -41.65 5.87 3.01
CA TYR A 157 -42.16 7.19 3.32
C TYR A 157 -43.13 7.59 2.22
N ASP A 158 -44.32 8.03 2.59
CA ASP A 158 -45.36 8.41 1.64
C ASP A 158 -45.38 9.92 1.51
N TYR A 159 -44.72 10.44 0.47
CA TYR A 159 -44.71 11.88 0.22
C TYR A 159 -46.12 12.44 0.00
N PRO A 160 -46.95 11.91 -0.90
CA PRO A 160 -48.26 12.52 -1.12
C PRO A 160 -49.14 12.53 0.11
N LYS A 161 -48.98 11.56 1.02
CA LYS A 161 -49.74 11.58 2.26
C LYS A 161 -49.46 12.83 3.07
N TYR A 162 -48.21 13.30 3.05
CA TYR A 162 -47.80 14.46 3.83
C TYR A 162 -47.55 15.69 2.99
N SER A 163 -47.49 15.56 1.65
CA SER A 163 -47.35 16.74 0.81
C SER A 163 -48.53 17.68 1.00
N GLU A 164 -49.74 17.14 1.06
CA GLU A 164 -50.91 17.97 1.32
C GLU A 164 -50.81 18.65 2.68
N GLU A 165 -50.15 18.01 3.65
CA GLU A 165 -49.91 18.68 4.92
C GLU A 165 -48.91 19.81 4.77
N SER A 166 -47.96 19.68 3.83
CA SER A 166 -47.04 20.77 3.55
C SER A 166 -47.76 21.96 2.93
N LYS A 167 -48.91 21.74 2.30
CA LYS A 167 -49.71 22.87 1.83
C LYS A 167 -50.18 23.72 3.00
N LEU A 168 -50.52 23.08 4.13
CA LEU A 168 -50.84 23.83 5.34
C LEU A 168 -49.63 24.62 5.81
N ASN A 169 -48.43 24.06 5.64
CA ASN A 169 -47.22 24.82 5.97
C ASN A 169 -47.09 26.06 5.09
N ARG A 170 -47.41 25.93 3.80
CA ARG A 170 -47.37 27.10 2.92
C ARG A 170 -48.29 28.20 3.41
N GLU A 171 -49.41 27.84 4.05
CA GLU A 171 -50.30 28.84 4.62
C GLU A 171 -49.63 29.61 5.75
N LYS A 172 -48.86 28.92 6.60
CA LYS A 172 -48.21 29.59 7.72
C LYS A 172 -47.21 30.63 7.22
N ILE A 173 -46.46 30.30 6.17
CA ILE A 173 -45.46 31.22 5.63
C ILE A 173 -46.11 32.08 4.55
N ASP B 1 -40.19 18.87 16.78
CA ASP B 1 -40.27 17.82 15.77
C ASP B 1 -39.02 17.84 14.91
N THR B 2 -37.92 17.33 15.45
CA THR B 2 -36.64 17.34 14.79
C THR B 2 -36.02 15.95 14.81
N ILE B 3 -35.22 15.66 13.78
CA ILE B 3 -34.40 14.47 13.73
C ILE B 3 -32.99 14.90 13.35
N CYS B 4 -32.00 14.40 14.09
CA CYS B 4 -30.62 14.83 13.95
C CYS B 4 -29.74 13.63 13.67
N ILE B 5 -28.54 13.91 13.18
CA ILE B 5 -27.58 12.88 12.78
C ILE B 5 -26.33 13.04 13.64
N GLY B 6 -25.86 11.94 14.21
CA GLY B 6 -24.66 11.96 15.02
C GLY B 6 -24.04 10.59 15.08
N TYR B 7 -22.89 10.50 15.76
CA TYR B 7 -22.16 9.26 15.91
C TYR B 7 -21.77 9.05 17.37
N HIS B 8 -21.77 7.79 17.78
CA HIS B 8 -21.45 7.44 19.15
C HIS B 8 -20.01 7.81 19.48
N ALA B 9 -19.79 8.27 20.72
CA ALA B 9 -18.46 8.67 21.17
C ALA B 9 -18.42 8.58 22.68
N ASN B 10 -17.63 7.65 23.20
CA ASN B 10 -17.50 7.43 24.64
C ASN B 10 -16.14 7.94 25.12
N ASN B 11 -15.97 7.97 26.44
CA ASN B 11 -14.71 8.42 27.02
C ASN B 11 -13.62 7.39 26.75
N SER B 12 -12.48 7.86 26.26
CA SER B 12 -11.36 6.97 25.96
C SER B 12 -10.10 7.81 25.79
N THR B 13 -8.98 7.29 26.28
CA THR B 13 -7.69 7.92 26.15
C THR B 13 -6.85 7.32 25.04
N ASP B 14 -7.41 6.38 24.27
CA ASP B 14 -6.65 5.74 23.20
C ASP B 14 -6.22 6.77 22.16
N THR B 15 -5.00 6.59 21.64
CA THR B 15 -4.45 7.48 20.63
C THR B 15 -3.92 6.65 19.47
N VAL B 16 -4.07 7.20 18.26
CA VAL B 16 -3.57 6.57 17.04
C VAL B 16 -2.88 7.64 16.21
N ASP B 17 -2.01 7.19 15.32
CA ASP B 17 -1.25 8.07 14.44
C ASP B 17 -1.62 7.82 12.99
N THR B 18 -1.75 8.90 12.23
CA THR B 18 -2.10 8.84 10.82
C THR B 18 -1.18 9.81 10.07
N VAL B 19 -1.51 10.09 8.81
CA VAL B 19 -0.68 10.92 7.96
C VAL B 19 -1.13 12.37 7.97
N CYS B 20 -2.44 12.63 7.96
CA CYS B 20 -2.90 14.01 8.00
C CYS B 20 -2.62 14.65 9.35
N GLU B 21 -2.56 13.86 10.42
CA GLU B 21 -2.32 14.39 11.75
C GLU B 21 -1.67 13.30 12.60
N LYS B 22 -1.50 13.59 13.88
CA LYS B 22 -0.89 12.66 14.82
C LYS B 22 -1.50 12.86 16.20
N ASN B 23 -1.36 11.84 17.03
CA ASN B 23 -1.81 11.89 18.42
C ASN B 23 -3.32 12.18 18.51
N VAL B 24 -4.07 11.70 17.53
CA VAL B 24 -5.52 11.88 17.54
C VAL B 24 -6.16 10.82 18.42
N THR B 25 -7.18 11.23 19.17
CA THR B 25 -7.88 10.37 20.11
C THR B 25 -9.07 9.72 19.41
N VAL B 26 -9.21 8.41 19.60
CA VAL B 26 -10.28 7.64 18.97
C VAL B 26 -10.95 6.78 20.02
N THR B 27 -12.12 6.24 19.66
CA THR B 27 -12.93 5.49 20.62
C THR B 27 -12.36 4.11 20.88
N HIS B 28 -12.26 3.29 19.83
CA HIS B 28 -11.81 1.91 19.95
C HIS B 28 -10.66 1.67 18.97
N SER B 29 -9.66 0.92 19.42
CA SER B 29 -8.47 0.68 18.63
C SER B 29 -7.91 -0.69 18.96
N VAL B 30 -7.11 -1.22 18.03
CA VAL B 30 -6.47 -2.51 18.17
C VAL B 30 -5.02 -2.37 17.75
N ASN B 31 -4.11 -2.93 18.55
CA ASN B 31 -2.68 -2.85 18.29
C ASN B 31 -2.18 -4.12 17.60
N LEU B 32 -1.00 -4.00 16.99
CA LEU B 32 -0.29 -5.15 16.44
C LEU B 32 1.01 -5.45 17.15
N LEU B 33 1.57 -4.49 17.87
CA LEU B 33 2.91 -4.61 18.44
C LEU B 33 2.81 -5.07 19.89
N GLU B 34 3.56 -6.12 20.23
CA GLU B 34 3.64 -6.63 21.59
C GLU B 34 5.00 -6.25 22.14
N ASP B 35 5.02 -5.70 23.35
CA ASP B 35 6.24 -5.27 24.02
C ASP B 35 6.32 -5.79 25.45
N SER B 36 5.58 -6.87 25.74
CA SER B 36 5.52 -7.44 27.08
C SER B 36 6.05 -8.87 27.03
N HIS B 37 6.92 -9.20 27.99
CA HIS B 37 7.48 -10.54 28.10
C HIS B 37 7.36 -11.01 29.54
N ASN B 38 7.17 -12.32 29.71
CA ASN B 38 6.96 -12.87 31.04
C ASN B 38 8.20 -12.72 31.91
N GLY B 39 9.39 -12.86 31.33
CA GLY B 39 10.62 -12.83 32.10
C GLY B 39 11.08 -14.17 32.59
N LYS B 40 10.58 -15.27 32.03
CA LYS B 40 10.97 -16.60 32.44
C LYS B 40 10.74 -17.57 31.29
N LEU B 41 11.74 -18.42 31.04
CA LEU B 41 11.62 -19.42 29.99
C LEU B 41 10.61 -20.50 30.37
N CYS B 42 10.09 -21.18 29.36
CA CYS B 42 8.98 -22.11 29.56
C CYS B 42 9.15 -23.31 28.64
N LEU B 43 8.52 -24.42 29.05
CA LEU B 43 8.43 -25.62 28.24
C LEU B 43 7.66 -25.34 26.95
N LEU B 44 8.33 -25.36 25.80
CA LEU B 44 7.75 -24.78 24.59
C LEU B 44 7.01 -25.83 23.75
N LYS B 45 7.70 -26.84 23.21
CA LYS B 45 7.03 -27.87 22.41
C LYS B 45 6.71 -29.10 23.25
N GLY B 46 5.95 -28.89 24.33
CA GLY B 46 5.52 -29.99 25.15
C GLY B 46 6.61 -30.74 25.88
N ILE B 47 7.88 -30.40 25.67
CA ILE B 47 9.02 -31.09 26.27
C ILE B 47 9.88 -30.06 26.97
N ALA B 48 10.29 -30.36 28.19
CA ALA B 48 11.04 -29.40 28.98
C ALA B 48 12.41 -29.19 28.36
N PRO B 49 12.77 -27.97 27.96
CA PRO B 49 14.13 -27.73 27.44
C PRO B 49 15.15 -27.84 28.56
N LEU B 50 16.34 -28.33 28.20
CA LEU B 50 17.40 -28.48 29.19
C LEU B 50 17.99 -27.11 29.53
N GLN B 51 18.44 -27.00 30.78
CA GLN B 51 19.07 -25.78 31.30
C GLN B 51 20.49 -26.12 31.71
N LEU B 52 21.47 -25.46 31.09
CA LEU B 52 22.87 -25.67 31.44
C LEU B 52 23.23 -24.77 32.61
N GLY B 53 23.72 -25.37 33.69
CA GLY B 53 24.13 -24.60 34.85
C GLY B 53 25.64 -24.40 34.91
N ASN B 54 26.10 -23.21 34.53
CA ASN B 54 27.53 -22.90 34.54
C ASN B 54 28.31 -23.89 33.69
N CYS B 55 27.77 -24.25 32.53
CA CYS B 55 28.41 -25.19 31.63
C CYS B 55 28.13 -24.81 30.19
N SER B 56 29.00 -25.25 29.30
CA SER B 56 28.88 -25.03 27.87
C SER B 56 28.63 -26.35 27.16
N VAL B 57 28.23 -26.27 25.90
CA VAL B 57 27.87 -27.47 25.15
C VAL B 57 29.08 -28.39 25.03
N ALA B 58 30.24 -27.84 24.66
CA ALA B 58 31.44 -28.67 24.55
C ALA B 58 31.83 -29.27 25.89
N GLY B 59 31.78 -28.46 26.96
CA GLY B 59 32.15 -28.97 28.26
C GLY B 59 31.26 -30.10 28.71
N TRP B 60 29.96 -29.99 28.46
CA TRP B 60 29.02 -31.02 28.89
C TRP B 60 29.04 -32.24 27.98
N ILE B 61 29.17 -32.05 26.67
CA ILE B 61 29.21 -33.19 25.75
C ILE B 61 30.43 -34.04 26.04
N LEU B 62 31.60 -33.42 26.20
CA LEU B 62 32.81 -34.18 26.49
C LEU B 62 32.77 -34.85 27.85
N GLY B 63 31.80 -34.51 28.70
CA GLY B 63 31.66 -35.15 29.98
C GLY B 63 32.59 -34.58 31.02
N ASN B 64 32.47 -33.27 31.28
CA ASN B 64 33.24 -32.68 32.36
C ASN B 64 32.81 -33.29 33.69
N PRO B 65 33.69 -33.35 34.68
CA PRO B 65 33.26 -33.86 35.98
C PRO B 65 32.11 -33.07 36.57
N GLU B 66 32.05 -31.77 36.29
CA GLU B 66 30.91 -30.95 36.67
C GLU B 66 29.81 -31.16 35.62
N CYS B 67 28.73 -30.37 35.72
CA CYS B 67 27.60 -30.52 34.81
C CYS B 67 26.96 -31.90 34.92
N GLU B 68 27.06 -32.52 36.10
CA GLU B 68 26.51 -33.85 36.31
C GLU B 68 25.03 -33.84 36.64
N LEU B 69 24.44 -32.66 36.83
CA LEU B 69 23.03 -32.56 37.20
C LEU B 69 22.09 -32.64 36.01
N LEU B 70 22.62 -32.79 34.79
CA LEU B 70 21.81 -32.70 33.59
C LEU B 70 22.01 -33.92 32.70
N ILE B 71 21.98 -35.11 33.31
CA ILE B 71 22.13 -36.36 32.58
C ILE B 71 20.77 -36.97 32.24
N SER B 72 19.76 -36.75 33.08
CA SER B 72 18.43 -37.29 32.88
C SER B 72 17.50 -36.30 32.17
N LYS B 73 18.05 -35.48 31.28
CA LYS B 73 17.29 -34.45 30.58
C LYS B 73 17.36 -34.69 29.08
N GLU B 74 17.11 -35.94 28.66
CA GLU B 74 17.45 -36.36 27.31
C GLU B 74 16.69 -35.56 26.26
N SER B 75 15.37 -35.71 26.21
CA SER B 75 14.58 -35.01 25.22
C SER B 75 14.39 -33.55 25.61
N TRP B 76 14.29 -32.68 24.61
CA TRP B 76 14.18 -31.25 24.87
C TRP B 76 13.55 -30.59 23.65
N SER B 77 13.63 -29.25 23.60
CA SER B 77 13.28 -28.48 22.42
C SER B 77 14.41 -27.52 22.04
N TYR B 78 15.18 -27.07 23.04
CA TYR B 78 16.31 -26.18 22.82
C TYR B 78 17.18 -26.20 24.06
N ILE B 79 18.33 -25.51 23.97
CA ILE B 79 19.34 -25.52 25.02
C ILE B 79 19.52 -24.10 25.52
N VAL B 80 19.55 -23.94 26.85
CA VAL B 80 19.75 -22.65 27.49
C VAL B 80 21.13 -22.66 28.13
N GLU B 81 21.93 -21.64 27.83
CA GLU B 81 23.28 -21.50 28.35
C GLU B 81 23.34 -20.34 29.34
N THR B 82 24.54 -20.07 29.84
CA THR B 82 24.86 -18.95 30.71
C THR B 82 25.68 -17.92 29.92
N PRO B 83 25.51 -16.62 30.15
CA PRO B 83 26.24 -15.63 29.34
C PRO B 83 27.76 -15.82 29.34
N ASN B 84 28.33 -16.26 30.46
CA ASN B 84 29.78 -16.51 30.55
C ASN B 84 29.98 -17.93 31.10
N PRO B 85 29.77 -18.95 30.27
CA PRO B 85 29.93 -20.33 30.76
C PRO B 85 31.39 -20.61 31.09
N GLU B 86 31.66 -20.93 32.36
CA GLU B 86 33.03 -21.06 32.83
C GLU B 86 33.52 -22.51 32.73
N ASN B 87 32.82 -23.43 33.39
CA ASN B 87 33.26 -24.82 33.46
C ASN B 87 32.93 -25.50 32.13
N GLY B 88 33.78 -25.25 31.14
CA GLY B 88 33.64 -25.87 29.84
C GLY B 88 34.53 -27.09 29.70
N THR B 89 35.63 -26.96 28.97
CA THR B 89 36.59 -28.05 28.80
C THR B 89 37.75 -27.81 29.74
N CYS B 90 38.14 -28.84 30.49
CA CYS B 90 39.22 -28.67 31.47
C CYS B 90 40.58 -28.64 30.78
N TYR B 91 40.96 -29.74 30.12
CA TYR B 91 42.20 -29.74 29.36
C TYR B 91 42.09 -28.74 28.20
N PRO B 92 43.02 -27.80 28.08
CA PRO B 92 42.87 -26.78 27.03
C PRO B 92 43.14 -27.35 25.64
N GLY B 93 42.58 -26.71 24.63
CA GLY B 93 42.75 -27.18 23.27
C GLY B 93 41.82 -26.43 22.34
N TYR B 94 41.81 -26.87 21.09
CA TYR B 94 41.00 -26.26 20.04
C TYR B 94 39.98 -27.28 19.56
N PHE B 95 38.72 -27.05 19.89
CA PHE B 95 37.63 -28.00 19.60
C PHE B 95 37.22 -27.82 18.14
N ALA B 96 37.61 -28.78 17.30
CA ALA B 96 37.35 -28.68 15.87
C ALA B 96 35.86 -28.75 15.59
N ASP B 97 35.42 -27.93 14.63
CA ASP B 97 34.03 -27.93 14.17
C ASP B 97 33.06 -27.72 15.33
N TYR B 98 33.43 -26.81 16.24
CA TYR B 98 32.58 -26.52 17.39
C TYR B 98 31.22 -26.04 16.95
N GLU B 99 31.17 -25.05 16.07
CA GLU B 99 29.90 -24.41 15.74
C GLU B 99 28.93 -25.40 15.11
N GLU B 100 29.41 -26.27 14.23
CA GLU B 100 28.50 -27.22 13.58
C GLU B 100 27.91 -28.19 14.59
N LEU B 101 28.68 -28.57 15.61
CA LEU B 101 28.16 -29.48 16.64
C LEU B 101 26.99 -28.85 17.37
N ARG B 102 27.08 -27.57 17.70
CA ARG B 102 25.99 -26.91 18.42
C ARG B 102 24.71 -26.92 17.59
N GLU B 103 24.82 -26.61 16.29
CA GLU B 103 23.63 -26.57 15.46
C GLU B 103 22.97 -27.94 15.36
N GLN B 104 23.78 -28.99 15.17
CA GLN B 104 23.22 -30.33 15.04
C GLN B 104 22.58 -30.79 16.35
N LEU B 105 23.21 -30.48 17.48
CA LEU B 105 22.68 -30.87 18.79
C LEU B 105 21.63 -29.90 19.31
N SER B 106 21.30 -28.86 18.54
CA SER B 106 20.29 -27.91 19.00
C SER B 106 18.92 -28.56 19.13
N SER B 107 18.68 -29.65 18.39
CA SER B 107 17.40 -30.35 18.43
C SER B 107 17.66 -31.85 18.34
N VAL B 108 17.14 -32.60 19.31
CA VAL B 108 17.11 -34.04 19.26
C VAL B 108 15.84 -34.53 19.94
N SER B 109 15.49 -35.79 19.66
CA SER B 109 14.38 -36.46 20.32
C SER B 109 14.83 -37.53 21.30
N SER B 110 15.94 -38.22 21.01
CA SER B 110 16.53 -39.19 21.90
C SER B 110 18.00 -38.86 22.07
N PHE B 111 18.53 -39.07 23.27
CA PHE B 111 19.93 -38.77 23.57
C PHE B 111 20.52 -39.88 24.43
N GLU B 112 20.27 -41.13 24.04
CA GLU B 112 20.72 -42.28 24.82
C GLU B 112 22.24 -42.29 24.94
N ARG B 113 22.75 -42.05 26.14
CA ARG B 113 24.18 -42.11 26.41
C ARG B 113 24.51 -43.53 26.85
N PHE B 114 25.17 -44.28 25.96
CA PHE B 114 25.36 -45.71 26.14
C PHE B 114 26.83 -46.07 26.01
N GLU B 115 27.26 -47.03 26.82
CA GLU B 115 28.62 -47.54 26.76
C GLU B 115 28.91 -48.09 25.37
N ILE B 116 30.07 -47.73 24.81
CA ILE B 116 30.48 -48.16 23.49
C ILE B 116 31.77 -48.96 23.52
N PHE B 117 32.73 -48.54 24.36
CA PHE B 117 34.00 -49.24 24.56
C PHE B 117 34.13 -49.51 26.05
N PRO B 118 33.57 -50.61 26.56
CA PRO B 118 33.64 -50.86 28.01
C PRO B 118 35.08 -50.85 28.51
N LYS B 119 35.33 -50.03 29.53
CA LYS B 119 36.69 -49.87 30.03
C LYS B 119 37.24 -51.12 30.69
N GLU B 120 36.36 -52.02 31.14
CA GLU B 120 36.80 -53.21 31.87
C GLU B 120 37.14 -54.38 30.98
N SER B 121 36.77 -54.35 29.70
CA SER B 121 36.98 -55.48 28.80
C SER B 121 37.60 -55.11 27.46
N SER B 122 37.53 -53.85 27.03
CA SER B 122 37.99 -53.48 25.70
C SER B 122 39.45 -53.02 25.68
N TRP B 123 40.09 -52.83 26.83
CA TRP B 123 41.49 -52.43 26.91
C TRP B 123 42.23 -53.32 27.91
N PRO B 124 42.33 -54.63 27.64
CA PRO B 124 43.10 -55.49 28.54
C PRO B 124 44.58 -55.15 28.62
N ASN B 125 45.16 -54.54 27.60
CA ASN B 125 46.61 -54.35 27.52
C ASN B 125 47.02 -52.88 27.61
N HIS B 126 46.15 -52.01 28.13
CA HIS B 126 46.49 -50.62 28.34
C HIS B 126 45.90 -50.15 29.67
N THR B 127 46.60 -49.25 30.34
CA THR B 127 46.08 -48.66 31.56
C THR B 127 45.11 -47.54 31.21
N VAL B 128 43.94 -47.56 31.84
CA VAL B 128 42.87 -46.60 31.55
C VAL B 128 42.73 -45.55 32.63
N THR B 129 43.31 -45.74 33.81
CA THR B 129 43.17 -44.79 34.91
C THR B 129 44.14 -43.63 34.69
N GLY B 130 43.81 -42.80 33.70
CA GLY B 130 44.55 -41.58 33.42
C GLY B 130 43.83 -40.40 34.02
N VAL B 131 44.57 -39.61 34.82
CA VAL B 131 44.00 -38.50 35.56
C VAL B 131 44.80 -37.25 35.26
N SER B 132 44.19 -36.10 35.56
CA SER B 132 44.80 -34.80 35.31
C SER B 132 44.62 -33.91 36.54
N ALA B 133 45.64 -33.10 36.82
CA ALA B 133 45.54 -32.11 37.89
C ALA B 133 44.79 -30.86 37.45
N SER B 134 44.49 -30.71 36.15
CA SER B 134 43.78 -29.55 35.65
C SER B 134 42.26 -29.75 35.63
N CYS B 135 41.77 -30.93 35.95
CA CYS B 135 40.35 -31.24 35.96
C CYS B 135 39.93 -31.82 37.30
N SER B 136 40.48 -31.26 38.38
CA SER B 136 40.21 -31.77 39.71
C SER B 136 38.73 -31.63 40.05
N HIS B 137 38.19 -32.62 40.75
CA HIS B 137 36.79 -32.64 41.17
C HIS B 137 36.73 -32.93 42.65
N ASN B 138 36.17 -32.00 43.42
CA ASN B 138 36.02 -32.14 44.87
C ASN B 138 37.37 -32.41 45.54
N GLY B 139 38.41 -31.73 45.07
CA GLY B 139 39.70 -31.75 45.73
C GLY B 139 40.66 -32.83 45.26
N LYS B 140 40.24 -33.73 44.38
CA LYS B 140 41.09 -34.80 43.88
C LYS B 140 41.04 -34.84 42.36
N SER B 141 42.14 -35.29 41.76
CA SER B 141 42.26 -35.31 40.32
C SER B 141 41.26 -36.31 39.70
N SER B 142 40.82 -36.00 38.49
CA SER B 142 39.89 -36.82 37.76
C SER B 142 40.15 -36.63 36.27
N PHE B 143 39.19 -37.06 35.45
CA PHE B 143 39.26 -36.85 34.00
C PHE B 143 37.83 -36.77 33.48
N TYR B 144 37.70 -36.55 32.17
CA TYR B 144 36.40 -36.48 31.55
C TYR B 144 35.56 -37.72 31.87
N ARG B 145 34.25 -37.57 31.77
CA ARG B 145 33.31 -38.65 32.05
C ARG B 145 32.82 -39.35 30.79
N ASN B 146 33.36 -38.99 29.62
CA ASN B 146 33.04 -39.68 28.38
C ASN B 146 34.27 -40.06 27.57
N LEU B 147 35.46 -39.63 27.97
CA LEU B 147 36.71 -39.92 27.27
C LEU B 147 37.58 -40.80 28.15
N LEU B 148 38.70 -41.25 27.59
CA LEU B 148 39.57 -42.21 28.27
C LEU B 148 41.00 -41.99 27.83
N TRP B 149 41.83 -41.56 28.77
CA TRP B 149 43.25 -41.32 28.51
C TRP B 149 44.00 -42.65 28.65
N LEU B 150 44.56 -43.13 27.54
CA LEU B 150 45.24 -44.42 27.51
C LEU B 150 46.74 -44.23 27.68
N THR B 151 47.36 -45.09 28.48
CA THR B 151 48.78 -45.05 28.76
C THR B 151 49.38 -46.44 28.66
N GLY B 152 50.71 -46.51 28.78
CA GLY B 152 51.40 -47.78 28.64
C GLY B 152 51.29 -48.65 29.88
N LYS B 153 51.93 -49.80 29.82
CA LYS B 153 51.84 -50.78 30.89
C LYS B 153 52.88 -51.87 30.66
N ASN B 154 53.54 -52.31 31.74
CA ASN B 154 54.82 -53.02 31.66
C ASN B 154 55.78 -52.36 30.68
N GLY B 155 55.78 -51.02 30.67
CA GLY B 155 56.68 -50.31 29.79
C GLY B 155 56.44 -50.54 28.32
N LEU B 156 55.29 -51.09 27.95
CA LEU B 156 54.95 -51.39 26.58
C LEU B 156 53.58 -50.82 26.26
N TYR B 157 53.41 -50.34 25.03
CA TYR B 157 52.17 -49.74 24.56
C TYR B 157 51.77 -50.46 23.28
N PRO B 158 51.11 -51.60 23.37
CA PRO B 158 50.69 -52.30 22.14
C PRO B 158 49.72 -51.47 21.33
N ASN B 159 50.06 -51.29 20.06
CA ASN B 159 49.17 -50.58 19.15
C ASN B 159 47.80 -51.24 19.13
N LEU B 160 46.76 -50.42 19.16
CA LEU B 160 45.39 -50.89 19.28
C LEU B 160 44.65 -50.76 17.96
N SER B 161 43.69 -51.66 17.74
CA SER B 161 42.87 -51.63 16.53
C SER B 161 41.49 -52.17 16.91
N LYS B 162 40.56 -51.26 17.19
CA LYS B 162 39.20 -51.61 17.55
C LYS B 162 38.23 -51.14 16.49
N SER B 163 37.04 -51.73 16.51
CA SER B 163 36.01 -51.46 15.51
C SER B 163 34.66 -51.37 16.20
N TYR B 164 33.71 -50.74 15.51
CA TYR B 164 32.34 -50.64 16.01
C TYR B 164 31.38 -50.60 14.83
N VAL B 165 30.24 -51.27 15.00
CA VAL B 165 29.18 -51.29 14.00
C VAL B 165 27.92 -50.72 14.64
N ASN B 166 27.32 -49.73 13.99
CA ASN B 166 26.13 -49.08 14.52
C ASN B 166 24.92 -49.98 14.36
N ASN B 167 24.75 -50.94 15.27
CA ASN B 167 23.64 -51.89 15.17
C ASN B 167 22.29 -51.21 15.25
N LYS B 168 22.20 -50.07 15.94
CA LYS B 168 20.93 -49.41 16.13
C LYS B 168 20.37 -48.93 14.80
N GLU B 169 19.11 -48.50 14.84
CA GLU B 169 18.45 -47.90 13.69
C GLU B 169 18.46 -46.37 13.76
N LYS B 170 19.52 -45.80 14.30
CA LYS B 170 19.60 -44.37 14.57
C LYS B 170 21.03 -43.89 14.36
N GLU B 171 21.16 -42.59 14.13
CA GLU B 171 22.49 -42.00 14.04
C GLU B 171 23.17 -42.01 15.39
N VAL B 172 24.47 -42.20 15.40
CA VAL B 172 25.25 -42.20 16.63
C VAL B 172 26.39 -41.20 16.49
N LEU B 173 26.65 -40.47 17.59
CA LEU B 173 27.67 -39.45 17.64
C LEU B 173 28.78 -39.93 18.56
N VAL B 174 30.01 -39.94 18.05
CA VAL B 174 31.17 -40.44 18.78
C VAL B 174 32.23 -39.36 18.81
N LEU B 175 32.94 -39.26 19.93
CA LEU B 175 33.99 -38.26 20.10
C LEU B 175 35.29 -38.95 20.51
N TRP B 176 36.40 -38.31 20.13
CA TRP B 176 37.72 -38.78 20.50
C TRP B 176 38.67 -37.60 20.46
N GLY B 177 39.84 -37.78 21.06
CA GLY B 177 40.82 -36.72 21.13
C GLY B 177 42.23 -37.25 21.00
N VAL B 178 43.15 -36.35 20.70
CA VAL B 178 44.56 -36.64 20.57
C VAL B 178 45.34 -35.73 21.51
N HIS B 179 46.29 -36.31 22.24
CA HIS B 179 47.03 -35.59 23.27
C HIS B 179 48.40 -35.19 22.73
N HIS B 180 48.70 -33.90 22.85
CA HIS B 180 50.00 -33.37 22.42
C HIS B 180 50.85 -33.09 23.65
N PRO B 181 51.84 -33.91 23.98
CA PRO B 181 52.68 -33.60 25.14
C PRO B 181 53.50 -32.35 24.89
N PRO B 182 53.93 -31.65 25.94
CA PRO B 182 54.70 -30.41 25.73
C PRO B 182 56.18 -30.63 25.53
N ASN B 183 56.73 -31.78 25.91
CA ASN B 183 58.16 -32.05 25.75
C ASN B 183 58.34 -33.51 25.33
N ILE B 184 59.42 -33.76 24.59
CA ILE B 184 59.66 -35.11 24.10
C ILE B 184 59.90 -36.09 25.23
N GLY B 185 60.36 -35.61 26.39
CA GLY B 185 60.56 -36.52 27.51
C GLY B 185 59.27 -37.15 28.00
N ASN B 186 58.23 -36.34 28.17
CA ASN B 186 56.93 -36.87 28.59
C ASN B 186 56.35 -37.79 27.53
N GLN B 187 56.50 -37.45 26.25
CA GLN B 187 55.96 -38.29 25.18
C GLN B 187 56.50 -39.71 25.28
N ARG B 188 57.81 -39.86 25.41
CA ARG B 188 58.39 -41.19 25.50
C ARG B 188 58.07 -41.89 26.81
N ALA B 189 57.73 -41.13 27.86
CA ALA B 189 57.44 -41.75 29.14
C ALA B 189 56.15 -42.56 29.07
N LEU B 190 55.08 -41.98 28.54
CA LEU B 190 53.77 -42.62 28.56
C LEU B 190 53.47 -43.43 27.31
N TYR B 191 54.32 -43.38 26.28
CA TYR B 191 54.04 -44.06 25.03
C TYR B 191 55.23 -44.81 24.44
N HIS B 192 56.45 -44.57 24.91
CA HIS B 192 57.62 -45.33 24.48
C HIS B 192 57.84 -45.24 22.98
N THR B 193 57.45 -44.12 22.38
CA THR B 193 57.73 -43.88 20.97
C THR B 193 57.85 -42.39 20.74
N GLU B 194 58.55 -42.03 19.66
CA GLU B 194 58.84 -40.64 19.36
C GLU B 194 57.98 -40.04 18.27
N ASN B 195 57.47 -40.87 17.36
CA ASN B 195 56.64 -40.41 16.23
C ASN B 195 55.39 -41.29 16.20
N ALA B 196 54.38 -40.89 16.96
CA ALA B 196 53.14 -41.64 17.02
C ALA B 196 52.21 -41.24 15.88
N TYR B 197 51.11 -41.97 15.75
CA TYR B 197 50.10 -41.69 14.74
C TYR B 197 48.81 -42.38 15.12
N VAL B 198 47.69 -41.69 14.92
CA VAL B 198 46.37 -42.26 15.12
C VAL B 198 45.59 -42.09 13.82
N SER B 199 44.51 -42.85 13.70
CA SER B 199 43.73 -42.82 12.47
C SER B 199 42.32 -43.30 12.76
N VAL B 200 41.35 -42.61 12.18
CA VAL B 200 39.95 -42.99 12.24
C VAL B 200 39.44 -43.12 10.82
N VAL B 201 38.62 -44.14 10.57
CA VAL B 201 38.09 -44.40 9.24
C VAL B 201 36.62 -44.78 9.36
N SER B 202 35.85 -44.50 8.31
CA SER B 202 34.47 -44.94 8.22
C SER B 202 34.15 -45.13 6.74
N SER B 203 32.86 -45.24 6.43
CA SER B 203 32.45 -45.44 5.05
C SER B 203 32.84 -44.26 4.17
N HIS B 204 32.60 -43.03 4.65
CA HIS B 204 32.89 -41.82 3.90
C HIS B 204 33.56 -40.79 4.81
N TYR B 205 34.57 -41.23 5.55
CA TYR B 205 35.26 -40.36 6.50
C TYR B 205 36.59 -41.00 6.84
N SER B 206 37.67 -40.22 6.74
CA SER B 206 39.00 -40.75 7.04
C SER B 206 39.96 -39.59 7.23
N ARG B 207 40.66 -39.57 8.36
CA ARG B 207 41.72 -38.61 8.61
C ARG B 207 42.83 -39.30 9.39
N ARG B 208 44.05 -38.77 9.27
CA ARG B 208 45.23 -39.33 9.93
C ARG B 208 45.88 -38.21 10.74
N PHE B 209 45.61 -38.16 12.03
CA PHE B 209 46.20 -37.17 12.91
C PHE B 209 47.61 -37.59 13.31
N THR B 210 48.44 -36.60 13.60
CA THR B 210 49.77 -36.82 14.13
C THR B 210 50.02 -35.87 15.29
N PRO B 211 50.75 -36.28 16.32
CA PRO B 211 51.02 -35.37 17.42
C PRO B 211 51.99 -34.28 17.02
N GLU B 212 51.87 -33.14 17.70
CA GLU B 212 52.76 -32.00 17.49
C GLU B 212 53.28 -31.56 18.85
N ILE B 213 54.61 -31.54 18.99
CA ILE B 213 55.27 -31.25 20.26
C ILE B 213 55.91 -29.88 20.16
N ALA B 214 55.58 -28.99 21.09
CA ALA B 214 56.17 -27.67 21.14
C ALA B 214 55.85 -27.04 22.49
N LYS B 215 56.69 -26.08 22.87
CA LYS B 215 56.47 -25.35 24.11
C LYS B 215 55.32 -24.37 23.94
N ARG B 216 54.41 -24.34 24.89
CA ARG B 216 53.20 -23.55 24.80
C ARG B 216 53.00 -22.73 26.06
N PRO B 217 52.28 -21.61 25.97
CA PRO B 217 52.00 -20.83 27.19
C PRO B 217 51.10 -21.60 28.13
N LYS B 218 51.30 -21.38 29.42
CA LYS B 218 50.54 -22.11 30.43
C LYS B 218 49.08 -21.69 30.39
N VAL B 219 48.18 -22.66 30.36
CA VAL B 219 46.75 -22.44 30.46
C VAL B 219 46.20 -23.35 31.55
N ARG B 220 45.55 -22.76 32.54
CA ARG B 220 45.02 -23.51 33.68
C ARG B 220 46.10 -24.37 34.33
N ASP B 221 47.30 -23.79 34.47
CA ASP B 221 48.43 -24.50 35.05
C ASP B 221 48.76 -25.76 34.24
N GLN B 222 48.69 -25.65 32.93
CA GLN B 222 48.98 -26.79 32.06
C GLN B 222 49.41 -26.28 30.69
N GLU B 223 50.25 -27.07 30.02
CA GLU B 223 50.75 -26.73 28.70
C GLU B 223 50.21 -27.62 27.59
N GLY B 224 50.22 -28.93 27.77
CA GLY B 224 49.76 -29.83 26.73
C GLY B 224 48.32 -29.57 26.34
N ARG B 225 48.02 -29.89 25.09
CA ARG B 225 46.71 -29.63 24.50
C ARG B 225 46.09 -30.92 24.00
N ILE B 226 44.77 -31.03 24.16
CA ILE B 226 44.00 -32.13 23.63
C ILE B 226 43.07 -31.56 22.57
N ASN B 227 43.21 -32.05 21.34
CA ASN B 227 42.35 -31.64 20.23
C ASN B 227 41.21 -32.64 20.13
N TYR B 228 39.98 -32.18 20.31
CA TYR B 228 38.81 -33.04 20.24
C TYR B 228 38.24 -33.03 18.83
N TYR B 229 37.70 -34.17 18.41
CA TYR B 229 37.07 -34.31 17.11
C TYR B 229 35.80 -35.13 17.28
N TRP B 230 34.91 -35.00 16.30
CA TRP B 230 33.62 -35.68 16.34
C TRP B 230 33.21 -36.06 14.93
N THR B 231 32.25 -36.97 14.83
CA THR B 231 31.74 -37.42 13.55
C THR B 231 30.32 -37.94 13.75
N LEU B 232 29.78 -38.57 12.70
CA LEU B 232 28.46 -39.18 12.75
C LEU B 232 28.48 -40.46 11.92
N LEU B 233 27.62 -41.40 12.29
CA LEU B 233 27.48 -42.67 11.59
C LEU B 233 26.05 -42.83 11.10
N GLU B 234 25.89 -43.66 10.09
CA GLU B 234 24.59 -44.04 9.56
C GLU B 234 24.19 -45.40 10.09
N PRO B 235 22.93 -45.80 9.94
CA PRO B 235 22.53 -47.16 10.34
C PRO B 235 23.34 -48.20 9.61
N GLY B 236 23.98 -49.09 10.39
CA GLY B 236 24.80 -50.14 9.84
C GLY B 236 26.19 -49.71 9.45
N ASP B 237 26.56 -48.46 9.66
CA ASP B 237 27.88 -47.96 9.30
C ASP B 237 28.93 -48.52 10.25
N THR B 238 30.20 -48.32 9.89
CA THR B 238 31.32 -48.83 10.67
C THR B 238 32.33 -47.72 10.91
N ILE B 239 32.99 -47.77 12.06
CA ILE B 239 34.05 -46.85 12.42
C ILE B 239 35.18 -47.66 13.03
N ILE B 240 36.41 -47.43 12.56
CA ILE B 240 37.57 -48.19 12.98
C ILE B 240 38.61 -47.23 13.54
N PHE B 241 39.09 -47.52 14.74
CA PHE B 241 40.15 -46.74 15.38
C PHE B 241 41.44 -47.54 15.32
N GLU B 242 42.44 -46.98 14.65
CA GLU B 242 43.78 -47.55 14.64
C GLU B 242 44.75 -46.48 15.11
N ALA B 243 45.59 -46.83 16.07
CA ALA B 243 46.53 -45.87 16.66
C ALA B 243 47.66 -46.63 17.31
N ASN B 244 48.77 -45.92 17.52
CA ASN B 244 49.91 -46.44 18.25
C ASN B 244 50.37 -45.50 19.36
N GLY B 245 49.54 -44.54 19.74
CA GLY B 245 49.89 -43.61 20.80
C GLY B 245 49.15 -42.31 20.67
N ASN B 246 48.92 -41.69 21.83
CA ASN B 246 48.33 -40.36 21.91
C ASN B 246 46.90 -40.35 21.39
N LEU B 247 46.17 -41.42 21.67
CA LEU B 247 44.75 -41.53 21.35
C LEU B 247 43.98 -41.49 22.66
N ILE B 248 42.99 -40.61 22.73
CA ILE B 248 42.05 -40.57 23.83
C ILE B 248 40.79 -41.23 23.30
N ALA B 249 40.64 -42.52 23.55
CA ALA B 249 39.58 -43.29 22.93
C ALA B 249 38.22 -42.86 23.48
N PRO B 250 37.14 -43.07 22.72
CA PRO B 250 35.82 -42.81 23.27
C PRO B 250 35.47 -43.81 24.35
N TRP B 251 34.61 -43.38 25.27
CA TRP B 251 34.07 -44.25 26.30
C TRP B 251 32.54 -44.21 26.35
N TYR B 252 31.93 -43.14 25.89
CA TYR B 252 30.48 -43.04 25.74
C TYR B 252 30.17 -42.35 24.43
N ALA B 253 29.12 -42.80 23.76
CA ALA B 253 28.64 -42.20 22.53
C ALA B 253 27.28 -41.57 22.78
N PHE B 254 26.66 -41.08 21.71
CA PHE B 254 25.36 -40.44 21.81
C PHE B 254 24.54 -40.79 20.57
N ALA B 255 23.41 -41.47 20.78
CA ALA B 255 22.46 -41.76 19.71
C ALA B 255 21.45 -40.62 19.65
N LEU B 256 21.44 -39.90 18.53
CA LEU B 256 20.68 -38.66 18.40
C LEU B 256 19.61 -38.80 17.31
N SER B 257 18.56 -38.01 17.46
CA SER B 257 17.35 -38.10 16.65
C SER B 257 16.94 -36.72 16.13
N ARG B 258 17.89 -36.03 15.51
CA ARG B 258 17.71 -34.65 15.07
C ARG B 258 16.38 -34.45 14.36
N GLY B 259 15.54 -33.59 14.92
CA GLY B 259 14.25 -33.28 14.33
C GLY B 259 14.13 -31.86 13.84
N PHE B 260 14.16 -31.68 12.51
CA PHE B 260 13.94 -30.40 11.82
C PHE B 260 14.64 -29.22 12.49
N GLY B 261 15.79 -29.46 13.10
CA GLY B 261 16.60 -28.38 13.64
C GLY B 261 15.94 -27.58 14.74
N SER B 262 16.72 -26.76 15.42
CA SER B 262 16.22 -25.85 16.46
C SER B 262 17.24 -24.74 16.63
N GLY B 263 17.11 -23.98 17.72
CA GLY B 263 18.06 -22.93 18.04
C GLY B 263 18.54 -23.05 19.48
N ILE B 264 19.60 -22.31 19.77
CA ILE B 264 20.21 -22.26 21.09
C ILE B 264 20.04 -20.85 21.64
N ILE B 265 19.64 -20.75 22.91
CA ILE B 265 19.41 -19.48 23.58
C ILE B 265 20.41 -19.35 24.71
N THR B 266 20.89 -18.14 24.95
CA THR B 266 21.74 -17.82 26.08
C THR B 266 21.03 -16.78 26.94
N SER B 267 20.93 -17.07 28.25
CA SER B 267 20.19 -16.20 29.15
C SER B 267 20.54 -16.57 30.58
N ASN B 268 19.90 -15.87 31.53
CA ASN B 268 20.04 -16.15 32.95
C ASN B 268 18.70 -16.09 33.66
N ALA B 269 17.60 -16.18 32.93
CA ALA B 269 16.29 -16.07 33.54
C ALA B 269 16.00 -17.26 34.45
N PRO B 270 15.18 -17.08 35.49
CA PRO B 270 14.86 -18.21 36.36
C PRO B 270 14.08 -19.28 35.61
N MET B 271 14.26 -20.52 36.06
CA MET B 271 13.56 -21.66 35.46
C MET B 271 12.11 -21.66 35.92
N ASP B 272 11.20 -21.81 34.98
CA ASP B 272 9.78 -21.94 35.28
C ASP B 272 9.12 -22.78 34.19
N GLU B 273 7.98 -23.35 34.52
CA GLU B 273 7.26 -24.26 33.63
C GLU B 273 5.93 -23.64 33.22
N CYS B 274 5.70 -23.56 31.93
CA CYS B 274 4.44 -23.09 31.35
C CYS B 274 4.48 -23.43 29.86
N ASP B 275 3.49 -22.92 29.13
CA ASP B 275 3.41 -23.11 27.68
C ASP B 275 3.59 -21.77 27.00
N ALA B 276 4.49 -21.73 26.01
CA ALA B 276 4.82 -20.50 25.29
C ALA B 276 4.83 -20.78 23.79
N LYS B 277 4.25 -19.85 23.03
CA LYS B 277 4.27 -19.99 21.58
C LYS B 277 5.69 -19.91 21.03
N CYS B 278 6.49 -18.97 21.54
CA CYS B 278 7.90 -18.90 21.22
C CYS B 278 8.63 -18.29 22.41
N GLN B 279 9.95 -18.39 22.38
CA GLN B 279 10.82 -17.96 23.46
C GLN B 279 11.51 -16.65 23.07
N THR B 280 12.39 -16.18 23.95
CA THR B 280 13.09 -14.93 23.76
C THR B 280 14.13 -14.85 24.84
N PRO B 281 15.34 -14.32 24.58
CA PRO B 281 16.36 -14.30 25.63
C PRO B 281 15.89 -13.63 26.92
N GLN B 282 15.09 -12.58 26.82
CA GLN B 282 14.49 -11.97 28.00
C GLN B 282 13.34 -12.79 28.58
N GLY B 283 12.66 -13.58 27.76
CA GLY B 283 11.50 -14.34 28.24
C GLY B 283 10.71 -14.98 27.13
N ALA B 284 9.39 -14.79 27.16
CA ALA B 284 8.51 -15.35 26.14
C ALA B 284 7.36 -14.38 25.91
N ILE B 285 6.70 -14.54 24.76
CA ILE B 285 5.59 -13.68 24.36
C ILE B 285 4.32 -14.53 24.27
N ASN B 286 3.19 -13.83 24.16
CA ASN B 286 1.87 -14.45 24.16
C ASN B 286 1.08 -13.97 22.94
N SER B 287 -0.12 -14.55 22.78
CA SER B 287 -1.04 -14.15 21.72
C SER B 287 -0.44 -14.39 20.34
N SER B 288 -1.17 -14.01 19.30
CA SER B 288 -0.77 -14.22 17.91
C SER B 288 -0.75 -12.91 17.15
N LEU B 289 -0.20 -11.87 17.77
CA LEU B 289 -0.05 -10.61 17.07
C LEU B 289 1.01 -10.76 15.98
N PRO B 290 0.97 -9.93 14.93
CA PRO B 290 1.88 -10.10 13.81
C PRO B 290 3.23 -9.42 13.94
N PHE B 291 3.46 -8.63 14.99
CA PHE B 291 4.73 -7.94 15.16
C PHE B 291 5.09 -7.92 16.64
N GLN B 292 6.38 -7.75 16.91
CA GLN B 292 6.87 -7.62 18.27
C GLN B 292 8.16 -6.83 18.26
N ASN B 293 8.42 -6.12 19.35
CA ASN B 293 9.60 -5.27 19.49
C ASN B 293 10.27 -5.51 20.83
N VAL B 294 10.36 -6.77 21.23
CA VAL B 294 10.96 -7.14 22.51
C VAL B 294 12.37 -7.69 22.33
N HIS B 295 12.62 -8.41 21.24
CA HIS B 295 13.95 -8.95 20.96
C HIS B 295 14.01 -9.45 19.52
N PRO B 296 15.12 -9.24 18.80
CA PRO B 296 15.26 -9.85 17.47
C PRO B 296 15.66 -11.31 17.47
N VAL B 297 15.66 -11.97 18.62
CA VAL B 297 16.01 -13.39 18.72
C VAL B 297 14.79 -14.13 19.26
N THR B 298 14.36 -15.17 18.54
CA THR B 298 13.17 -15.91 18.89
C THR B 298 13.37 -17.38 18.57
N ILE B 299 12.57 -18.22 19.22
CA ILE B 299 12.60 -19.67 19.04
C ILE B 299 11.15 -20.14 18.95
N GLY B 300 10.67 -20.39 17.73
CA GLY B 300 9.36 -20.93 17.50
C GLY B 300 8.62 -20.17 16.43
N GLU B 301 7.32 -20.43 16.34
CA GLU B 301 6.44 -19.78 15.36
C GLU B 301 5.85 -18.53 16.01
N CYS B 302 6.48 -17.38 15.75
CA CYS B 302 6.03 -16.13 16.32
C CYS B 302 6.68 -14.99 15.54
N PRO B 303 6.20 -13.74 15.69
CA PRO B 303 6.30 -12.79 14.59
C PRO B 303 7.66 -12.13 14.43
N LYS B 304 7.77 -11.31 13.39
CA LYS B 304 9.01 -10.63 13.03
C LYS B 304 9.30 -9.51 14.02
N TYR B 305 10.58 -9.14 14.09
CA TYR B 305 11.03 -8.05 14.94
C TYR B 305 10.81 -6.72 14.25
N VAL B 306 10.32 -5.74 14.99
CA VAL B 306 10.04 -4.41 14.47
C VAL B 306 10.69 -3.38 15.39
N ARG B 307 11.47 -2.47 14.79
CA ARG B 307 12.13 -1.43 15.57
C ARG B 307 11.16 -0.38 16.08
N SER B 308 10.00 -0.23 15.43
CA SER B 308 9.06 0.81 15.78
C SER B 308 8.64 0.71 17.25
N ALA B 309 8.04 1.80 17.74
CA ALA B 309 7.66 1.91 19.14
C ALA B 309 6.20 1.50 19.37
N LYS B 310 5.28 2.02 18.55
CA LYS B 310 3.87 1.68 18.68
C LYS B 310 3.19 1.87 17.34
N LEU B 311 2.14 1.09 17.10
CA LEU B 311 1.36 1.22 15.89
C LEU B 311 0.03 0.50 16.06
N ARG B 312 -1.06 1.20 15.77
CA ARG B 312 -2.41 0.68 15.94
C ARG B 312 -3.29 1.22 14.82
N MET B 313 -4.35 0.48 14.51
CA MET B 313 -5.43 0.99 13.70
C MET B 313 -6.64 1.26 14.58
N VAL B 314 -7.69 1.78 13.95
CA VAL B 314 -8.92 2.14 14.65
C VAL B 314 -10.07 1.36 14.06
N THR B 315 -11.14 1.27 14.83
CA THR B 315 -12.41 0.71 14.38
C THR B 315 -13.55 1.71 14.48
N GLY B 316 -13.60 2.50 15.56
CA GLY B 316 -14.61 3.51 15.74
C GLY B 316 -14.22 4.83 15.14
N LEU B 317 -14.93 5.88 15.57
CA LEU B 317 -14.75 7.22 15.05
C LEU B 317 -13.81 8.02 15.95
N ARG B 318 -13.48 9.23 15.50
CA ARG B 318 -12.69 10.14 16.32
C ARG B 318 -13.45 10.52 17.58
N ASN B 319 -12.75 10.46 18.72
CA ASN B 319 -13.37 10.72 20.02
C ASN B 319 -13.31 12.22 20.28
N ILE B 320 -14.44 12.88 20.09
CA ILE B 320 -14.58 14.31 20.39
C ILE B 320 -15.80 14.48 21.30
N PRO B 321 -15.64 14.39 22.63
CA PRO B 321 -16.83 14.42 23.50
C PRO B 321 -17.57 15.75 23.44
N SER B 322 -16.84 16.85 23.64
CA SER B 322 -17.44 18.17 23.61
C SER B 322 -16.36 19.20 23.30
N ILE B 323 -16.80 20.37 22.86
CA ILE B 323 -15.89 21.46 22.52
C ILE B 323 -15.69 22.36 23.73
N GLU C 1 -22.85 40.28 28.91
CA GLU C 1 -23.93 39.76 29.81
C GLU C 1 -25.25 39.66 29.06
N VAL C 2 -26.17 38.86 29.59
CA VAL C 2 -27.47 38.62 28.99
C VAL C 2 -28.54 39.07 29.99
N GLN C 3 -29.45 39.92 29.53
CA GLN C 3 -30.50 40.48 30.36
C GLN C 3 -31.85 40.25 29.68
N LEU C 4 -32.86 39.91 30.49
CA LEU C 4 -34.21 39.70 30.02
C LEU C 4 -35.16 40.60 30.82
N LEU C 5 -36.26 40.98 30.18
CA LEU C 5 -37.29 41.82 30.81
C LEU C 5 -38.64 41.15 30.63
N GLU C 6 -39.48 41.27 31.66
CA GLU C 6 -40.80 40.65 31.66
C GLU C 6 -41.84 41.64 32.14
N SER C 7 -43.06 41.49 31.64
CA SER C 7 -44.16 42.38 32.00
C SER C 7 -45.47 41.67 31.73
N GLY C 8 -46.54 42.23 32.29
CA GLY C 8 -47.89 41.71 32.09
C GLY C 8 -48.52 41.09 33.32
N GLY C 9 -47.86 41.14 34.47
CA GLY C 9 -48.44 40.56 35.67
C GLY C 9 -49.55 41.40 36.25
N GLY C 10 -50.31 40.79 37.15
CA GLY C 10 -51.40 41.48 37.79
C GLY C 10 -52.46 40.49 38.28
N LEU C 11 -53.70 40.97 38.31
CA LEU C 11 -54.85 40.18 38.74
C LEU C 11 -55.77 39.96 37.55
N VAL C 12 -56.08 38.70 37.27
CA VAL C 12 -56.98 38.32 36.18
C VAL C 12 -57.99 37.32 36.72
N ARG C 13 -59.26 37.55 36.43
CA ARG C 13 -60.32 36.67 36.88
C ARG C 13 -60.37 35.40 36.03
N PRO C 14 -61.00 34.34 36.52
CA PRO C 14 -61.17 33.14 35.68
C PRO C 14 -61.94 33.46 34.41
N GLY C 15 -61.56 32.81 33.32
CA GLY C 15 -62.20 33.00 32.04
C GLY C 15 -61.62 34.12 31.20
N GLY C 16 -60.69 34.91 31.74
CA GLY C 16 -60.06 35.98 30.99
C GLY C 16 -58.84 35.49 30.24
N SER C 17 -58.13 36.46 29.63
CA SER C 17 -56.92 36.20 28.88
C SER C 17 -55.84 37.17 29.32
N LEU C 18 -54.59 36.71 29.26
CA LEU C 18 -53.44 37.51 29.68
C LEU C 18 -52.30 37.31 28.70
N ARG C 19 -51.51 38.37 28.51
CA ARG C 19 -50.37 38.36 27.62
C ARG C 19 -49.14 38.82 28.39
N LEU C 20 -48.12 37.97 28.46
CA LEU C 20 -46.87 38.28 29.15
C LEU C 20 -45.78 38.44 28.11
N SER C 21 -45.21 39.64 28.03
CA SER C 21 -44.14 39.94 27.08
C SER C 21 -42.79 39.68 27.75
N CYS C 22 -41.93 38.94 27.07
CA CYS C 22 -40.62 38.55 27.58
C CYS C 22 -39.57 38.97 26.56
N LYS C 23 -38.97 40.13 26.75
CA LYS C 23 -37.97 40.63 25.82
C LYS C 23 -36.63 39.93 26.04
N ALA C 24 -35.84 39.86 24.97
CA ALA C 24 -34.54 39.19 24.99
C ALA C 24 -33.48 40.13 24.42
N SER C 25 -32.32 40.14 25.06
CA SER C 25 -31.20 40.94 24.60
C SER C 25 -29.90 40.32 25.12
N GLY C 26 -28.81 40.66 24.44
CA GLY C 26 -27.49 40.19 24.83
C GLY C 26 -27.07 38.87 24.22
N PHE C 27 -27.94 38.22 23.44
CA PHE C 27 -27.60 36.96 22.81
C PHE C 27 -28.43 36.80 21.54
N SER C 28 -27.97 35.92 20.65
CA SER C 28 -28.63 35.68 19.38
C SER C 28 -29.95 34.96 19.63
N PHE C 29 -31.05 35.70 19.54
CA PHE C 29 -32.37 35.12 19.76
C PHE C 29 -32.80 34.25 18.59
N SER C 30 -32.33 34.55 17.38
CA SER C 30 -32.76 33.81 16.20
C SER C 30 -32.38 32.34 16.29
N ARG C 31 -31.16 32.06 16.75
CA ARG C 31 -30.63 30.70 16.78
C ARG C 31 -30.83 30.00 18.12
N HIS C 32 -31.43 30.67 19.09
CA HIS C 32 -31.67 30.10 20.41
C HIS C 32 -33.17 30.01 20.67
N GLY C 33 -33.56 29.01 21.46
CA GLY C 33 -34.94 28.82 21.85
C GLY C 33 -35.29 29.60 23.11
N LEU C 34 -36.50 29.34 23.59
CA LEU C 34 -36.97 29.91 24.84
C LEU C 34 -38.04 29.00 25.42
N SER C 35 -38.32 29.18 26.71
CA SER C 35 -39.28 28.35 27.41
C SER C 35 -39.80 29.11 28.62
N TRP C 36 -40.78 28.52 29.30
CA TRP C 36 -41.43 29.14 30.44
C TRP C 36 -41.52 28.13 31.58
N VAL C 37 -41.38 28.62 32.81
CA VAL C 37 -41.49 27.81 34.01
C VAL C 37 -42.39 28.55 35.00
N ARG C 38 -43.05 27.79 35.86
CA ARG C 38 -44.04 28.33 36.78
C ARG C 38 -43.80 27.73 38.15
N GLN C 39 -43.82 28.58 39.18
CA GLN C 39 -43.58 28.17 40.57
C GLN C 39 -44.75 28.61 41.43
N ALA C 40 -45.53 27.64 41.90
CA ALA C 40 -46.59 27.95 42.84
C ALA C 40 -45.99 28.33 44.19
N PRO C 41 -46.73 29.07 45.02
CA PRO C 41 -46.17 29.46 46.33
C PRO C 41 -45.92 28.26 47.23
N GLY C 42 -44.66 28.03 47.57
CA GLY C 42 -44.27 26.97 48.48
C GLY C 42 -43.88 25.67 47.82
N LYS C 43 -44.24 25.44 46.56
CA LYS C 43 -43.99 24.19 45.86
C LYS C 43 -42.87 24.38 44.85
N GLY C 44 -42.53 23.29 44.16
CA GLY C 44 -41.45 23.31 43.19
C GLY C 44 -41.88 23.85 41.83
N LEU C 45 -40.89 24.07 40.98
CA LEU C 45 -41.13 24.58 39.65
C LEU C 45 -41.78 23.51 38.77
N GLU C 46 -42.69 23.95 37.90
CA GLU C 46 -43.42 23.07 36.99
C GLU C 46 -43.38 23.69 35.60
N TRP C 47 -42.53 23.15 34.74
CA TRP C 47 -42.36 23.69 33.40
C TRP C 47 -43.67 23.58 32.62
N VAL C 48 -43.93 24.58 31.77
CA VAL C 48 -45.21 24.70 31.08
C VAL C 48 -45.05 24.60 29.56
N SER C 49 -44.06 25.31 29.00
CA SER C 49 -43.96 25.41 27.55
C SER C 49 -42.52 25.70 27.14
N SER C 50 -42.13 25.15 25.99
CA SER C 50 -40.82 25.44 25.39
C SER C 50 -40.98 25.46 23.88
N ILE C 51 -40.33 26.44 23.23
CA ILE C 51 -40.46 26.64 21.80
C ILE C 51 -39.06 26.85 21.22
N SER C 52 -38.76 26.14 20.14
CA SER C 52 -37.45 26.22 19.51
C SER C 52 -37.43 27.41 18.55
N GLY C 53 -36.39 27.47 17.70
CA GLY C 53 -36.24 28.60 16.81
C GLY C 53 -37.31 28.64 15.73
N SER C 54 -37.55 29.86 15.25
CA SER C 54 -38.38 30.15 14.08
C SER C 54 -39.81 29.66 14.20
N SER C 55 -40.30 29.41 15.42
CA SER C 55 -41.71 29.12 15.67
C SER C 55 -42.23 27.96 14.81
N LEU C 56 -41.48 26.86 14.82
CA LEU C 56 -41.89 25.63 14.16
C LEU C 56 -41.99 24.44 15.10
N SER C 57 -41.51 24.55 16.33
CA SER C 57 -41.54 23.47 17.31
C SER C 57 -42.17 24.00 18.58
N ARG C 58 -43.37 23.49 18.91
CA ARG C 58 -44.10 23.93 20.09
C ARG C 58 -44.47 22.70 20.92
N TYR C 59 -44.23 22.80 22.24
CA TYR C 59 -44.62 21.74 23.16
C TYR C 59 -45.21 22.38 24.42
N TYR C 60 -46.19 21.70 24.99
CA TYR C 60 -46.91 22.21 26.15
C TYR C 60 -47.02 21.11 27.20
N ALA C 61 -47.00 21.53 28.47
CA ALA C 61 -47.19 20.58 29.55
C ALA C 61 -48.63 20.07 29.54
N ASP C 62 -48.78 18.79 29.92
CA ASP C 62 -50.10 18.17 29.89
C ASP C 62 -51.12 18.89 30.75
N SER C 63 -50.68 19.61 31.79
CA SER C 63 -51.62 20.27 32.68
C SER C 63 -52.45 21.32 31.96
N VAL C 64 -51.81 22.10 31.07
CA VAL C 64 -52.47 23.18 30.36
C VAL C 64 -52.54 22.91 28.86
N LYS C 65 -52.37 21.67 28.44
CA LYS C 65 -52.32 21.36 27.02
C LYS C 65 -53.67 21.66 26.36
N GLY C 66 -53.60 22.24 25.16
CA GLY C 66 -54.79 22.55 24.39
C GLY C 66 -55.48 23.85 24.75
N ARG C 67 -54.93 24.63 25.69
CA ARG C 67 -55.53 25.90 26.08
C ARG C 67 -54.48 27.00 26.29
N PHE C 68 -53.25 26.79 25.84
CA PHE C 68 -52.22 27.81 25.86
C PHE C 68 -51.66 27.96 24.45
N THR C 69 -51.11 29.14 24.16
CA THR C 69 -50.52 29.42 22.86
C THR C 69 -49.33 30.34 23.04
N ILE C 70 -48.26 30.08 22.29
CA ILE C 70 -47.02 30.82 22.38
C ILE C 70 -46.59 31.24 20.99
N SER C 71 -46.09 32.47 20.86
CA SER C 71 -45.57 32.98 19.61
C SER C 71 -44.32 33.81 19.91
N ARG C 72 -43.50 34.00 18.88
CA ARG C 72 -42.26 34.75 18.99
C ARG C 72 -42.11 35.70 17.81
N ASP C 73 -41.46 36.83 18.07
CA ASP C 73 -41.17 37.85 17.07
C ASP C 73 -39.67 38.07 17.02
N ASN C 74 -39.08 37.86 15.84
CA ASN C 74 -37.64 38.04 15.69
C ASN C 74 -37.25 39.51 15.63
N SER C 75 -38.04 40.34 14.96
CA SER C 75 -37.69 41.75 14.82
C SER C 75 -37.63 42.44 16.17
N GLN C 76 -38.63 42.19 17.03
CA GLN C 76 -38.70 42.80 18.35
C GLN C 76 -38.07 41.93 19.43
N ASN C 77 -37.41 40.82 19.05
CA ASN C 77 -36.72 39.89 19.94
C ASN C 77 -37.42 39.71 21.28
N THR C 78 -38.74 39.47 21.23
CA THR C 78 -39.55 39.29 22.43
C THR C 78 -40.43 38.06 22.24
N LEU C 79 -40.80 37.47 23.37
CA LEU C 79 -41.65 36.29 23.41
C LEU C 79 -42.93 36.61 24.17
N TYR C 80 -44.03 36.01 23.73
CA TYR C 80 -45.34 36.22 24.33
C TYR C 80 -45.84 34.93 24.97
N LEU C 81 -46.81 35.07 25.87
CA LEU C 81 -47.47 33.94 26.51
C LEU C 81 -48.97 34.20 26.42
N GLN C 82 -49.61 33.68 25.37
CA GLN C 82 -51.04 33.81 25.20
C GLN C 82 -51.73 32.64 25.89
N MET C 83 -52.84 32.93 26.57
CA MET C 83 -53.53 31.93 27.36
C MET C 83 -54.92 32.43 27.69
N ASN C 84 -55.76 31.52 28.17
CA ASN C 84 -57.12 31.84 28.59
C ASN C 84 -57.58 30.77 29.56
N SER C 85 -58.79 30.96 30.11
CA SER C 85 -59.38 30.02 31.07
C SER C 85 -58.49 29.86 32.30
N LEU C 86 -58.35 30.97 33.02
CA LEU C 86 -57.54 30.98 34.23
C LEU C 86 -58.10 30.02 35.27
N ARG C 87 -57.19 29.39 36.01
CA ARG C 87 -57.53 28.48 37.10
C ARG C 87 -57.37 29.19 38.43
N VAL C 88 -57.84 28.52 39.49
CA VAL C 88 -57.64 29.03 40.85
C VAL C 88 -56.32 28.56 41.45
N GLU C 89 -55.74 27.48 40.92
CA GLU C 89 -54.45 26.98 41.38
C GLU C 89 -53.28 27.53 40.56
N ASP C 90 -53.55 28.45 39.62
CA ASP C 90 -52.53 28.97 38.72
C ASP C 90 -51.87 30.23 39.26
N THR C 91 -52.05 30.55 40.53
CA THR C 91 -51.42 31.73 41.12
C THR C 91 -49.95 31.43 41.33
N ALA C 92 -49.11 31.81 40.37
CA ALA C 92 -47.71 31.44 40.42
C ALA C 92 -46.88 32.44 39.62
N VAL C 93 -45.62 32.55 39.99
CA VAL C 93 -44.65 33.35 39.25
C VAL C 93 -44.31 32.64 37.95
N PHE C 94 -44.03 33.41 36.91
CA PHE C 94 -43.72 32.88 35.58
C PHE C 94 -42.40 33.48 35.12
N TYR C 95 -41.35 32.67 35.13
CA TYR C 95 -40.01 33.11 34.76
C TYR C 95 -39.75 32.84 33.29
N CYS C 96 -38.65 33.42 32.79
CA CYS C 96 -38.20 33.22 31.42
C CYS C 96 -36.87 32.48 31.46
N VAL C 97 -36.71 31.50 30.58
CA VAL C 97 -35.52 30.66 30.53
C VAL C 97 -35.09 30.50 29.09
N LYS C 98 -33.77 30.49 28.88
CA LYS C 98 -33.19 30.40 27.55
C LYS C 98 -32.75 28.97 27.27
N ASP C 99 -33.30 28.38 26.21
CA ASP C 99 -32.84 27.08 25.77
C ASP C 99 -31.40 27.16 25.29
N ARG C 100 -30.69 26.03 25.36
CA ARG C 100 -29.28 26.02 25.02
C ARG C 100 -29.05 26.49 23.59
N LEU C 101 -29.54 25.72 22.61
CA LEU C 101 -29.35 26.05 21.21
C LEU C 101 -30.38 25.28 20.40
N ASP C 102 -30.54 25.68 19.15
CA ASP C 102 -31.53 25.05 18.28
C ASP C 102 -30.93 23.85 17.56
N THR C 103 -29.80 24.04 16.90
CA THR C 103 -29.18 22.97 16.11
C THR C 103 -28.40 21.98 16.97
N ALA C 104 -28.11 22.30 18.22
CA ALA C 104 -27.34 21.40 19.05
C ALA C 104 -28.18 20.17 19.41
N VAL C 105 -27.59 19.30 20.24
CA VAL C 105 -28.29 18.12 20.72
C VAL C 105 -27.85 18.12 22.19
N PRO C 106 -28.23 17.16 23.02
CA PRO C 106 -28.62 17.51 24.39
C PRO C 106 -29.21 18.91 24.52
N ARG C 107 -30.53 19.00 24.68
CA ARG C 107 -31.21 20.27 24.93
C ARG C 107 -32.08 20.15 26.17
N GLY C 108 -32.20 21.26 26.90
CA GLY C 108 -33.11 21.32 28.02
C GLY C 108 -32.65 22.13 29.21
N TRP C 109 -31.34 22.23 29.43
CA TRP C 109 -30.83 22.99 30.57
C TRP C 109 -30.88 24.48 30.28
N PHE C 110 -31.21 25.26 31.30
CA PHE C 110 -31.40 26.69 31.18
C PHE C 110 -30.23 27.42 31.83
N ASP C 111 -29.66 28.38 31.10
CA ASP C 111 -28.53 29.18 31.58
C ASP C 111 -29.00 30.48 32.23
N SER C 112 -29.71 31.31 31.46
CA SER C 112 -30.13 32.63 31.92
C SER C 112 -31.54 32.57 32.47
N TRP C 113 -31.76 33.23 33.60
CA TRP C 113 -33.05 33.29 34.26
C TRP C 113 -33.41 34.73 34.56
N GLY C 114 -34.59 35.16 34.10
CA GLY C 114 -35.07 36.48 34.43
C GLY C 114 -35.72 36.51 35.81
N GLN C 115 -36.15 37.71 36.19
CA GLN C 115 -36.81 37.86 37.49
C GLN C 115 -38.17 37.18 37.49
N GLY C 116 -38.91 37.31 36.39
CA GLY C 116 -40.28 36.82 36.33
C GLY C 116 -41.26 37.86 36.81
N ILE C 117 -42.53 37.46 36.87
CA ILE C 117 -43.61 38.34 37.28
C ILE C 117 -44.73 37.48 37.87
N LEU C 118 -45.61 38.14 38.61
CA LEU C 118 -46.65 37.47 39.38
C LEU C 118 -47.99 37.61 38.69
N VAL C 119 -48.70 36.50 38.53
CA VAL C 119 -50.06 36.47 38.00
C VAL C 119 -50.94 35.75 39.01
N THR C 120 -52.04 36.39 39.39
CA THR C 120 -52.93 35.90 40.43
C THR C 120 -54.34 35.76 39.86
N VAL C 121 -55.26 35.33 40.72
CA VAL C 121 -56.67 35.18 40.34
C VAL C 121 -57.53 35.52 41.55
N SER C 122 -58.79 35.83 41.27
CA SER C 122 -59.75 36.18 42.30
C SER C 122 -61.13 35.66 41.91
N SER C 123 -61.98 35.49 42.92
CA SER C 123 -63.34 35.01 42.69
C SER C 123 -64.20 36.12 42.09
N GLU D 1 -45.12 10.46 32.67
CA GLU D 1 -43.87 11.26 32.54
C GLU D 1 -42.77 10.69 33.43
N ILE D 2 -41.56 11.21 33.27
CA ILE D 2 -40.45 10.82 34.11
C ILE D 2 -40.63 11.44 35.49
N VAL D 3 -40.76 10.60 36.50
CA VAL D 3 -41.00 11.03 37.87
C VAL D 3 -39.66 11.10 38.59
N MET D 4 -39.45 12.19 39.32
CA MET D 4 -38.22 12.40 40.08
C MET D 4 -38.59 12.84 41.49
N THR D 5 -37.72 12.53 42.45
CA THR D 5 -37.97 12.90 43.84
C THR D 5 -36.65 12.99 44.58
N GLN D 6 -36.65 13.78 45.66
CA GLN D 6 -35.49 13.95 46.53
C GLN D 6 -35.91 13.61 47.96
N SER D 7 -34.97 13.12 48.76
CA SER D 7 -35.29 12.77 50.13
C SER D 7 -34.02 12.61 50.92
N PRO D 8 -34.01 12.91 52.24
CA PRO D 8 -35.00 13.64 53.02
C PRO D 8 -35.23 15.07 52.51
N ALA D 9 -36.09 15.82 53.22
CA ALA D 9 -36.45 17.17 52.81
C ALA D 9 -35.71 18.24 53.59
N THR D 10 -35.82 18.22 54.92
CA THR D 10 -35.27 19.25 55.77
C THR D 10 -34.01 18.72 56.48
N LEU D 11 -32.94 19.49 56.43
CA LEU D 11 -31.68 19.12 57.08
C LEU D 11 -30.93 20.38 57.47
N SER D 12 -30.34 20.35 58.67
CA SER D 12 -29.52 21.44 59.18
C SER D 12 -28.13 20.90 59.48
N VAL D 13 -27.10 21.59 58.97
CA VAL D 13 -25.72 21.18 59.15
C VAL D 13 -24.88 22.40 59.47
N SER D 14 -23.85 22.19 60.29
CA SER D 14 -22.95 23.27 60.63
C SER D 14 -22.20 23.74 59.37
N PRO D 15 -21.90 25.03 59.24
CA PRO D 15 -21.21 25.50 58.03
C PRO D 15 -19.83 24.88 57.90
N GLY D 16 -19.43 24.65 56.65
CA GLY D 16 -18.11 24.11 56.35
C GLY D 16 -18.04 22.60 56.33
N ASP D 17 -19.10 21.90 56.73
CA ASP D 17 -19.10 20.45 56.76
C ASP D 17 -19.51 19.90 55.40
N ARG D 18 -19.82 18.61 55.35
CA ARG D 18 -20.25 17.94 54.13
C ARG D 18 -21.68 17.47 54.31
N ALA D 19 -22.53 17.76 53.32
CA ALA D 19 -23.93 17.35 53.34
C ALA D 19 -24.36 17.03 51.92
N THR D 20 -24.80 15.80 51.70
CA THR D 20 -25.20 15.31 50.39
C THR D 20 -26.64 14.81 50.44
N LEU D 21 -27.43 15.20 49.46
CA LEU D 21 -28.82 14.78 49.35
C LEU D 21 -29.10 14.36 47.91
N SER D 22 -29.46 13.10 47.72
CA SER D 22 -29.61 12.50 46.40
C SER D 22 -31.07 12.50 45.99
N CYS D 23 -31.32 12.73 44.70
CA CYS D 23 -32.66 12.67 44.14
C CYS D 23 -32.77 11.48 43.19
N ARG D 24 -33.76 10.62 43.44
CA ARG D 24 -33.96 9.42 42.66
C ARG D 24 -34.42 9.79 41.24
N ALA D 25 -34.50 8.78 40.39
CA ALA D 25 -34.89 8.99 39.01
C ALA D 25 -35.49 7.70 38.44
N SER D 26 -36.70 7.80 37.90
CA SER D 26 -37.28 6.70 37.15
C SER D 26 -36.56 6.58 35.80
N GLN D 27 -36.62 5.38 35.24
CA GLN D 27 -35.91 5.07 33.98
C GLN D 27 -34.42 5.25 34.27
N SER D 28 -33.64 5.82 33.34
CA SER D 28 -32.20 5.94 33.52
C SER D 28 -31.72 7.38 33.28
N VAL D 29 -32.31 8.05 32.30
CA VAL D 29 -31.95 9.40 31.87
C VAL D 29 -30.45 9.59 31.73
N SER D 30 -29.72 8.50 31.43
CA SER D 30 -28.28 8.53 31.20
C SER D 30 -27.55 9.47 32.16
N THR D 31 -26.59 10.25 31.68
CA THR D 31 -25.90 11.24 32.48
C THR D 31 -26.45 12.65 32.28
N GLU D 32 -27.58 12.78 31.58
CA GLU D 32 -28.15 14.09 31.26
C GLU D 32 -29.02 14.53 32.42
N LEU D 33 -28.54 15.51 33.18
CA LEU D 33 -29.23 15.98 34.37
C LEU D 33 -28.69 17.35 34.74
N ALA D 34 -29.54 18.16 35.36
CA ALA D 34 -29.17 19.51 35.77
C ALA D 34 -29.54 19.72 37.23
N TRP D 35 -28.73 20.51 37.93
CA TRP D 35 -28.97 20.87 39.32
C TRP D 35 -29.01 22.39 39.43
N TYR D 36 -30.03 22.91 40.11
CA TYR D 36 -30.28 24.34 40.17
C TYR D 36 -30.25 24.82 41.61
N GLN D 37 -29.75 26.04 41.80
CA GLN D 37 -29.79 26.73 43.08
C GLN D 37 -31.01 27.65 43.10
N GLN D 38 -31.46 27.97 44.32
CA GLN D 38 -32.49 29.00 44.48
C GLN D 38 -32.31 29.60 45.87
N LYS D 39 -31.64 30.75 45.93
CA LYS D 39 -31.48 31.44 47.19
C LYS D 39 -32.78 32.18 47.53
N PRO D 40 -33.08 32.37 48.82
CA PRO D 40 -34.34 33.03 49.16
C PRO D 40 -34.37 34.49 48.77
N GLY D 41 -35.14 34.82 47.72
CA GLY D 41 -35.32 36.21 47.33
C GLY D 41 -35.31 36.47 45.84
N GLN D 42 -34.65 35.62 45.06
CA GLN D 42 -34.49 35.86 43.63
C GLN D 42 -34.70 34.57 42.87
N ALA D 43 -34.53 34.65 41.55
CA ALA D 43 -34.83 33.52 40.69
C ALA D 43 -33.74 32.45 40.78
N PRO D 44 -34.04 31.22 40.35
CA PRO D 44 -33.01 30.18 40.36
C PRO D 44 -31.92 30.44 39.32
N ARG D 45 -30.77 29.81 39.55
CA ARG D 45 -29.64 29.82 38.64
C ARG D 45 -29.22 28.38 38.36
N LEU D 46 -28.15 28.22 37.58
CA LEU D 46 -27.68 26.92 37.14
C LEU D 46 -26.30 26.65 37.74
N LEU D 47 -26.07 25.40 38.15
CA LEU D 47 -24.77 24.97 38.66
C LEU D 47 -24.11 23.93 37.77
N ILE D 48 -24.76 22.79 37.55
CA ILE D 48 -24.14 21.65 36.89
C ILE D 48 -25.06 21.21 35.75
N TYR D 49 -24.55 21.26 34.52
CA TYR D 49 -25.26 20.75 33.36
C TYR D 49 -24.54 19.52 32.84
N GLY D 50 -25.28 18.45 32.63
CA GLY D 50 -24.69 17.17 32.27
C GLY D 50 -24.22 16.35 33.44
N ALA D 51 -24.38 16.84 34.67
CA ALA D 51 -23.96 16.12 35.88
C ALA D 51 -22.46 15.87 35.91
N SER D 52 -21.68 16.67 35.17
CA SER D 52 -20.23 16.49 35.15
C SER D 52 -19.44 17.79 35.17
N THR D 53 -20.04 18.95 34.88
CA THR D 53 -19.29 20.19 34.74
C THR D 53 -20.09 21.35 35.32
N ARG D 54 -19.37 22.37 35.77
CA ARG D 54 -19.99 23.55 36.33
C ARG D 54 -20.32 24.55 35.23
N ALA D 55 -21.12 25.55 35.58
CA ALA D 55 -21.50 26.60 34.65
C ALA D 55 -20.43 27.69 34.67
N THR D 56 -20.71 28.83 34.03
CA THR D 56 -19.77 29.93 33.98
C THR D 56 -19.82 30.72 35.28
N ASP D 57 -18.65 31.02 35.84
CA ASP D 57 -18.53 31.80 37.07
C ASP D 57 -19.30 31.14 38.21
N ILE D 58 -18.85 29.94 38.57
CA ILE D 58 -19.45 29.15 39.63
C ILE D 58 -18.35 28.73 40.59
N PRO D 59 -18.49 28.92 41.90
CA PRO D 59 -17.51 28.35 42.83
C PRO D 59 -17.44 26.83 42.68
N ALA D 60 -16.23 26.30 42.79
CA ALA D 60 -15.97 24.89 42.48
C ALA D 60 -16.16 23.97 43.69
N ARG D 61 -16.62 24.49 44.82
CA ARG D 61 -16.77 23.65 46.00
C ARG D 61 -17.86 22.60 45.83
N PHE D 62 -18.72 22.72 44.82
CA PHE D 62 -19.74 21.72 44.55
C PHE D 62 -19.15 20.54 43.78
N SER D 63 -19.93 19.47 43.68
CA SER D 63 -19.51 18.25 43.02
C SER D 63 -20.69 17.59 42.32
N GLY D 64 -20.57 17.42 41.01
CA GLY D 64 -21.58 16.73 40.23
C GLY D 64 -21.19 15.30 39.95
N SER D 65 -21.88 14.35 40.58
CA SER D 65 -21.52 12.94 40.48
C SER D 65 -22.79 12.10 40.37
N GLY D 66 -22.64 10.92 39.75
CA GLY D 66 -23.73 9.98 39.62
C GLY D 66 -23.93 9.50 38.20
N SER D 67 -24.65 8.39 38.05
CA SER D 67 -24.95 7.85 36.73
C SER D 67 -26.26 7.07 36.81
N GLY D 68 -27.01 7.07 35.71
CA GLY D 68 -28.26 6.34 35.68
C GLY D 68 -29.24 6.84 36.72
N THR D 69 -29.84 5.90 37.47
CA THR D 69 -30.83 6.28 38.46
C THR D 69 -30.17 6.88 39.69
N GLU D 70 -29.05 6.32 40.13
CA GLU D 70 -28.36 6.79 41.33
C GLU D 70 -27.66 8.11 40.99
N PHE D 71 -28.23 9.21 41.44
CA PHE D 71 -27.70 10.55 41.21
C PHE D 71 -27.59 11.25 42.54
N THR D 72 -26.40 11.78 42.83
CA THR D 72 -26.09 12.39 44.12
C THR D 72 -25.42 13.73 43.91
N LEU D 73 -25.51 14.57 44.94
CA LEU D 73 -24.83 15.86 44.97
C LEU D 73 -24.11 15.98 46.30
N THR D 74 -22.85 16.44 46.26
CA THR D 74 -22.05 16.64 47.46
C THR D 74 -21.31 17.96 47.35
N ILE D 75 -21.14 18.62 48.49
CA ILE D 75 -20.47 19.92 48.57
C ILE D 75 -19.28 19.78 49.50
N SER D 76 -18.11 20.22 49.03
CA SER D 76 -16.91 20.12 49.84
C SER D 76 -17.03 20.94 51.12
N SER D 77 -17.42 22.20 51.00
CA SER D 77 -17.58 23.09 52.14
C SER D 77 -18.87 23.87 51.98
N LEU D 78 -19.49 24.21 53.12
CA LEU D 78 -20.75 24.91 53.16
C LEU D 78 -20.55 26.26 53.83
N GLN D 79 -21.06 27.31 53.20
CA GLN D 79 -21.06 28.67 53.73
C GLN D 79 -22.49 29.10 54.02
N SER D 80 -22.64 30.29 54.59
CA SER D 80 -23.97 30.83 54.86
C SER D 80 -24.74 31.10 53.58
N GLU D 81 -24.04 31.26 52.45
CA GLU D 81 -24.70 31.48 51.13
C GLU D 81 -25.30 30.17 50.63
N ASP D 82 -24.68 29.03 50.91
CA ASP D 82 -25.12 27.76 50.36
C ASP D 82 -26.47 27.31 50.90
N PHE D 83 -26.93 27.87 52.01
CA PHE D 83 -28.20 27.46 52.60
C PHE D 83 -29.33 27.96 51.71
N ALA D 84 -29.79 27.10 50.80
CA ALA D 84 -30.79 27.47 49.80
C ALA D 84 -31.65 26.25 49.53
N VAL D 85 -32.48 26.34 48.49
CA VAL D 85 -33.37 25.27 48.07
C VAL D 85 -32.83 24.67 46.78
N TYR D 86 -32.73 23.34 46.74
CA TYR D 86 -32.05 22.65 45.66
C TYR D 86 -33.07 21.98 44.76
N PHE D 87 -32.88 22.10 43.45
CA PHE D 87 -33.71 21.41 42.46
C PHE D 87 -32.81 20.60 41.53
N CYS D 88 -33.25 19.38 41.22
CA CYS D 88 -32.56 18.52 40.27
C CYS D 88 -33.51 18.23 39.11
N GLN D 89 -33.00 18.37 37.89
CA GLN D 89 -33.80 18.28 36.68
C GLN D 89 -33.22 17.22 35.76
N GLN D 90 -34.11 16.52 35.06
CA GLN D 90 -33.73 15.56 34.03
C GLN D 90 -34.25 16.05 32.68
N TYR D 91 -33.45 15.83 31.64
CA TYR D 91 -33.84 16.28 30.31
C TYR D 91 -33.47 15.26 29.22
N ASN D 92 -33.34 13.98 29.57
CA ASN D 92 -33.13 12.98 28.54
C ASN D 92 -34.37 12.82 27.68
N ASN D 93 -35.53 12.67 28.31
CA ASN D 93 -36.83 12.64 27.63
C ASN D 93 -37.48 13.99 27.83
N TRP D 94 -37.67 14.73 26.74
CA TRP D 94 -38.04 16.14 26.83
C TRP D 94 -39.29 16.49 26.02
N PRO D 95 -40.38 15.72 26.05
CA PRO D 95 -41.69 16.34 25.89
C PRO D 95 -42.09 17.07 27.16
N PRO D 96 -42.04 16.40 28.34
CA PRO D 96 -42.17 17.14 29.60
C PRO D 96 -40.82 17.44 30.22
N ILE D 97 -40.80 18.34 31.21
CA ILE D 97 -39.69 18.46 32.14
C ILE D 97 -40.26 18.34 33.54
N THR D 98 -39.52 17.66 34.42
CA THR D 98 -39.97 17.44 35.79
C THR D 98 -38.88 17.83 36.77
N PHE D 99 -39.23 18.70 37.71
CA PHE D 99 -38.33 19.14 38.77
C PHE D 99 -38.52 18.25 40.00
N GLY D 100 -37.67 18.47 41.00
CA GLY D 100 -37.85 17.84 42.29
C GLY D 100 -38.78 18.66 43.17
N GLN D 101 -38.91 18.20 44.42
CA GLN D 101 -39.77 18.88 45.38
C GLN D 101 -39.04 19.90 46.23
N GLY D 102 -37.72 20.04 46.08
CA GLY D 102 -36.99 21.04 46.81
C GLY D 102 -36.57 20.61 48.20
N THR D 103 -35.31 20.82 48.54
CA THR D 103 -34.76 20.50 49.84
C THR D 103 -34.16 21.76 50.46
N ARG D 104 -34.62 22.11 51.65
CA ARG D 104 -34.24 23.35 52.32
C ARG D 104 -33.21 23.07 53.40
N LEU D 105 -32.15 23.88 53.43
CA LEU D 105 -31.11 23.80 54.45
C LEU D 105 -31.01 25.13 55.17
N GLU D 106 -30.88 25.08 56.49
CA GLU D 106 -30.91 26.29 57.31
C GLU D 106 -30.08 26.09 58.57
N ILE D 107 -29.76 27.21 59.22
CA ILE D 107 -29.12 27.21 60.52
C ILE D 107 -29.67 28.37 61.33
N LYS D 108 -29.65 28.21 62.65
CA LYS D 108 -30.17 29.22 63.56
C LYS D 108 -31.61 29.59 63.23
N GLY E 1 -7.95 13.14 -25.25
CA GLY E 1 -8.02 14.38 -24.43
C GLY E 1 -7.83 14.12 -22.96
N LEU E 2 -6.75 14.69 -22.39
CA LEU E 2 -6.48 14.49 -20.97
C LEU E 2 -7.58 15.08 -20.10
N PHE E 3 -8.07 16.28 -20.44
CA PHE E 3 -9.15 16.87 -19.67
C PHE E 3 -10.42 16.03 -19.72
N GLY E 4 -10.66 15.35 -20.84
CA GLY E 4 -11.80 14.47 -20.93
C GLY E 4 -11.72 13.27 -20.00
N ALA E 5 -10.51 12.74 -19.80
CA ALA E 5 -10.35 11.59 -18.93
C ALA E 5 -10.73 11.92 -17.49
N ILE E 6 -10.22 13.03 -16.96
CA ILE E 6 -10.57 13.43 -15.60
C ILE E 6 -12.03 13.85 -15.52
N ALA E 7 -12.51 14.58 -16.54
CA ALA E 7 -13.90 15.03 -16.60
C ALA E 7 -14.27 15.84 -15.35
N GLY E 8 -13.35 16.70 -14.92
CA GLY E 8 -13.59 17.52 -13.75
C GLY E 8 -14.66 18.57 -14.01
N PHE E 9 -15.35 18.95 -12.92
CA PHE E 9 -16.40 19.95 -13.00
C PHE E 9 -15.86 21.37 -13.15
N ILE E 10 -14.57 21.58 -12.98
CA ILE E 10 -13.95 22.90 -13.07
C ILE E 10 -12.96 22.89 -14.22
N GLU E 11 -12.66 24.09 -14.71
CA GLU E 11 -11.77 24.26 -15.85
C GLU E 11 -10.32 24.16 -15.39
N GLY E 12 -9.38 24.52 -16.26
CA GLY E 12 -7.97 24.30 -16.01
C GLY E 12 -7.41 25.05 -14.82
N GLY E 13 -8.11 26.07 -14.35
CA GLY E 13 -7.66 26.87 -13.23
C GLY E 13 -7.07 28.19 -13.70
N TRP E 14 -6.72 29.02 -12.72
CA TRP E 14 -6.24 30.37 -12.97
C TRP E 14 -4.76 30.47 -12.63
N THR E 15 -4.17 31.59 -13.03
CA THR E 15 -2.80 31.93 -12.70
C THR E 15 -2.65 33.29 -12.04
N GLY E 16 -3.70 34.11 -12.04
CA GLY E 16 -3.58 35.42 -11.42
C GLY E 16 -3.37 35.35 -9.93
N MET E 17 -4.13 34.50 -9.24
CA MET E 17 -3.98 34.37 -7.79
C MET E 17 -2.64 33.71 -7.47
N VAL E 18 -2.03 34.15 -6.37
CA VAL E 18 -0.75 33.60 -5.94
C VAL E 18 -0.70 33.24 -4.47
N ASP E 19 -1.65 33.69 -3.64
CA ASP E 19 -1.57 33.55 -2.18
C ASP E 19 -2.40 32.39 -1.66
N GLY E 20 -2.48 31.30 -2.42
CA GLY E 20 -3.21 30.13 -1.95
C GLY E 20 -3.30 29.08 -3.02
N TRP E 21 -4.07 28.03 -2.71
CA TRP E 21 -4.32 26.93 -3.64
C TRP E 21 -5.76 26.85 -4.10
N TYR E 22 -6.71 27.28 -3.27
CA TYR E 22 -8.11 27.39 -3.66
C TYR E 22 -8.59 28.77 -3.27
N GLY E 23 -9.37 29.39 -4.16
CA GLY E 23 -9.81 30.75 -3.92
C GLY E 23 -11.09 31.12 -4.63
N TYR E 24 -11.40 32.41 -4.68
CA TYR E 24 -12.61 32.93 -5.30
C TYR E 24 -12.27 34.13 -6.15
N HIS E 25 -13.24 34.58 -6.94
CA HIS E 25 -13.09 35.73 -7.83
C HIS E 25 -14.30 36.65 -7.68
N HIS E 26 -14.58 37.03 -6.44
CA HIS E 26 -15.67 37.96 -6.15
C HIS E 26 -15.64 39.16 -7.08
N GLN E 27 -16.72 39.36 -7.82
CA GLN E 27 -16.90 40.53 -8.67
C GLN E 27 -18.20 41.22 -8.27
N ASN E 28 -18.17 42.54 -8.25
CA ASN E 28 -19.33 43.33 -7.87
C ASN E 28 -19.03 44.79 -8.21
N GLU E 29 -19.95 45.67 -7.87
CA GLU E 29 -19.69 47.10 -8.02
C GLU E 29 -18.53 47.50 -7.11
N GLN E 30 -17.75 48.48 -7.58
CA GLN E 30 -16.60 49.04 -6.84
C GLN E 30 -15.67 47.95 -6.30
N GLY E 31 -15.67 46.77 -6.90
CA GLY E 31 -14.80 45.71 -6.46
C GLY E 31 -14.61 44.65 -7.52
N SER E 32 -13.49 43.95 -7.43
CA SER E 32 -13.18 42.84 -8.33
C SER E 32 -11.92 42.16 -7.81
N GLY E 33 -11.44 41.19 -8.57
CA GLY E 33 -10.16 40.55 -8.31
C GLY E 33 -10.33 39.15 -7.75
N TYR E 34 -9.20 38.59 -7.31
CA TYR E 34 -9.12 37.24 -6.80
C TYR E 34 -9.15 37.25 -5.27
N ALA E 35 -9.09 36.06 -4.69
CA ALA E 35 -9.04 35.89 -3.25
C ALA E 35 -8.52 34.50 -2.95
N ALA E 36 -8.32 34.21 -1.67
CA ALA E 36 -7.83 32.91 -1.23
C ALA E 36 -8.60 32.48 0.00
N ASP E 37 -8.74 31.16 0.15
CA ASP E 37 -9.46 30.56 1.27
C ASP E 37 -8.44 30.04 2.27
N GLN E 38 -7.99 30.93 3.16
CA GLN E 38 -6.94 30.56 4.11
C GLN E 38 -7.35 29.41 5.02
N LYS E 39 -8.66 29.16 5.17
CA LYS E 39 -9.09 28.04 6.00
C LYS E 39 -8.69 26.71 5.38
N SER E 40 -8.69 26.59 4.06
CA SER E 40 -8.47 25.31 3.41
C SER E 40 -7.03 25.10 2.97
N THR E 41 -6.34 26.14 2.50
CA THR E 41 -4.99 25.96 1.97
C THR E 41 -4.04 25.46 3.05
N GLN E 42 -3.99 26.15 4.19
CA GLN E 42 -3.17 25.67 5.29
C GLN E 42 -3.64 24.32 5.81
N ASN E 43 -4.93 24.01 5.66
CA ASN E 43 -5.47 22.74 6.07
C ASN E 43 -5.23 21.63 5.06
N ALA E 44 -4.77 21.97 3.86
CA ALA E 44 -4.41 20.98 2.84
C ALA E 44 -2.92 20.85 2.61
N ILE E 45 -2.15 21.93 2.84
CA ILE E 45 -0.71 21.83 2.72
C ILE E 45 -0.14 20.88 3.77
N ASN E 46 -0.63 20.97 5.00
CA ASN E 46 -0.05 20.20 6.09
C ASN E 46 -0.19 18.70 5.84
N CYS E 47 -1.41 18.22 5.56
CA CYS E 47 -1.60 16.78 5.43
C CYS E 47 -0.81 16.22 4.26
N ILE E 48 -0.79 16.92 3.13
CA ILE E 48 -0.03 16.44 1.98
C ILE E 48 1.46 16.42 2.31
N THR E 49 1.97 17.48 2.94
CA THR E 49 3.38 17.51 3.30
C THR E 49 3.72 16.40 4.29
N ASN E 50 2.86 16.18 5.29
CA ASN E 50 3.11 15.13 6.26
C ASN E 50 3.14 13.75 5.60
N LYS E 51 2.41 13.58 4.50
CA LYS E 51 2.51 12.33 3.74
C LYS E 51 3.90 12.19 3.15
N VAL E 52 4.47 13.27 2.63
CA VAL E 52 5.84 13.23 2.14
C VAL E 52 6.82 13.07 3.30
N ASN E 53 6.57 13.77 4.40
CA ASN E 53 7.44 13.65 5.57
C ASN E 53 7.42 12.22 6.12
N SER E 54 6.24 11.61 6.15
CA SER E 54 6.14 10.23 6.63
C SER E 54 6.94 9.29 5.74
N VAL E 55 6.88 9.48 4.41
CA VAL E 55 7.63 8.61 3.51
C VAL E 55 9.13 8.79 3.72
N ILE E 56 9.59 10.03 3.80
CA ILE E 56 11.02 10.30 3.88
C ILE E 56 11.55 9.89 5.25
N GLU E 57 10.83 10.26 6.32
CA GLU E 57 11.38 10.10 7.66
C GLU E 57 11.40 8.65 8.12
N LYS E 58 10.57 7.78 7.55
CA LYS E 58 10.51 6.39 7.99
C LYS E 58 11.67 5.56 7.46
N MET E 59 12.50 6.09 6.57
CA MET E 59 13.66 5.37 6.06
C MET E 59 14.73 5.34 7.14
N ASN E 60 14.55 4.44 8.10
CA ASN E 60 15.58 4.24 9.11
C ASN E 60 16.86 3.76 8.44
N THR E 61 18.00 4.26 8.93
CA THR E 61 19.28 4.01 8.32
C THR E 61 20.26 3.46 9.33
N GLN E 62 21.24 2.71 8.83
CA GLN E 62 22.27 2.12 9.67
C GLN E 62 23.50 1.87 8.81
N PHE E 63 24.64 1.71 9.47
CA PHE E 63 25.87 1.42 8.76
C PHE E 63 25.74 0.13 7.97
N THR E 64 26.16 0.16 6.71
CA THR E 64 26.04 -0.97 5.81
C THR E 64 27.40 -1.28 5.20
N ALA E 65 27.61 -2.55 4.89
CA ALA E 65 28.84 -3.02 4.27
C ALA E 65 28.60 -3.33 2.80
N VAL E 66 29.68 -3.26 2.02
CA VAL E 66 29.62 -3.57 0.59
C VAL E 66 29.71 -5.08 0.42
N GLY E 67 29.41 -5.56 -0.78
CA GLY E 67 29.63 -6.96 -1.09
C GLY E 67 31.10 -7.29 -0.92
N LYS E 68 31.41 -8.25 -0.06
CA LYS E 68 32.79 -8.56 0.25
C LYS E 68 33.45 -9.28 -0.92
N GLU E 69 34.69 -9.71 -0.71
CA GLU E 69 35.45 -10.44 -1.72
C GLU E 69 35.61 -11.88 -1.30
N PHE E 70 35.80 -12.75 -2.29
CA PHE E 70 36.02 -14.17 -2.07
C PHE E 70 37.00 -14.69 -3.10
N ASN E 71 37.75 -15.73 -2.71
CA ASN E 71 38.66 -16.38 -3.64
C ASN E 71 37.89 -17.38 -4.50
N LYS E 72 38.56 -17.88 -5.54
CA LYS E 72 37.91 -18.71 -6.53
C LYS E 72 37.42 -20.04 -5.99
N LEU E 73 37.87 -20.46 -4.80
CA LEU E 73 37.48 -21.73 -4.23
C LEU E 73 36.28 -21.63 -3.31
N GLU E 74 35.69 -20.45 -3.14
CA GLU E 74 34.52 -20.24 -2.28
C GLU E 74 33.42 -19.53 -3.07
N ARG E 75 33.19 -19.99 -4.31
CA ARG E 75 32.22 -19.32 -5.16
C ARG E 75 30.80 -19.39 -4.61
N ARG E 76 30.47 -20.42 -3.83
CA ARG E 76 29.13 -20.53 -3.27
C ARG E 76 28.79 -19.30 -2.43
N MET E 77 29.76 -18.77 -1.69
CA MET E 77 29.50 -17.55 -0.92
C MET E 77 29.14 -16.39 -1.83
N GLU E 78 29.85 -16.25 -2.95
CA GLU E 78 29.62 -15.11 -3.84
C GLU E 78 28.21 -15.11 -4.39
N ASN E 79 27.72 -16.27 -4.83
CA ASN E 79 26.37 -16.33 -5.38
C ASN E 79 25.32 -16.16 -4.29
N LEU E 80 25.55 -16.72 -3.11
CA LEU E 80 24.65 -16.49 -1.99
C LEU E 80 24.60 -15.00 -1.64
N ASN E 81 25.76 -14.35 -1.61
CA ASN E 81 25.78 -12.92 -1.35
C ASN E 81 25.08 -12.13 -2.45
N LYS E 82 25.23 -12.56 -3.71
CA LYS E 82 24.51 -11.91 -4.79
C LYS E 82 23.00 -12.12 -4.65
N LYS E 83 22.58 -13.33 -4.27
CA LYS E 83 21.16 -13.61 -4.18
C LYS E 83 20.48 -12.74 -3.13
N VAL E 84 21.12 -12.59 -1.96
CA VAL E 84 20.52 -11.75 -0.92
C VAL E 84 20.54 -10.29 -1.32
N ASP E 85 21.64 -9.82 -1.92
CA ASP E 85 21.71 -8.42 -2.32
C ASP E 85 20.72 -8.12 -3.44
N ASP E 86 20.61 -9.01 -4.43
CA ASP E 86 19.65 -8.80 -5.50
C ASP E 86 18.22 -8.93 -5.01
N GLY E 87 17.98 -9.78 -4.01
CA GLY E 87 16.63 -9.91 -3.47
C GLY E 87 16.14 -8.61 -2.86
N PHE E 88 16.99 -7.96 -2.05
CA PHE E 88 16.61 -6.67 -1.49
C PHE E 88 16.44 -5.62 -2.57
N LEU E 89 17.32 -5.62 -3.57
CA LEU E 89 17.21 -4.64 -4.66
C LEU E 89 15.88 -4.80 -5.39
N ASP E 90 15.49 -6.04 -5.70
CA ASP E 90 14.21 -6.25 -6.35
C ASP E 90 13.05 -5.85 -5.46
N ILE E 91 13.14 -6.11 -4.16
CA ILE E 91 12.05 -5.76 -3.25
C ILE E 91 11.83 -4.26 -3.24
N TRP E 92 12.90 -3.50 -3.03
CA TRP E 92 12.76 -2.07 -2.81
C TRP E 92 12.30 -1.33 -4.06
N THR E 93 12.63 -1.85 -5.25
CA THR E 93 12.14 -1.22 -6.48
C THR E 93 10.63 -1.29 -6.54
N TYR E 94 10.06 -2.47 -6.37
CA TYR E 94 8.61 -2.62 -6.47
C TYR E 94 7.90 -1.99 -5.28
N ASN E 95 8.46 -2.14 -4.07
CA ASN E 95 7.82 -1.56 -2.90
C ASN E 95 7.81 -0.04 -2.97
N ALA E 96 8.95 0.57 -3.26
CA ALA E 96 9.02 2.02 -3.31
C ALA E 96 8.18 2.58 -4.46
N GLU E 97 8.28 1.97 -5.65
CA GLU E 97 7.59 2.50 -6.81
C GLU E 97 6.07 2.45 -6.60
N LEU E 98 5.54 1.28 -6.25
CA LEU E 98 4.08 1.17 -6.12
C LEU E 98 3.55 2.03 -4.99
N LEU E 99 4.39 2.48 -4.07
CA LEU E 99 3.93 3.37 -3.02
C LEU E 99 3.65 4.76 -3.58
N VAL E 100 4.58 5.30 -4.39
CA VAL E 100 4.40 6.65 -4.92
C VAL E 100 3.43 6.70 -6.09
N LEU E 101 3.15 5.56 -6.72
CA LEU E 101 2.10 5.49 -7.74
C LEU E 101 0.71 5.37 -7.13
N LEU E 102 0.57 4.62 -6.04
CA LEU E 102 -0.72 4.50 -5.38
C LEU E 102 -1.04 5.75 -4.58
N GLU E 103 -0.03 6.36 -3.96
CA GLU E 103 -0.24 7.56 -3.16
C GLU E 103 -0.18 8.85 -3.96
N ASN E 104 0.16 8.79 -5.24
CA ASN E 104 -0.01 9.97 -6.09
C ASN E 104 -1.47 10.16 -6.47
N GLU E 105 -2.21 9.09 -6.68
CA GLU E 105 -3.64 9.20 -6.90
C GLU E 105 -4.37 9.64 -5.64
N ARG E 106 -3.89 9.22 -4.47
CA ARG E 106 -4.54 9.62 -3.22
C ARG E 106 -4.49 11.14 -3.05
N THR E 107 -3.33 11.75 -3.32
CA THR E 107 -3.23 13.19 -3.22
C THR E 107 -3.94 13.90 -4.36
N LEU E 108 -3.91 13.35 -5.57
CA LEU E 108 -4.66 13.94 -6.68
C LEU E 108 -6.16 13.91 -6.41
N ASP E 109 -6.68 12.78 -5.92
CA ASP E 109 -8.09 12.74 -5.56
C ASP E 109 -8.39 13.67 -4.41
N PHE E 110 -7.46 13.83 -3.47
CA PHE E 110 -7.66 14.74 -2.36
C PHE E 110 -7.86 16.17 -2.85
N HIS E 111 -7.03 16.60 -3.81
CA HIS E 111 -7.18 17.96 -4.34
C HIS E 111 -8.49 18.12 -5.08
N ASP E 112 -8.89 17.12 -5.86
CA ASP E 112 -10.17 17.20 -6.56
C ASP E 112 -11.34 17.25 -5.58
N SER E 113 -11.28 16.44 -4.52
CA SER E 113 -12.35 16.46 -3.53
C SER E 113 -12.37 17.77 -2.75
N ASN E 114 -11.21 18.37 -2.52
CA ASN E 114 -11.17 19.63 -1.79
C ASN E 114 -11.93 20.73 -2.53
N VAL E 115 -11.81 20.78 -3.85
CA VAL E 115 -12.54 21.77 -4.63
C VAL E 115 -14.03 21.54 -4.51
N LYS E 116 -14.46 20.28 -4.57
CA LYS E 116 -15.89 19.98 -4.57
C LYS E 116 -16.55 20.39 -3.26
N ASN E 117 -15.99 19.98 -2.13
CA ASN E 117 -16.64 20.27 -0.85
C ASN E 117 -16.66 21.77 -0.58
N LEU E 118 -15.57 22.48 -0.89
CA LEU E 118 -15.61 23.93 -0.81
C LEU E 118 -16.65 24.50 -1.76
N TYR E 119 -16.74 23.96 -2.97
CA TYR E 119 -17.78 24.38 -3.90
C TYR E 119 -19.16 24.07 -3.33
N GLU E 120 -19.32 22.91 -2.71
CA GLU E 120 -20.60 22.57 -2.08
C GLU E 120 -20.92 23.54 -0.94
N LYS E 121 -19.91 24.02 -0.22
CA LYS E 121 -20.15 24.86 0.94
C LYS E 121 -20.84 26.17 0.54
N VAL E 122 -20.39 26.78 -0.55
CA VAL E 122 -21.01 28.05 -0.97
C VAL E 122 -22.44 27.81 -1.41
N LYS E 123 -22.73 26.67 -2.05
CA LYS E 123 -24.08 26.39 -2.49
C LYS E 123 -25.05 26.32 -1.31
N SER E 124 -24.68 25.61 -0.25
CA SER E 124 -25.57 25.47 0.90
C SER E 124 -25.71 26.76 1.69
N GLN E 125 -24.70 27.65 1.63
CA GLN E 125 -24.78 28.90 2.37
C GLN E 125 -25.95 29.75 1.89
N LEU E 126 -26.15 29.82 0.58
CA LEU E 126 -27.29 30.52 0.00
C LEU E 126 -27.76 29.72 -1.21
N LYS E 127 -29.06 29.47 -1.28
CA LYS E 127 -29.61 28.54 -2.24
C LYS E 127 -30.45 29.21 -3.32
N ASN E 128 -31.49 29.95 -2.94
CA ASN E 128 -32.34 30.60 -3.92
C ASN E 128 -31.81 31.96 -4.37
N ASN E 129 -30.88 32.54 -3.63
CA ASN E 129 -30.27 33.82 -4.00
C ASN E 129 -29.02 33.60 -4.84
N ALA E 130 -29.16 32.81 -5.89
CA ALA E 130 -28.04 32.49 -6.78
C ALA E 130 -28.57 31.71 -7.97
N LYS E 131 -27.89 31.87 -9.09
CA LYS E 131 -28.22 31.16 -10.32
C LYS E 131 -27.00 30.37 -10.78
N GLU E 132 -27.24 29.15 -11.27
CA GLU E 132 -26.16 28.29 -11.73
C GLU E 132 -25.74 28.76 -13.12
N ILE E 133 -24.87 29.78 -13.15
CA ILE E 133 -24.42 30.33 -14.42
C ILE E 133 -23.68 29.29 -15.23
N GLY E 134 -22.80 28.54 -14.58
CA GLY E 134 -22.00 27.55 -15.29
C GLY E 134 -21.01 26.80 -14.44
N ASN E 135 -19.75 26.81 -14.85
CA ASN E 135 -18.72 26.00 -14.19
C ASN E 135 -18.31 26.68 -12.88
N GLY E 136 -19.01 26.34 -11.82
CA GLY E 136 -18.68 26.82 -10.50
C GLY E 136 -18.71 28.32 -10.36
N CYS E 137 -19.63 28.99 -11.06
CA CYS E 137 -19.79 30.44 -10.96
C CYS E 137 -21.26 30.73 -10.71
N PHE E 138 -21.54 31.47 -9.64
CA PHE E 138 -22.89 31.86 -9.30
C PHE E 138 -23.12 33.33 -9.63
N GLU E 139 -24.38 33.72 -9.67
CA GLU E 139 -24.78 35.10 -9.95
C GLU E 139 -25.79 35.53 -8.89
N PHE E 140 -25.45 36.57 -8.13
CA PHE E 140 -26.32 37.06 -7.08
C PHE E 140 -27.44 37.88 -7.70
N TYR E 141 -28.68 37.44 -7.50
CA TYR E 141 -29.83 38.23 -7.95
C TYR E 141 -29.85 39.58 -7.26
N HIS E 142 -29.56 39.60 -5.97
CA HIS E 142 -29.51 40.84 -5.20
C HIS E 142 -28.18 41.55 -5.41
N LYS E 143 -28.10 42.78 -4.90
CA LYS E 143 -26.85 43.50 -4.85
C LYS E 143 -26.06 43.09 -3.61
N CYS E 144 -24.75 42.95 -3.77
CA CYS E 144 -23.89 42.48 -2.68
C CYS E 144 -22.56 43.21 -2.75
N ASN E 145 -22.31 44.06 -1.76
CA ASN E 145 -21.07 44.82 -1.68
C ASN E 145 -19.98 43.95 -1.06
N ASN E 146 -18.80 44.54 -0.86
CA ASN E 146 -17.66 43.77 -0.36
C ASN E 146 -17.93 43.24 1.04
N GLU E 147 -18.51 44.06 1.91
CA GLU E 147 -18.85 43.59 3.25
C GLU E 147 -19.83 42.42 3.17
N CYS E 148 -20.82 42.53 2.29
CA CYS E 148 -21.74 41.42 2.05
C CYS E 148 -21.00 40.19 1.53
N MET E 149 -20.07 40.36 0.60
CA MET E 149 -19.44 39.21 -0.04
C MET E 149 -18.61 38.40 0.93
N GLU E 150 -17.95 39.06 1.90
CA GLU E 150 -17.18 38.32 2.89
C GLU E 150 -18.01 37.32 3.66
N SER E 151 -19.33 37.53 3.72
CA SER E 151 -20.20 36.55 4.36
C SER E 151 -20.06 35.18 3.71
N VAL E 152 -19.88 35.15 2.38
CA VAL E 152 -19.67 33.88 1.70
C VAL E 152 -18.38 33.23 2.16
N LYS E 153 -17.30 34.02 2.26
CA LYS E 153 -16.03 33.47 2.73
C LYS E 153 -16.10 33.05 4.18
N ASN E 154 -16.77 33.82 5.03
CA ASN E 154 -17.07 33.37 6.37
C ASN E 154 -18.01 32.16 6.30
N GLY E 155 -18.28 31.59 7.47
CA GLY E 155 -19.38 30.67 7.62
C GLY E 155 -20.69 31.33 7.98
N THR E 156 -20.72 32.66 7.96
CA THR E 156 -21.88 33.44 8.41
C THR E 156 -22.62 34.00 7.21
N TYR E 157 -23.94 33.92 7.23
CA TYR E 157 -24.78 34.46 6.17
C TYR E 157 -26.20 34.53 6.68
N ASP E 158 -26.81 35.71 6.61
CA ASP E 158 -28.18 35.92 7.07
C ASP E 158 -29.11 35.79 5.88
N TYR E 159 -29.65 34.59 5.67
CA TYR E 159 -30.58 34.37 4.56
C TYR E 159 -31.83 35.24 4.65
N PRO E 160 -32.56 35.29 5.78
CA PRO E 160 -33.79 36.11 5.80
C PRO E 160 -33.54 37.58 5.54
N LYS E 161 -32.35 38.09 5.85
CA LYS E 161 -32.03 39.48 5.53
C LYS E 161 -32.11 39.71 4.02
N TYR E 162 -31.67 38.73 3.24
CA TYR E 162 -31.67 38.84 1.78
C TYR E 162 -32.78 38.04 1.12
N SER E 163 -33.47 37.16 1.86
CA SER E 163 -34.60 36.45 1.27
C SER E 163 -35.66 37.43 0.78
N GLU E 164 -35.94 38.46 1.58
CA GLU E 164 -36.88 39.49 1.14
C GLU E 164 -36.37 40.21 -0.10
N GLU E 165 -35.05 40.33 -0.25
CA GLU E 165 -34.51 40.88 -1.48
C GLU E 165 -34.72 39.91 -2.65
N SER E 166 -34.69 38.61 -2.39
CA SER E 166 -35.00 37.65 -3.43
C SER E 166 -36.46 37.74 -3.87
N LYS E 167 -37.34 38.25 -3.02
CA LYS E 167 -38.70 38.51 -3.44
C LYS E 167 -38.73 39.57 -4.55
N LEU E 168 -37.85 40.57 -4.47
CA LEU E 168 -37.72 41.53 -5.56
C LEU E 168 -37.25 40.84 -6.83
N ASN E 169 -36.39 39.82 -6.69
CA ASN E 169 -35.99 39.04 -7.85
C ASN E 169 -37.18 38.33 -8.48
N ARG E 170 -38.06 37.78 -7.65
CA ARG E 170 -39.27 37.13 -8.17
C ARG E 170 -40.08 38.10 -9.02
N GLU E 171 -40.08 39.38 -8.66
CA GLU E 171 -40.79 40.37 -9.48
C GLU E 171 -40.16 40.52 -10.86
N LYS E 172 -38.83 40.48 -10.94
CA LYS E 172 -38.18 40.63 -12.24
C LYS E 172 -38.54 39.48 -13.17
N ILE E 173 -38.59 38.27 -12.64
CA ILE E 173 -38.93 37.09 -13.45
C ILE E 173 -40.43 36.88 -13.42
N ASP F 1 -22.41 40.63 -10.53
CA ASP F 1 -22.25 40.13 -9.18
C ASP F 1 -22.08 38.62 -9.20
N THR F 2 -20.84 38.17 -9.29
CA THR F 2 -20.54 36.75 -9.38
C THR F 2 -19.41 36.38 -8.43
N ILE F 3 -19.42 35.13 -7.99
CA ILE F 3 -18.33 34.54 -7.22
C ILE F 3 -18.05 33.16 -7.80
N CYS F 4 -16.79 32.91 -8.16
CA CYS F 4 -16.40 31.71 -8.87
C CYS F 4 -15.42 30.91 -8.02
N ILE F 5 -15.22 29.65 -8.42
CA ILE F 5 -14.39 28.71 -7.68
C ILE F 5 -13.31 28.18 -8.62
N GLY F 6 -12.08 28.09 -8.12
CA GLY F 6 -10.99 27.59 -8.92
C GLY F 6 -9.77 27.33 -8.07
N TYR F 7 -8.70 26.89 -8.73
CA TYR F 7 -7.47 26.54 -8.05
C TYR F 7 -6.27 27.21 -8.72
N HIS F 8 -5.27 27.52 -7.91
CA HIS F 8 -4.08 28.19 -8.40
C HIS F 8 -3.26 27.27 -9.30
N ALA F 9 -2.70 27.84 -10.36
CA ALA F 9 -1.87 27.09 -11.30
C ALA F 9 -0.88 28.03 -11.95
N ASN F 10 0.41 27.73 -11.80
CA ASN F 10 1.49 28.54 -12.36
C ASN F 10 2.24 27.72 -13.41
N ASN F 11 3.15 28.40 -14.12
CA ASN F 11 3.95 27.73 -15.13
C ASN F 11 4.92 26.76 -14.47
N SER F 12 4.97 25.54 -14.99
CA SER F 12 5.86 24.51 -14.45
C SER F 12 5.94 23.36 -15.43
N THR F 13 7.14 22.80 -15.58
CA THR F 13 7.38 21.68 -16.46
C THR F 13 7.50 20.36 -15.72
N ASP F 14 7.25 20.35 -14.41
CA ASP F 14 7.38 19.13 -13.63
C ASP F 14 6.40 18.07 -14.12
N THR F 15 6.85 16.83 -14.15
CA THR F 15 6.04 15.70 -14.58
C THR F 15 6.07 14.63 -13.51
N VAL F 16 4.91 14.01 -13.27
CA VAL F 16 4.78 12.96 -12.27
C VAL F 16 3.90 11.86 -12.85
N ASP F 17 4.35 10.62 -12.72
CA ASP F 17 3.63 9.48 -13.27
C ASP F 17 2.71 8.86 -12.21
N THR F 18 1.52 8.47 -12.64
CA THR F 18 0.53 7.84 -11.77
C THR F 18 -0.02 6.62 -12.49
N VAL F 19 -1.11 6.06 -11.97
CA VAL F 19 -1.65 4.83 -12.52
C VAL F 19 -2.73 5.10 -13.56
N CYS F 20 -3.63 6.06 -13.32
CA CYS F 20 -4.65 6.36 -14.33
C CYS F 20 -4.02 6.95 -15.58
N GLU F 21 -2.99 7.77 -15.44
CA GLU F 21 -2.34 8.41 -16.57
C GLU F 21 -0.85 8.53 -16.28
N LYS F 22 -0.12 9.03 -17.27
CA LYS F 22 1.32 9.20 -17.16
C LYS F 22 1.73 10.53 -17.78
N ASN F 23 2.88 11.03 -17.37
CA ASN F 23 3.46 12.25 -17.93
C ASN F 23 2.52 13.44 -17.75
N VAL F 24 1.82 13.48 -16.62
CA VAL F 24 0.93 14.60 -16.32
C VAL F 24 1.76 15.72 -15.70
N THR F 25 1.45 16.96 -16.09
CA THR F 25 2.15 18.14 -15.63
C THR F 25 1.49 18.64 -14.36
N VAL F 26 2.30 18.97 -13.36
CA VAL F 26 1.81 19.40 -12.05
C VAL F 26 2.58 20.66 -11.63
N THR F 27 2.04 21.34 -10.62
CA THR F 27 2.60 22.61 -10.20
C THR F 27 3.86 22.42 -9.36
N HIS F 28 3.73 21.74 -8.22
CA HIS F 28 4.83 21.53 -7.30
C HIS F 28 4.98 20.06 -6.99
N SER F 29 6.23 19.59 -6.92
CA SER F 29 6.50 18.18 -6.69
C SER F 29 7.81 18.05 -5.91
N VAL F 30 7.98 16.88 -5.30
CA VAL F 30 9.16 16.57 -4.51
C VAL F 30 9.62 15.17 -4.88
N ASN F 31 10.92 15.00 -5.04
CA ASN F 31 11.51 13.74 -5.46
C ASN F 31 12.15 13.01 -4.29
N LEU F 32 12.28 11.69 -4.44
CA LEU F 32 12.99 10.85 -3.49
C LEU F 32 14.24 10.22 -4.06
N LEU F 33 14.42 10.21 -5.38
CA LEU F 33 15.51 9.51 -6.02
C LEU F 33 16.63 10.48 -6.35
N GLU F 34 17.83 10.19 -5.86
CA GLU F 34 19.01 11.00 -6.12
C GLU F 34 19.90 10.27 -7.11
N ASP F 35 20.34 10.98 -8.15
CA ASP F 35 21.18 10.41 -9.20
C ASP F 35 22.43 11.25 -9.45
N SER F 36 22.78 12.13 -8.52
CA SER F 36 23.91 13.05 -8.68
C SER F 36 24.99 12.68 -7.66
N HIS F 37 26.24 12.60 -8.14
CA HIS F 37 27.38 12.33 -7.29
C HIS F 37 28.48 13.34 -7.57
N ASN F 38 29.22 13.68 -6.52
CA ASN F 38 30.24 14.72 -6.65
C ASN F 38 31.35 14.30 -7.60
N GLY F 39 31.73 13.02 -7.59
CA GLY F 39 32.85 12.56 -8.38
C GLY F 39 34.19 12.58 -7.67
N LYS F 40 34.19 12.70 -6.35
CA LYS F 40 35.43 12.73 -5.58
C LYS F 40 35.16 12.24 -4.17
N LEU F 41 36.01 11.33 -3.69
CA LEU F 41 35.88 10.82 -2.35
C LEU F 41 36.15 11.92 -1.33
N CYS F 42 35.60 11.74 -0.13
CA CYS F 42 35.65 12.77 0.90
C CYS F 42 35.91 12.14 2.25
N LEU F 43 36.48 12.94 3.16
CA LEU F 43 36.64 12.57 4.56
C LEU F 43 35.28 12.34 5.19
N LEU F 44 34.98 11.09 5.57
CA LEU F 44 33.61 10.72 5.89
C LEU F 44 33.27 10.88 7.37
N LYS F 45 33.89 10.08 8.23
CA LYS F 45 33.63 10.12 9.67
C LYS F 45 34.68 10.95 10.39
N GLY F 46 34.81 12.21 9.97
CA GLY F 46 35.71 13.14 10.61
C GLY F 46 37.18 12.79 10.52
N ILE F 47 37.55 11.67 9.90
CA ILE F 47 38.92 11.20 9.83
C ILE F 47 39.24 10.91 8.37
N ALA F 48 40.37 11.40 7.90
CA ALA F 48 40.71 11.24 6.50
C ALA F 48 40.96 9.76 6.19
N PRO F 49 40.21 9.15 5.28
CA PRO F 49 40.49 7.76 4.93
C PRO F 49 41.78 7.66 4.13
N LEU F 50 42.45 6.52 4.27
CA LEU F 50 43.72 6.31 3.59
C LEU F 50 43.47 5.98 2.13
N GLN F 51 44.39 6.43 1.28
CA GLN F 51 44.36 6.19 -0.16
C GLN F 51 45.58 5.33 -0.51
N LEU F 52 45.35 4.18 -1.12
CA LEU F 52 46.44 3.32 -1.55
C LEU F 52 46.84 3.69 -2.98
N GLY F 53 48.10 4.06 -3.17
CA GLY F 53 48.59 4.42 -4.48
C GLY F 53 49.33 3.27 -5.15
N ASN F 54 48.67 2.61 -6.09
CA ASN F 54 49.26 1.48 -6.81
C ASN F 54 49.72 0.39 -5.84
N CYS F 55 48.92 0.13 -4.81
CA CYS F 55 49.26 -0.87 -3.81
C CYS F 55 47.99 -1.55 -3.32
N SER F 56 48.15 -2.78 -2.84
CA SER F 56 47.07 -3.58 -2.31
C SER F 56 47.25 -3.74 -0.80
N VAL F 57 46.21 -4.26 -0.15
CA VAL F 57 46.25 -4.42 1.30
C VAL F 57 47.37 -5.35 1.70
N ALA F 58 47.49 -6.49 1.03
CA ALA F 58 48.55 -7.44 1.35
C ALA F 58 49.93 -6.83 1.11
N GLY F 59 50.10 -6.14 -0.01
CA GLY F 59 51.40 -5.54 -0.31
C GLY F 59 51.81 -4.53 0.73
N TRP F 60 50.88 -3.68 1.18
CA TRP F 60 51.23 -2.63 2.12
C TRP F 60 51.37 -3.18 3.54
N ILE F 61 50.53 -4.14 3.94
CA ILE F 61 50.64 -4.71 5.28
C ILE F 61 51.98 -5.42 5.45
N LEU F 62 52.35 -6.25 4.47
CA LEU F 62 53.60 -6.98 4.57
C LEU F 62 54.82 -6.06 4.49
N GLY F 63 54.63 -4.80 4.13
CA GLY F 63 55.73 -3.86 4.08
C GLY F 63 56.54 -3.98 2.80
N ASN F 64 55.89 -3.79 1.66
CA ASN F 64 56.63 -3.76 0.41
C ASN F 64 57.57 -2.56 0.42
N PRO F 65 58.69 -2.63 -0.31
CA PRO F 65 59.57 -1.45 -0.38
C PRO F 65 58.85 -0.24 -0.94
N GLU F 66 57.92 -0.45 -1.87
CA GLU F 66 57.07 0.62 -2.36
C GLU F 66 55.95 0.84 -1.34
N CYS F 67 54.97 1.69 -1.68
CA CYS F 67 53.88 2.01 -0.76
C CYS F 67 54.39 2.66 0.51
N GLU F 68 55.51 3.39 0.41
CA GLU F 68 56.12 4.02 1.57
C GLU F 68 55.45 5.34 1.94
N LEU F 69 54.63 5.90 1.06
CA LEU F 69 54.05 7.21 1.28
C LEU F 69 52.83 7.19 2.21
N LEU F 70 52.45 6.02 2.72
CA LEU F 70 51.22 5.88 3.49
C LEU F 70 51.49 5.23 4.84
N ILE F 71 52.53 5.69 5.53
CA ILE F 71 52.88 5.19 6.85
C ILE F 71 52.29 6.08 7.96
N SER F 72 52.18 7.38 7.69
CA SER F 72 51.67 8.33 8.67
C SER F 72 50.17 8.59 8.52
N LYS F 73 49.42 7.58 8.08
CA LYS F 73 47.98 7.70 7.86
C LYS F 73 47.24 6.72 8.75
N GLU F 74 47.56 6.73 10.03
CA GLU F 74 47.15 5.64 10.93
C GLU F 74 45.62 5.53 11.01
N SER F 75 44.98 6.54 11.58
CA SER F 75 43.53 6.50 11.76
C SER F 75 42.84 6.73 10.41
N TRP F 76 41.65 6.15 10.26
CA TRP F 76 40.93 6.27 9.00
C TRP F 76 39.46 5.91 9.24
N SER F 77 38.72 5.75 8.15
CA SER F 77 37.35 5.25 8.20
C SER F 77 37.16 4.09 7.22
N TYR F 78 37.92 4.10 6.12
CA TYR F 78 37.88 3.04 5.14
C TYR F 78 39.14 3.13 4.28
N ILE F 79 39.30 2.16 3.38
CA ILE F 79 40.49 2.03 2.55
C ILE F 79 40.08 2.13 1.09
N VAL F 80 40.82 2.92 0.33
CA VAL F 80 40.59 3.09 -1.11
C VAL F 80 41.75 2.43 -1.85
N GLU F 81 41.41 1.61 -2.84
CA GLU F 81 42.38 0.87 -3.63
C GLU F 81 42.37 1.35 -5.08
N THR F 82 43.21 0.73 -5.88
CA THR F 82 43.33 0.92 -7.32
C THR F 82 42.76 -0.30 -8.01
N PRO F 83 41.94 -0.16 -9.07
CA PRO F 83 41.20 -1.33 -9.55
C PRO F 83 42.08 -2.44 -10.10
N ASN F 84 43.35 -2.16 -10.39
CA ASN F 84 44.32 -3.18 -10.77
C ASN F 84 45.58 -2.97 -9.94
N PRO F 85 45.54 -3.29 -8.64
CA PRO F 85 46.71 -3.04 -7.78
C PRO F 85 47.88 -3.91 -8.18
N GLU F 86 48.98 -3.30 -8.64
CA GLU F 86 50.11 -4.05 -9.18
C GLU F 86 51.13 -4.38 -8.11
N ASN F 87 51.71 -3.37 -7.47
CA ASN F 87 52.79 -3.57 -6.52
C ASN F 87 52.19 -4.11 -5.22
N GLY F 88 51.83 -5.39 -5.25
CA GLY F 88 51.32 -6.07 -4.09
C GLY F 88 52.41 -6.82 -3.36
N THR F 89 52.39 -8.15 -3.43
CA THR F 89 53.40 -8.99 -2.81
C THR F 89 54.47 -9.32 -3.85
N CYS F 90 55.70 -8.88 -3.60
CA CYS F 90 56.79 -9.12 -4.55
C CYS F 90 57.09 -10.60 -4.67
N TYR F 91 57.30 -11.27 -3.55
CA TYR F 91 57.66 -12.68 -3.55
C TYR F 91 56.37 -13.51 -3.60
N PRO F 92 56.15 -14.29 -4.66
CA PRO F 92 54.84 -14.91 -4.83
C PRO F 92 54.58 -16.10 -3.93
N GLY F 93 53.29 -16.36 -3.73
CA GLY F 93 52.86 -17.40 -2.82
C GLY F 93 51.38 -17.29 -2.54
N TYR F 94 50.95 -17.96 -1.49
CA TYR F 94 49.56 -17.99 -1.07
C TYR F 94 49.41 -17.25 0.25
N PHE F 95 48.64 -16.17 0.25
CA PHE F 95 48.38 -15.37 1.45
C PHE F 95 47.17 -15.96 2.15
N ALA F 96 47.42 -16.78 3.18
CA ALA F 96 46.34 -17.49 3.84
C ALA F 96 45.37 -16.52 4.50
N ASP F 97 44.08 -16.82 4.40
CA ASP F 97 43.02 -16.04 5.03
C ASP F 97 43.10 -14.57 4.60
N TYR F 98 43.37 -14.36 3.31
CA TYR F 98 43.52 -13.00 2.80
C TYR F 98 42.23 -12.19 3.01
N GLU F 99 41.10 -12.75 2.60
CA GLU F 99 39.85 -11.99 2.66
C GLU F 99 39.48 -11.64 4.10
N GLU F 100 39.73 -12.54 5.04
CA GLU F 100 39.43 -12.26 6.44
C GLU F 100 40.25 -11.08 6.94
N LEU F 101 41.51 -11.00 6.53
CA LEU F 101 42.37 -9.92 6.99
C LEU F 101 41.84 -8.57 6.53
N ARG F 102 41.37 -8.49 5.28
CA ARG F 102 40.87 -7.22 4.77
C ARG F 102 39.68 -6.72 5.58
N GLU F 103 38.75 -7.62 5.91
CA GLU F 103 37.55 -7.19 6.63
C GLU F 103 37.90 -6.67 8.02
N GLN F 104 38.79 -7.37 8.74
CA GLN F 104 39.18 -6.91 10.06
C GLN F 104 39.91 -5.58 9.99
N LEU F 105 40.78 -5.41 9.00
CA LEU F 105 41.52 -4.16 8.83
C LEU F 105 40.69 -3.09 8.13
N SER F 106 39.44 -3.36 7.79
CA SER F 106 38.61 -2.37 7.11
C SER F 106 38.30 -1.18 8.01
N SER F 107 38.39 -1.34 9.33
CA SER F 107 38.08 -0.26 10.26
C SER F 107 39.00 -0.40 11.47
N VAL F 108 39.82 0.62 11.72
CA VAL F 108 40.65 0.68 12.92
C VAL F 108 40.73 2.14 13.36
N SER F 109 41.06 2.32 14.64
CA SER F 109 41.30 3.65 15.21
C SER F 109 42.77 3.94 15.40
N SER F 110 43.55 2.96 15.86
CA SER F 110 44.99 3.09 16.04
C SER F 110 45.68 2.02 15.21
N PHE F 111 46.84 2.36 14.65
CA PHE F 111 47.62 1.43 13.84
C PHE F 111 49.10 1.57 14.15
N GLU F 112 49.44 1.59 15.44
CA GLU F 112 50.81 1.83 15.88
C GLU F 112 51.70 0.71 15.33
N ARG F 113 52.57 1.06 14.38
CA ARG F 113 53.55 0.13 13.84
C ARG F 113 54.81 0.21 14.69
N PHE F 114 55.03 -0.80 15.52
CA PHE F 114 56.08 -0.76 16.54
C PHE F 114 56.99 -1.97 16.42
N GLU F 115 58.26 -1.75 16.70
CA GLU F 115 59.24 -2.83 16.70
C GLU F 115 58.86 -3.89 17.72
N ILE F 116 58.92 -5.14 17.32
CA ILE F 116 58.57 -6.26 18.18
C ILE F 116 59.76 -7.20 18.39
N PHE F 117 60.56 -7.43 17.35
CA PHE F 117 61.75 -8.26 17.41
C PHE F 117 62.90 -7.45 16.85
N PRO F 118 63.55 -6.61 17.65
CA PRO F 118 64.63 -5.76 17.11
C PRO F 118 65.69 -6.57 16.40
N LYS F 119 66.02 -6.15 15.17
CA LYS F 119 66.95 -6.90 14.35
C LYS F 119 68.38 -6.85 14.88
N GLU F 120 68.68 -5.91 15.77
CA GLU F 120 70.05 -5.70 16.24
C GLU F 120 70.37 -6.43 17.53
N SER F 121 69.36 -6.95 18.23
CA SER F 121 69.57 -7.61 19.51
C SER F 121 68.88 -8.96 19.65
N SER F 122 67.84 -9.25 18.86
CA SER F 122 67.07 -10.47 19.03
C SER F 122 67.56 -11.63 18.17
N TRP F 123 68.50 -11.40 17.26
CA TRP F 123 69.08 -12.47 16.44
C TRP F 123 70.60 -12.35 16.43
N PRO F 124 71.25 -12.53 17.58
CA PRO F 124 72.72 -12.53 17.58
C PRO F 124 73.36 -13.64 16.78
N ASN F 125 72.68 -14.77 16.59
CA ASN F 125 73.29 -15.97 16.00
C ASN F 125 72.73 -16.32 14.63
N HIS F 126 72.04 -15.39 13.96
CA HIS F 126 71.54 -15.62 12.62
C HIS F 126 71.74 -14.35 11.80
N THR F 127 72.13 -14.53 10.54
CA THR F 127 72.28 -13.40 9.64
C THR F 127 70.89 -12.92 9.22
N VAL F 128 70.68 -11.62 9.31
CA VAL F 128 69.37 -11.01 9.07
C VAL F 128 69.29 -10.27 7.75
N THR F 129 70.43 -10.00 7.11
CA THR F 129 70.43 -9.25 5.85
C THR F 129 70.19 -10.22 4.69
N GLY F 130 68.93 -10.61 4.54
CA GLY F 130 68.49 -11.45 3.46
C GLY F 130 67.75 -10.64 2.41
N VAL F 131 68.24 -10.69 1.18
CA VAL F 131 67.71 -9.88 0.10
C VAL F 131 67.23 -10.80 -1.01
N SER F 132 66.35 -10.27 -1.85
CA SER F 132 65.78 -10.99 -2.98
C SER F 132 65.80 -10.11 -4.22
N ALA F 133 66.19 -10.70 -5.35
CA ALA F 133 66.20 -9.97 -6.60
C ALA F 133 64.81 -9.72 -7.17
N SER F 134 63.78 -10.35 -6.62
CA SER F 134 62.42 -10.16 -7.10
C SER F 134 61.74 -8.95 -6.52
N CYS F 135 62.33 -8.30 -5.52
CA CYS F 135 61.74 -7.15 -4.83
C CYS F 135 62.71 -5.98 -4.84
N SER F 136 63.35 -5.77 -5.98
CA SER F 136 64.33 -4.70 -6.10
C SER F 136 63.67 -3.34 -5.92
N HIS F 137 64.37 -2.43 -5.24
CA HIS F 137 63.90 -1.08 -4.97
C HIS F 137 64.95 -0.10 -5.44
N ASN F 138 64.57 0.79 -6.37
CA ASN F 138 65.47 1.82 -6.89
C ASN F 138 66.76 1.20 -7.45
N GLY F 139 66.62 0.06 -8.13
CA GLY F 139 67.71 -0.53 -8.86
C GLY F 139 68.59 -1.49 -8.07
N LYS F 140 68.35 -1.66 -6.77
CA LYS F 140 69.15 -2.57 -5.95
C LYS F 140 68.21 -3.48 -5.15
N SER F 141 68.71 -4.68 -4.86
CA SER F 141 67.90 -5.68 -4.18
C SER F 141 67.58 -5.25 -2.75
N SER F 142 66.41 -5.67 -2.29
CA SER F 142 65.94 -5.36 -0.95
C SER F 142 65.03 -6.50 -0.49
N PHE F 143 64.29 -6.26 0.58
CA PHE F 143 63.30 -7.21 1.07
C PHE F 143 62.17 -6.41 1.72
N TYR F 144 61.16 -7.12 2.23
CA TYR F 144 60.03 -6.47 2.87
C TYR F 144 60.50 -5.57 4.00
N ARG F 145 59.63 -4.62 4.36
CA ARG F 145 59.91 -3.68 5.45
C ARG F 145 59.18 -4.03 6.73
N ASN F 146 58.60 -5.22 6.82
CA ASN F 146 58.02 -5.70 8.07
C ASN F 146 58.41 -7.12 8.42
N LEU F 147 59.01 -7.87 7.50
CA LEU F 147 59.45 -9.24 7.72
C LEU F 147 60.98 -9.30 7.70
N LEU F 148 61.51 -10.50 7.90
CA LEU F 148 62.95 -10.67 8.06
C LEU F 148 63.32 -12.08 7.63
N TRP F 149 64.09 -12.20 6.55
CA TRP F 149 64.58 -13.48 6.06
C TRP F 149 65.81 -13.88 6.88
N LEU F 150 65.73 -15.01 7.56
CA LEU F 150 66.82 -15.49 8.41
C LEU F 150 67.62 -16.55 7.69
N THR F 151 68.95 -16.43 7.75
CA THR F 151 69.87 -17.36 7.11
C THR F 151 70.91 -17.81 8.13
N GLY F 152 71.84 -18.66 7.69
CA GLY F 152 72.84 -19.22 8.57
C GLY F 152 74.01 -18.29 8.80
N LYS F 153 74.92 -18.76 9.65
CA LYS F 153 76.11 -17.99 10.00
C LYS F 153 77.17 -18.96 10.50
N ASN F 154 78.40 -18.78 10.02
CA ASN F 154 79.49 -19.73 10.26
C ASN F 154 79.06 -21.16 9.92
N GLY F 155 78.26 -21.29 8.86
CA GLY F 155 77.81 -22.60 8.44
C GLY F 155 76.92 -23.32 9.43
N LEU F 156 76.41 -22.62 10.44
CA LEU F 156 75.55 -23.20 11.46
C LEU F 156 74.29 -22.36 11.61
N TYR F 157 73.16 -23.03 11.82
CA TYR F 157 71.85 -22.39 11.94
C TYR F 157 71.24 -22.85 13.25
N PRO F 158 71.59 -22.24 14.38
CA PRO F 158 71.00 -22.66 15.65
C PRO F 158 69.51 -22.46 15.66
N ASN F 159 68.79 -23.51 16.03
CA ASN F 159 67.34 -23.44 16.16
C ASN F 159 66.97 -22.33 17.13
N LEU F 160 65.94 -21.56 16.78
CA LEU F 160 65.56 -20.38 17.53
C LEU F 160 64.28 -20.63 18.32
N SER F 161 64.15 -19.93 19.45
CA SER F 161 62.97 -20.05 20.29
C SER F 161 62.78 -18.70 20.99
N LYS F 162 61.89 -17.88 20.46
CA LYS F 162 61.59 -16.57 21.02
C LYS F 162 60.14 -16.52 21.47
N SER F 163 59.84 -15.53 22.30
CA SER F 163 58.53 -15.37 22.90
C SER F 163 58.16 -13.89 22.93
N TYR F 164 56.87 -13.63 23.09
CA TYR F 164 56.39 -12.26 23.20
C TYR F 164 55.13 -12.25 24.04
N VAL F 165 54.99 -11.23 24.89
CA VAL F 165 53.82 -11.03 25.72
C VAL F 165 53.22 -9.68 25.37
N ASN F 166 51.93 -9.66 25.06
CA ASN F 166 51.26 -8.44 24.65
C ASN F 166 51.03 -7.54 25.86
N ASN F 167 52.05 -6.78 26.25
CA ASN F 167 51.93 -5.92 27.42
C ASN F 167 50.87 -4.84 27.25
N LYS F 168 50.60 -4.43 26.02
CA LYS F 168 49.65 -3.36 25.79
C LYS F 168 48.24 -3.78 26.22
N GLU F 169 47.35 -2.80 26.28
CA GLU F 169 45.95 -3.03 26.63
C GLU F 169 45.06 -3.08 25.40
N LYS F 170 45.56 -3.61 24.30
CA LYS F 170 44.81 -3.61 23.04
C LYS F 170 45.35 -4.71 22.15
N GLU F 171 44.53 -5.12 21.19
CA GLU F 171 44.89 -6.24 20.31
C GLU F 171 46.12 -5.89 19.49
N VAL F 172 46.93 -6.92 19.22
CA VAL F 172 48.11 -6.77 18.37
C VAL F 172 48.03 -7.81 17.26
N LEU F 173 48.51 -7.42 16.09
CA LEU F 173 48.45 -8.24 14.89
C LEU F 173 49.86 -8.49 14.39
N VAL F 174 50.23 -9.76 14.25
CA VAL F 174 51.58 -10.16 13.90
C VAL F 174 51.53 -11.02 12.65
N LEU F 175 52.49 -10.83 11.75
CA LEU F 175 52.61 -11.58 10.53
C LEU F 175 53.95 -12.32 10.49
N TRP F 176 53.96 -13.44 9.77
CA TRP F 176 55.19 -14.19 9.56
C TRP F 176 54.97 -15.12 8.38
N GLY F 177 56.07 -15.63 7.82
CA GLY F 177 56.00 -16.45 6.64
C GLY F 177 57.03 -17.56 6.68
N VAL F 178 56.82 -18.55 5.81
CA VAL F 178 57.69 -19.71 5.67
C VAL F 178 58.15 -19.78 4.23
N HIS F 179 59.44 -20.04 4.03
CA HIS F 179 60.06 -20.01 2.71
C HIS F 179 60.24 -21.42 2.19
N HIS F 180 59.76 -21.68 0.98
CA HIS F 180 59.91 -22.97 0.33
C HIS F 180 60.97 -22.87 -0.77
N PRO F 181 62.18 -23.40 -0.58
CA PRO F 181 63.17 -23.34 -1.65
C PRO F 181 62.74 -24.21 -2.82
N PRO F 182 63.22 -23.94 -4.03
CA PRO F 182 62.79 -24.74 -5.18
C PRO F 182 63.57 -26.02 -5.38
N ASN F 183 64.78 -26.13 -4.84
CA ASN F 183 65.60 -27.32 -4.99
C ASN F 183 66.27 -27.63 -3.66
N ILE F 184 66.54 -28.92 -3.45
CA ILE F 184 67.13 -29.35 -2.19
C ILE F 184 68.52 -28.78 -1.99
N GLY F 185 69.23 -28.43 -3.06
CA GLY F 185 70.54 -27.83 -2.90
C GLY F 185 70.48 -26.48 -2.20
N ASN F 186 69.57 -25.62 -2.61
CA ASN F 186 69.42 -24.33 -1.96
C ASN F 186 68.98 -24.48 -0.50
N GLN F 187 68.06 -25.41 -0.24
CA GLN F 187 67.61 -25.63 1.14
C GLN F 187 68.78 -25.94 2.05
N ARG F 188 69.64 -26.88 1.64
CA ARG F 188 70.79 -27.21 2.47
C ARG F 188 71.82 -26.09 2.50
N ALA F 189 71.83 -25.21 1.49
CA ALA F 189 72.82 -24.15 1.47
C ALA F 189 72.58 -23.14 2.58
N LEU F 190 71.34 -22.68 2.73
CA LEU F 190 71.03 -21.60 3.65
C LEU F 190 70.56 -22.08 5.02
N TYR F 191 70.35 -23.39 5.21
CA TYR F 191 69.83 -23.90 6.47
C TYR F 191 70.53 -25.14 6.99
N HIS F 192 71.35 -25.81 6.18
CA HIS F 192 72.16 -26.95 6.63
C HIS F 192 71.29 -28.07 7.18
N THR F 193 70.07 -28.22 6.67
CA THR F 193 69.22 -29.33 7.04
C THR F 193 68.30 -29.65 5.88
N GLU F 194 67.79 -30.87 5.86
CA GLU F 194 66.96 -31.37 4.77
C GLU F 194 65.48 -31.41 5.10
N ASN F 195 65.13 -31.54 6.38
CA ASN F 195 63.73 -31.62 6.82
C ASN F 195 63.54 -30.62 7.96
N ALA F 196 63.24 -29.39 7.61
CA ALA F 196 63.03 -28.34 8.60
C ALA F 196 61.59 -28.35 9.10
N TYR F 197 61.33 -27.53 10.12
CA TYR F 197 59.98 -27.41 10.67
C TYR F 197 59.91 -26.13 11.48
N VAL F 198 58.78 -25.45 11.40
CA VAL F 198 58.50 -24.27 12.22
C VAL F 198 57.25 -24.54 13.03
N SER F 199 57.07 -23.75 14.08
CA SER F 199 55.90 -23.91 14.94
C SER F 199 55.60 -22.57 15.60
N VAL F 200 54.32 -22.24 15.66
CA VAL F 200 53.86 -20.96 16.19
C VAL F 200 52.68 -21.18 17.11
N VAL F 201 52.93 -21.15 18.42
CA VAL F 201 51.91 -21.49 19.39
C VAL F 201 51.35 -20.22 20.02
N SER F 202 50.16 -20.34 20.60
CA SER F 202 49.54 -19.25 21.34
C SER F 202 48.60 -19.86 22.37
N SER F 203 47.89 -18.99 23.08
CA SER F 203 47.02 -19.47 24.16
C SER F 203 45.91 -20.36 23.62
N HIS F 204 45.27 -19.96 22.52
CA HIS F 204 44.22 -20.74 21.89
C HIS F 204 44.43 -20.82 20.37
N TYR F 205 45.66 -21.07 19.94
CA TYR F 205 45.99 -21.11 18.53
C TYR F 205 47.33 -21.80 18.38
N SER F 206 47.41 -22.78 17.49
CA SER F 206 48.65 -23.51 17.27
C SER F 206 48.63 -24.12 15.87
N ARG F 207 49.81 -24.15 15.26
CA ARG F 207 50.00 -24.79 13.97
C ARG F 207 51.45 -25.23 13.86
N ARG F 208 51.71 -26.15 12.94
CA ARG F 208 53.06 -26.67 12.70
C ARG F 208 53.25 -26.78 11.19
N PHE F 209 53.92 -25.79 10.62
CA PHE F 209 54.19 -25.78 9.18
C PHE F 209 55.46 -26.55 8.88
N THR F 210 55.51 -27.11 7.67
CA THR F 210 56.70 -27.78 7.18
C THR F 210 56.97 -27.32 5.76
N PRO F 211 58.24 -27.18 5.36
CA PRO F 211 58.52 -26.75 3.99
C PRO F 211 58.18 -27.82 2.97
N GLU F 212 57.88 -27.38 1.75
CA GLU F 212 57.55 -28.27 0.64
C GLU F 212 58.42 -27.87 -0.55
N ILE F 213 59.25 -28.80 -1.02
CA ILE F 213 60.21 -28.54 -2.07
C ILE F 213 59.71 -29.19 -3.35
N ALA F 214 59.61 -28.39 -4.41
CA ALA F 214 59.20 -28.91 -5.71
C ALA F 214 59.45 -27.83 -6.76
N LYS F 215 59.63 -28.28 -8.00
CA LYS F 215 59.84 -27.36 -9.11
C LYS F 215 58.52 -26.68 -9.46
N ARG F 216 58.55 -25.37 -9.60
CA ARG F 216 57.36 -24.57 -9.83
C ARG F 216 57.56 -23.66 -11.02
N PRO F 217 56.47 -23.23 -11.67
CA PRO F 217 56.62 -22.31 -12.80
C PRO F 217 57.19 -20.97 -12.36
N LYS F 218 57.95 -20.35 -13.24
CA LYS F 218 58.61 -19.10 -12.91
C LYS F 218 57.57 -17.99 -12.77
N VAL F 219 57.64 -17.25 -11.65
CA VAL F 219 56.80 -16.09 -11.41
C VAL F 219 57.71 -14.94 -11.01
N ARG F 220 57.65 -13.85 -11.76
CA ARG F 220 58.50 -12.68 -11.53
C ARG F 220 59.98 -13.08 -11.47
N ASP F 221 60.36 -13.97 -12.38
CA ASP F 221 61.74 -14.46 -12.45
C ASP F 221 62.17 -15.11 -11.13
N GLN F 222 61.25 -15.84 -10.51
CA GLN F 222 61.54 -16.50 -9.26
C GLN F 222 60.61 -17.69 -9.09
N GLU F 223 61.16 -18.80 -8.60
CA GLU F 223 60.41 -20.03 -8.41
C GLU F 223 59.95 -20.25 -6.97
N GLY F 224 60.80 -19.96 -5.99
CA GLY F 224 60.43 -20.20 -4.62
C GLY F 224 59.21 -19.41 -4.20
N ARG F 225 58.59 -19.87 -3.12
CA ARG F 225 57.34 -19.30 -2.63
C ARG F 225 57.44 -19.05 -1.13
N ILE F 226 56.87 -17.93 -0.70
CA ILE F 226 56.75 -17.60 0.72
C ILE F 226 55.26 -17.57 1.04
N ASN F 227 54.83 -18.45 1.93
CA ASN F 227 53.44 -18.48 2.39
C ASN F 227 53.32 -17.61 3.62
N TYR F 228 52.55 -16.52 3.50
CA TYR F 228 52.37 -15.60 4.61
C TYR F 228 51.20 -16.03 5.47
N TYR F 229 51.33 -15.86 6.77
CA TYR F 229 50.28 -16.18 7.73
C TYR F 229 50.16 -15.03 8.72
N TRP F 230 48.99 -14.96 9.36
CA TRP F 230 48.72 -13.90 10.33
C TRP F 230 47.84 -14.44 11.44
N THR F 231 47.79 -13.72 12.55
CA THR F 231 46.95 -14.09 13.68
C THR F 231 46.63 -12.84 14.48
N LEU F 232 45.98 -13.03 15.62
CA LEU F 232 45.67 -11.95 16.54
C LEU F 232 45.89 -12.45 17.97
N LEU F 233 46.16 -11.52 18.87
CA LEU F 233 46.37 -11.81 20.28
C LEU F 233 45.29 -11.12 21.10
N GLU F 234 45.44 -11.19 22.41
CA GLU F 234 44.56 -10.54 23.37
C GLU F 234 45.41 -9.86 24.43
N PRO F 235 44.84 -8.94 25.20
CA PRO F 235 45.61 -8.30 26.28
C PRO F 235 46.21 -9.34 27.22
N GLY F 236 47.53 -9.31 27.34
CA GLY F 236 48.25 -10.24 28.19
C GLY F 236 48.52 -11.60 27.58
N ASP F 237 48.12 -11.81 26.33
CA ASP F 237 48.32 -13.10 25.67
C ASP F 237 49.79 -13.30 25.34
N THR F 238 50.13 -14.53 24.94
CA THR F 238 51.50 -14.91 24.63
C THR F 238 51.53 -15.61 23.27
N ILE F 239 52.63 -15.40 22.54
CA ILE F 239 52.88 -16.06 21.27
C ILE F 239 54.35 -16.49 21.26
N ILE F 240 54.59 -17.76 20.95
CA ILE F 240 55.92 -18.35 20.99
C ILE F 240 56.27 -18.84 19.60
N PHE F 241 57.43 -18.45 19.09
CA PHE F 241 57.94 -18.89 17.81
C PHE F 241 59.05 -19.91 18.05
N GLU F 242 58.86 -21.12 17.55
CA GLU F 242 59.88 -22.16 17.57
C GLU F 242 60.07 -22.68 16.17
N ALA F 243 61.32 -22.73 15.71
CA ALA F 243 61.62 -23.18 14.37
C ALA F 243 63.07 -23.61 14.30
N ASN F 244 63.38 -24.40 13.27
CA ASN F 244 64.76 -24.80 12.99
C ASN F 244 65.14 -24.53 11.55
N GLY F 245 64.40 -23.70 10.84
CA GLY F 245 64.72 -23.37 9.48
C GLY F 245 63.50 -22.92 8.70
N ASN F 246 63.76 -22.06 7.72
CA ASN F 246 62.73 -21.60 6.78
C ASN F 246 61.63 -20.82 7.48
N LEU F 247 62.00 -20.08 8.52
CA LEU F 247 61.12 -19.16 9.19
C LEU F 247 61.49 -17.74 8.78
N ILE F 248 60.49 -16.98 8.33
CA ILE F 248 60.64 -15.55 8.08
C ILE F 248 60.01 -14.85 9.27
N ALA F 249 60.83 -14.52 10.27
CA ALA F 249 60.30 -14.03 11.53
C ALA F 249 59.67 -12.65 11.34
N PRO F 250 58.77 -12.24 12.22
CA PRO F 250 58.25 -10.88 12.16
C PRO F 250 59.31 -9.88 12.58
N TRP F 251 59.16 -8.65 12.07
CA TRP F 251 60.00 -7.53 12.46
C TRP F 251 59.20 -6.33 12.92
N TYR F 252 57.97 -6.18 12.43
CA TYR F 252 57.05 -5.14 12.87
C TYR F 252 55.68 -5.75 13.02
N ALA F 253 55.01 -5.46 14.14
CA ALA F 253 53.64 -5.88 14.37
C ALA F 253 52.70 -4.72 14.07
N PHE F 254 51.42 -4.92 14.39
CA PHE F 254 50.42 -3.87 14.20
C PHE F 254 49.41 -3.96 15.34
N ALA F 255 49.37 -2.92 16.18
CA ALA F 255 48.37 -2.83 17.23
C ALA F 255 47.15 -2.10 16.68
N LEU F 256 45.98 -2.75 16.75
CA LEU F 256 44.79 -2.30 16.06
C LEU F 256 43.63 -2.15 17.04
N SER F 257 42.67 -1.31 16.66
CA SER F 257 41.58 -0.86 17.52
C SER F 257 40.25 -0.96 16.78
N ARG F 258 39.98 -2.13 16.21
CA ARG F 258 38.80 -2.36 15.38
C ARG F 258 37.54 -1.78 16.00
N GLY F 259 36.89 -0.86 15.28
CA GLY F 259 35.65 -0.27 15.73
C GLY F 259 34.46 -0.55 14.84
N PHE F 260 33.55 -1.41 15.31
CA PHE F 260 32.27 -1.72 14.68
C PHE F 260 32.35 -1.92 13.17
N GLY F 261 33.50 -2.37 12.67
CA GLY F 261 33.63 -2.73 11.27
C GLY F 261 33.43 -1.58 10.31
N SER F 262 33.81 -1.80 9.05
CA SER F 262 33.60 -0.85 7.97
C SER F 262 33.68 -1.61 6.66
N GLY F 263 33.81 -0.87 5.56
CA GLY F 263 33.95 -1.47 4.24
C GLY F 263 35.18 -0.95 3.52
N ILE F 264 35.52 -1.62 2.43
CA ILE F 264 36.64 -1.27 1.56
C ILE F 264 36.07 -0.88 0.20
N ILE F 265 36.62 0.19 -0.38
CA ILE F 265 36.17 0.72 -1.65
C ILE F 265 37.33 0.64 -2.63
N THR F 266 37.02 0.30 -3.88
CA THR F 266 37.99 0.34 -4.97
C THR F 266 37.52 1.36 -6.00
N SER F 267 38.40 2.30 -6.33
CA SER F 267 38.03 3.40 -7.23
C SER F 267 39.31 4.06 -7.74
N ASN F 268 39.14 5.07 -8.59
CA ASN F 268 40.26 5.84 -9.10
C ASN F 268 39.97 7.34 -9.07
N ALA F 269 39.00 7.77 -8.27
CA ALA F 269 38.62 9.17 -8.26
C ALA F 269 39.73 10.02 -7.64
N PRO F 270 39.83 11.30 -8.00
CA PRO F 270 40.84 12.15 -7.39
C PRO F 270 40.57 12.36 -5.90
N MET F 271 41.66 12.56 -5.17
CA MET F 271 41.56 12.80 -3.73
C MET F 271 41.11 14.23 -3.48
N ASP F 272 40.10 14.37 -2.62
CA ASP F 272 39.63 15.69 -2.20
C ASP F 272 39.08 15.58 -0.79
N GLU F 273 39.02 16.71 -0.10
CA GLU F 273 38.62 16.77 1.29
C GLU F 273 37.28 17.50 1.40
N CYS F 274 36.32 16.85 2.06
CA CYS F 274 35.02 17.44 2.34
C CYS F 274 34.32 16.51 3.32
N ASP F 275 33.05 16.78 3.60
CA ASP F 275 32.24 15.96 4.49
C ASP F 275 31.12 15.31 3.68
N ALA F 276 30.98 13.99 3.82
CA ALA F 276 30.00 13.22 3.08
C ALA F 276 29.23 12.31 4.03
N LYS F 277 27.91 12.24 3.83
CA LYS F 277 27.10 11.33 4.64
C LYS F 277 27.47 9.87 4.34
N CYS F 278 27.66 9.55 3.07
CA CYS F 278 28.12 8.21 2.69
C CYS F 278 28.86 8.30 1.37
N GLN F 279 29.71 7.33 1.12
CA GLN F 279 30.60 7.31 -0.03
C GLN F 279 30.00 6.44 -1.13
N THR F 280 30.75 6.30 -2.22
CA THR F 280 30.32 5.54 -3.38
C THR F 280 31.53 5.41 -4.29
N PRO F 281 31.71 4.29 -5.00
CA PRO F 281 32.89 4.19 -5.87
C PRO F 281 33.00 5.30 -6.90
N GLN F 282 31.87 5.76 -7.43
CA GLN F 282 31.88 6.91 -8.33
C GLN F 282 32.06 8.24 -7.59
N GLY F 283 31.76 8.28 -6.29
CA GLY F 283 31.86 9.52 -5.55
C GLY F 283 31.12 9.48 -4.22
N ALA F 284 30.30 10.50 -3.97
CA ALA F 284 29.51 10.58 -2.76
C ALA F 284 28.20 11.29 -3.06
N ILE F 285 27.23 11.10 -2.18
CA ILE F 285 25.90 11.67 -2.35
C ILE F 285 25.61 12.61 -1.19
N ASN F 286 24.58 13.44 -1.36
CA ASN F 286 24.23 14.49 -0.43
C ASN F 286 22.78 14.34 0.02
N SER F 287 22.41 15.16 1.00
CA SER F 287 21.03 15.20 1.51
C SER F 287 20.63 13.85 2.11
N SER F 288 19.38 13.76 2.55
CA SER F 288 18.86 12.58 3.22
C SER F 288 17.64 12.03 2.48
N LEU F 289 17.73 11.96 1.16
CA LEU F 289 16.67 11.34 0.39
C LEU F 289 16.62 9.85 0.70
N PRO F 290 15.44 9.22 0.60
CA PRO F 290 15.33 7.81 1.01
C PRO F 290 15.73 6.80 -0.05
N PHE F 291 16.13 7.23 -1.24
CA PHE F 291 16.51 6.29 -2.30
C PHE F 291 17.61 6.91 -3.15
N GLN F 292 18.31 6.06 -3.89
CA GLN F 292 19.33 6.50 -4.82
C GLN F 292 19.53 5.44 -5.89
N ASN F 293 20.00 5.88 -7.05
CA ASN F 293 20.23 5.01 -8.20
C ASN F 293 21.56 5.33 -8.86
N VAL F 294 22.58 5.59 -8.05
CA VAL F 294 23.90 5.95 -8.56
C VAL F 294 24.87 4.77 -8.48
N HIS F 295 24.73 3.93 -7.45
CA HIS F 295 25.60 2.76 -7.31
C HIS F 295 25.05 1.83 -6.25
N PRO F 296 25.06 0.50 -6.46
CA PRO F 296 24.63 -0.41 -5.39
C PRO F 296 25.68 -0.65 -4.31
N VAL F 297 26.78 0.09 -4.33
CA VAL F 297 27.85 -0.03 -3.34
C VAL F 297 27.95 1.30 -2.60
N THR F 298 27.86 1.25 -1.28
CA THR F 298 27.85 2.45 -0.45
C THR F 298 28.61 2.19 0.85
N ILE F 299 29.05 3.27 1.47
CA ILE F 299 29.78 3.23 2.74
C ILE F 299 29.21 4.34 3.62
N GLY F 300 28.34 3.98 4.55
CA GLY F 300 27.80 4.90 5.54
C GLY F 300 26.30 4.78 5.64
N GLU F 301 25.70 5.74 6.35
CA GLU F 301 24.25 5.77 6.55
C GLU F 301 23.63 6.52 5.37
N CYS F 302 23.18 5.76 4.38
CA CYS F 302 22.52 6.34 3.22
C CYS F 302 21.75 5.23 2.52
N PRO F 303 20.88 5.56 1.55
CA PRO F 303 19.72 4.72 1.31
C PRO F 303 19.88 3.51 0.39
N LYS F 304 18.76 2.82 0.18
CA LYS F 304 18.77 1.58 -0.58
C LYS F 304 18.87 1.87 -2.07
N TYR F 305 19.68 1.07 -2.75
CA TYR F 305 19.82 1.19 -4.20
C TYR F 305 18.49 0.84 -4.87
N VAL F 306 18.10 1.66 -5.83
CA VAL F 306 16.87 1.48 -6.58
C VAL F 306 17.18 1.53 -8.06
N ARG F 307 16.70 0.55 -8.81
CA ARG F 307 16.95 0.49 -10.25
C ARG F 307 16.07 1.44 -11.03
N SER F 308 14.99 1.95 -10.43
CA SER F 308 14.09 2.84 -11.14
C SER F 308 14.83 4.06 -11.68
N ALA F 309 14.19 4.72 -12.65
CA ALA F 309 14.78 5.89 -13.30
C ALA F 309 14.38 7.19 -12.61
N LYS F 310 13.10 7.39 -12.34
CA LYS F 310 12.63 8.59 -11.66
C LYS F 310 11.34 8.29 -10.95
N LEU F 311 11.10 9.01 -9.85
CA LEU F 311 9.85 8.89 -9.11
C LEU F 311 9.69 10.09 -8.19
N ARG F 312 8.55 10.75 -8.28
CA ARG F 312 8.25 11.92 -7.47
C ARG F 312 6.77 11.90 -7.10
N MET F 313 6.45 12.46 -5.95
CA MET F 313 5.08 12.75 -5.59
C MET F 313 4.81 14.24 -5.74
N VAL F 314 3.53 14.60 -5.68
CA VAL F 314 3.08 15.95 -5.90
C VAL F 314 2.60 16.53 -4.57
N THR F 315 2.52 17.85 -4.53
CA THR F 315 1.88 18.57 -3.44
C THR F 315 0.76 19.48 -3.92
N GLY F 316 0.93 20.13 -5.06
CA GLY F 316 -0.08 21.00 -5.63
C GLY F 316 -1.03 20.25 -6.53
N LEU F 317 -1.69 20.99 -7.41
CA LEU F 317 -2.70 20.46 -8.29
C LEU F 317 -2.13 20.25 -9.70
N ARG F 318 -2.96 19.66 -10.57
CA ARG F 318 -2.58 19.46 -11.95
C ARG F 318 -2.46 20.82 -12.65
N ASN F 319 -1.39 20.98 -13.43
CA ASN F 319 -1.07 22.27 -14.04
C ASN F 319 -1.74 22.27 -15.40
N ILE F 320 -2.85 23.01 -15.52
CA ILE F 320 -3.53 23.21 -16.78
C ILE F 320 -3.73 24.71 -16.98
N PRO F 321 -2.74 25.44 -17.53
CA PRO F 321 -2.85 26.91 -17.58
C PRO F 321 -4.04 27.39 -18.40
N SER F 322 -4.15 26.88 -19.62
CA SER F 322 -5.25 27.26 -20.50
C SER F 322 -5.45 26.16 -21.53
N ILE F 323 -6.62 26.17 -22.15
CA ILE F 323 -6.96 25.17 -23.16
C ILE F 323 -6.63 25.71 -24.54
N GLU G 1 -17.62 33.49 -39.36
CA GLU G 1 -17.31 34.91 -39.03
C GLU G 1 -18.45 35.53 -38.24
N VAL G 2 -18.13 36.55 -37.43
CA VAL G 2 -19.09 37.23 -36.59
C VAL G 2 -19.29 38.65 -37.12
N GLN G 3 -20.56 39.03 -37.29
CA GLN G 3 -20.93 40.33 -37.82
C GLN G 3 -21.83 41.03 -36.81
N LEU G 4 -21.64 42.35 -36.68
CA LEU G 4 -22.42 43.18 -35.78
C LEU G 4 -23.03 44.33 -36.58
N LEU G 5 -24.26 44.69 -36.22
CA LEU G 5 -24.97 45.79 -36.86
C LEU G 5 -25.48 46.74 -35.78
N GLU G 6 -25.39 48.04 -36.06
CA GLU G 6 -25.79 49.07 -35.12
C GLU G 6 -26.61 50.15 -35.82
N SER G 7 -27.47 50.80 -35.07
CA SER G 7 -28.33 51.86 -35.60
C SER G 7 -28.80 52.74 -34.47
N GLY G 8 -29.34 53.91 -34.83
CA GLY G 8 -29.90 54.84 -33.88
C GLY G 8 -29.15 56.15 -33.73
N GLY G 9 -28.12 56.41 -34.54
CA GLY G 9 -27.38 57.66 -34.42
C GLY G 9 -28.12 58.83 -35.04
N GLY G 10 -27.60 60.01 -34.77
CA GLY G 10 -28.17 61.23 -35.31
C GLY G 10 -27.86 62.41 -34.41
N LEU G 11 -28.77 63.37 -34.42
CA LEU G 11 -28.66 64.60 -33.64
C LEU G 11 -29.74 64.60 -32.57
N VAL G 12 -29.37 64.97 -31.34
CA VAL G 12 -30.30 65.02 -30.22
C VAL G 12 -30.00 66.25 -29.39
N ARG G 13 -31.05 66.91 -28.91
CA ARG G 13 -30.89 68.06 -28.04
C ARG G 13 -30.70 67.58 -26.61
N PRO G 14 -30.06 68.38 -25.75
CA PRO G 14 -29.93 67.98 -24.35
C PRO G 14 -31.30 67.79 -23.71
N GLY G 15 -31.41 66.75 -22.87
CA GLY G 15 -32.66 66.41 -22.23
C GLY G 15 -33.48 65.35 -22.94
N GLY G 16 -33.10 64.94 -24.14
CA GLY G 16 -33.80 63.90 -24.88
C GLY G 16 -33.33 62.51 -24.50
N SER G 17 -33.96 61.52 -25.13
CA SER G 17 -33.68 60.12 -24.86
C SER G 17 -33.51 59.37 -26.18
N LEU G 18 -32.48 58.53 -26.25
CA LEU G 18 -32.14 57.76 -27.44
C LEU G 18 -32.10 56.27 -27.13
N ARG G 19 -32.22 55.49 -28.20
CA ARG G 19 -32.14 54.03 -28.13
C ARG G 19 -31.32 53.54 -29.31
N LEU G 20 -30.12 53.03 -29.03
CA LEU G 20 -29.23 52.50 -30.06
C LEU G 20 -29.41 50.99 -30.10
N SER G 21 -29.98 50.47 -31.18
CA SER G 21 -30.14 49.04 -31.36
C SER G 21 -28.88 48.48 -32.01
N CYS G 22 -28.31 47.44 -31.40
CA CYS G 22 -27.04 46.86 -31.83
C CYS G 22 -27.23 45.34 -31.89
N LYS G 23 -27.61 44.85 -33.07
CA LYS G 23 -27.92 43.44 -33.24
C LYS G 23 -26.64 42.60 -33.17
N ALA G 24 -26.83 41.31 -32.92
CA ALA G 24 -25.73 40.35 -32.83
C ALA G 24 -26.04 39.13 -33.68
N SER G 25 -24.99 38.57 -34.28
CA SER G 25 -25.12 37.36 -35.07
C SER G 25 -23.76 36.70 -35.20
N GLY G 26 -23.78 35.42 -35.54
CA GLY G 26 -22.56 34.65 -35.75
C GLY G 26 -21.98 34.00 -34.52
N PHE G 27 -22.58 34.18 -33.36
CA PHE G 27 -22.08 33.58 -32.13
C PHE G 27 -23.22 33.41 -31.13
N SER G 28 -22.98 32.57 -30.13
CA SER G 28 -23.98 32.30 -29.11
C SER G 28 -24.15 33.53 -28.23
N PHE G 29 -25.19 34.31 -28.49
CA PHE G 29 -25.42 35.53 -27.72
C PHE G 29 -25.89 35.22 -26.31
N SER G 30 -26.54 34.08 -26.09
CA SER G 30 -27.07 33.76 -24.78
C SER G 30 -25.96 33.61 -23.74
N ARG G 31 -24.87 32.93 -24.12
CA ARG G 31 -23.79 32.62 -23.18
C ARG G 31 -22.69 33.66 -23.19
N HIS G 32 -22.73 34.65 -24.07
CA HIS G 32 -21.72 35.68 -24.17
C HIS G 32 -22.27 37.01 -23.67
N GLY G 33 -21.38 37.83 -23.10
CA GLY G 33 -21.77 39.16 -22.68
C GLY G 33 -21.66 40.17 -23.80
N LEU G 34 -21.93 41.43 -23.45
CA LEU G 34 -21.79 42.53 -24.38
C LEU G 34 -21.51 43.80 -23.58
N SER G 35 -20.94 44.80 -24.25
CA SER G 35 -20.58 46.04 -23.59
C SER G 35 -20.51 47.15 -24.63
N TRP G 36 -20.32 48.38 -24.13
CA TRP G 36 -20.29 49.56 -24.97
C TRP G 36 -19.06 50.39 -24.65
N VAL G 37 -18.50 51.04 -25.69
CA VAL G 37 -17.36 51.94 -25.54
C VAL G 37 -17.63 53.19 -26.34
N ARG G 38 -17.04 54.29 -25.91
CA ARG G 38 -17.30 55.61 -26.47
C ARG G 38 -15.98 56.32 -26.72
N GLN G 39 -15.87 56.98 -27.87
CA GLN G 39 -14.65 57.67 -28.27
C GLN G 39 -14.99 59.10 -28.67
N ALA G 40 -14.55 60.05 -27.86
CA ALA G 40 -14.70 61.45 -28.22
C ALA G 40 -13.77 61.79 -29.38
N PRO G 41 -14.08 62.83 -30.15
CA PRO G 41 -13.21 63.18 -31.29
C PRO G 41 -11.82 63.62 -30.80
N GLY G 42 -10.80 62.85 -31.20
CA GLY G 42 -9.43 63.18 -30.89
C GLY G 42 -8.87 62.54 -29.64
N LYS G 43 -9.72 62.07 -28.74
CA LYS G 43 -9.30 61.51 -27.46
C LYS G 43 -9.44 59.99 -27.48
N GLY G 44 -9.02 59.36 -26.39
CA GLY G 44 -9.06 57.92 -26.29
C GLY G 44 -10.43 57.38 -25.93
N LEU G 45 -10.57 56.06 -26.06
CA LEU G 45 -11.83 55.40 -25.76
C LEU G 45 -12.10 55.43 -24.26
N GLU G 46 -13.39 55.50 -23.92
CA GLU G 46 -13.84 55.54 -22.52
C GLU G 46 -15.02 54.60 -22.38
N TRP G 47 -14.78 53.42 -21.85
CA TRP G 47 -15.82 52.42 -21.68
C TRP G 47 -16.92 52.94 -20.77
N VAL G 48 -18.18 52.59 -21.09
CA VAL G 48 -19.34 53.15 -20.42
C VAL G 48 -20.14 52.08 -19.67
N SER G 49 -20.36 50.92 -20.28
CA SER G 49 -21.25 49.93 -19.68
C SER G 49 -20.92 48.54 -20.21
N SER G 50 -21.06 47.54 -19.33
CA SER G 50 -20.90 46.14 -19.70
C SER G 50 -21.95 45.32 -18.95
N ILE G 51 -22.51 44.33 -19.62
CA ILE G 51 -23.58 43.50 -19.06
C ILE G 51 -23.29 42.05 -19.40
N SER G 52 -23.41 41.18 -18.40
CA SER G 52 -23.13 39.76 -18.57
C SER G 52 -24.40 39.05 -19.08
N GLY G 53 -24.39 37.73 -19.05
CA GLY G 53 -25.50 36.98 -19.59
C GLY G 53 -26.77 37.14 -18.78
N SER G 54 -27.90 36.93 -19.46
CA SER G 54 -29.23 36.84 -18.87
C SER G 54 -29.64 38.09 -18.10
N SER G 55 -28.99 39.22 -18.33
CA SER G 55 -29.42 40.52 -17.80
C SER G 55 -29.60 40.48 -16.27
N LEU G 56 -28.58 39.97 -15.59
CA LEU G 56 -28.55 39.98 -14.13
C LEU G 56 -27.34 40.71 -13.56
N SER G 57 -26.40 41.13 -14.39
CA SER G 57 -25.18 41.82 -13.94
C SER G 57 -25.01 43.06 -14.78
N ARG G 58 -25.26 44.23 -14.18
CA ARG G 58 -25.20 45.52 -14.86
C ARG G 58 -24.19 46.41 -14.15
N TYR G 59 -23.28 47.01 -14.93
CA TYR G 59 -22.30 47.94 -14.38
C TYR G 59 -22.19 49.13 -15.31
N TYR G 60 -21.98 50.31 -14.74
CA TYR G 60 -21.90 51.56 -15.47
C TYR G 60 -20.66 52.34 -15.05
N ALA G 61 -20.12 53.11 -15.98
CA ALA G 61 -19.01 53.98 -15.66
C ALA G 61 -19.47 55.12 -14.76
N ASP G 62 -18.56 55.55 -13.88
CA ASP G 62 -18.92 56.58 -12.90
C ASP G 62 -19.38 57.87 -13.55
N SER G 63 -18.98 58.13 -14.80
CA SER G 63 -19.36 59.38 -15.45
C SER G 63 -20.87 59.47 -15.65
N VAL G 64 -21.51 58.36 -15.99
CA VAL G 64 -22.94 58.33 -16.28
C VAL G 64 -23.70 57.42 -15.32
N LYS G 65 -23.11 57.08 -14.17
CA LYS G 65 -23.74 56.12 -13.27
C LYS G 65 -25.04 56.67 -12.73
N GLY G 66 -26.07 55.82 -12.70
CA GLY G 66 -27.38 56.20 -12.25
C GLY G 66 -28.17 57.04 -13.24
N ARG G 67 -27.70 57.16 -14.48
CA ARG G 67 -28.33 58.02 -15.48
C ARG G 67 -28.38 57.35 -16.85
N PHE G 68 -27.93 56.10 -16.97
CA PHE G 68 -28.06 55.31 -18.18
C PHE G 68 -28.76 54.01 -17.81
N THR G 69 -29.21 53.29 -18.84
CA THR G 69 -29.84 51.99 -18.62
C THR G 69 -29.62 51.11 -19.84
N ILE G 70 -29.43 49.82 -19.61
CA ILE G 70 -29.14 48.87 -20.68
C ILE G 70 -30.03 47.64 -20.49
N SER G 71 -30.49 47.09 -21.61
CA SER G 71 -31.32 45.90 -21.60
C SER G 71 -30.99 45.06 -22.82
N ARG G 72 -31.33 43.77 -22.75
CA ARG G 72 -31.06 42.83 -23.82
C ARG G 72 -32.26 41.93 -24.07
N ASP G 73 -32.37 41.46 -25.31
CA ASP G 73 -33.43 40.55 -25.73
C ASP G 73 -32.79 39.33 -26.38
N ASN G 74 -33.07 38.15 -25.83
CA ASN G 74 -32.49 36.93 -26.38
C ASN G 74 -33.15 36.49 -27.68
N SER G 75 -34.47 36.66 -27.78
CA SER G 75 -35.18 36.22 -28.98
C SER G 75 -34.69 36.97 -30.21
N GLN G 76 -34.54 38.28 -30.11
CA GLN G 76 -34.09 39.12 -31.22
C GLN G 76 -32.58 39.34 -31.20
N ASN G 77 -31.86 38.71 -30.28
CA ASN G 77 -30.40 38.76 -30.18
C ASN G 77 -29.82 40.15 -30.39
N THR G 78 -30.47 41.16 -29.84
CA THR G 78 -30.05 42.55 -29.98
C THR G 78 -29.92 43.20 -28.62
N LEU G 79 -29.03 44.19 -28.55
CA LEU G 79 -28.79 44.96 -27.34
C LEU G 79 -29.22 46.40 -27.56
N TYR G 80 -29.77 47.01 -26.52
CA TYR G 80 -30.23 48.39 -26.55
C TYR G 80 -29.36 49.24 -25.63
N LEU G 81 -29.31 50.53 -25.92
CA LEU G 81 -28.60 51.51 -25.10
C LEU G 81 -29.58 52.64 -24.79
N GLN G 82 -30.29 52.53 -23.68
CA GLN G 82 -31.19 53.58 -23.22
C GLN G 82 -30.40 54.66 -22.48
N MET G 83 -30.75 55.91 -22.74
CA MET G 83 -30.08 57.05 -22.13
C MET G 83 -31.03 58.23 -22.09
N ASN G 84 -30.69 59.21 -21.27
CA ASN G 84 -31.45 60.46 -21.19
C ASN G 84 -30.53 61.55 -20.68
N SER G 85 -30.95 62.80 -20.92
CA SER G 85 -30.20 63.97 -20.48
C SER G 85 -28.79 63.98 -21.10
N LEU G 86 -28.79 64.09 -22.43
CA LEU G 86 -27.54 64.09 -23.17
C LEU G 86 -26.73 65.35 -22.84
N ARG G 87 -25.40 65.23 -22.96
CA ARG G 87 -24.46 66.27 -22.59
C ARG G 87 -23.83 66.89 -23.83
N VAL G 88 -23.21 68.06 -23.63
CA VAL G 88 -22.52 68.72 -24.73
C VAL G 88 -21.16 68.11 -25.01
N GLU G 89 -20.57 67.41 -24.03
CA GLU G 89 -19.30 66.72 -24.20
C GLU G 89 -19.47 65.27 -24.62
N ASP G 90 -20.70 64.83 -24.88
CA ASP G 90 -21.00 63.45 -25.19
C ASP G 90 -21.03 63.17 -26.69
N THR G 91 -20.54 64.10 -27.51
CA THR G 91 -20.51 63.90 -28.95
C THR G 91 -19.42 62.89 -29.27
N ALA G 92 -19.80 61.63 -29.45
CA ALA G 92 -18.82 60.57 -29.64
C ALA G 92 -19.47 59.39 -30.35
N VAL G 93 -18.61 58.56 -30.95
CA VAL G 93 -19.04 57.33 -31.60
C VAL G 93 -19.17 56.25 -30.54
N PHE G 94 -20.12 55.34 -30.73
CA PHE G 94 -20.43 54.30 -29.76
C PHE G 94 -20.36 52.95 -30.45
N TYR G 95 -19.29 52.20 -30.19
CA TYR G 95 -19.11 50.88 -30.78
C TYR G 95 -19.69 49.80 -29.86
N CYS G 96 -19.90 48.61 -30.45
CA CYS G 96 -20.32 47.44 -29.72
C CYS G 96 -19.15 46.47 -29.61
N VAL G 97 -19.01 45.86 -28.45
CA VAL G 97 -17.91 44.94 -28.17
C VAL G 97 -18.45 43.72 -27.48
N LYS G 98 -17.84 42.57 -27.77
CA LYS G 98 -18.28 41.28 -27.25
C LYS G 98 -17.40 40.86 -26.07
N ASP G 99 -18.02 40.60 -24.94
CA ASP G 99 -17.30 40.08 -23.80
C ASP G 99 -16.84 38.65 -24.09
N ARG G 100 -15.87 38.19 -23.30
CA ARG G 100 -15.31 36.86 -23.53
C ARG G 100 -16.38 35.78 -23.39
N LEU G 101 -16.92 35.63 -22.18
CA LEU G 101 -17.91 34.59 -21.92
C LEU G 101 -18.52 34.84 -20.55
N ASP G 102 -19.79 34.47 -20.41
CA ASP G 102 -20.45 34.62 -19.12
C ASP G 102 -19.75 33.79 -18.06
N THR G 103 -19.42 32.55 -18.38
CA THR G 103 -18.60 31.74 -17.51
C THR G 103 -17.13 32.10 -17.78
N ALA G 104 -16.20 31.30 -17.24
CA ALA G 104 -14.78 31.57 -17.37
C ALA G 104 -14.45 32.83 -16.58
N VAL G 105 -13.43 32.75 -15.73
CA VAL G 105 -13.17 33.81 -14.76
C VAL G 105 -12.49 35.02 -15.40
N PRO G 106 -11.38 34.88 -16.12
CA PRO G 106 -10.72 36.10 -16.64
C PRO G 106 -11.50 36.74 -17.77
N ARG G 107 -12.06 37.91 -17.53
CA ARG G 107 -12.92 38.60 -18.49
C ARG G 107 -12.42 40.02 -18.71
N GLY G 108 -12.73 40.56 -19.89
CA GLY G 108 -12.45 41.96 -20.17
C GLY G 108 -11.98 42.27 -21.58
N TRP G 109 -11.34 41.32 -22.26
CA TRP G 109 -10.88 41.62 -23.61
C TRP G 109 -12.05 41.56 -24.58
N PHE G 110 -11.97 42.36 -25.64
CA PHE G 110 -13.00 42.40 -26.67
C PHE G 110 -12.43 41.87 -27.97
N ASP G 111 -13.10 40.86 -28.55
CA ASP G 111 -12.66 40.25 -29.79
C ASP G 111 -13.28 40.93 -31.00
N SER G 112 -14.61 40.98 -31.04
CA SER G 112 -15.35 41.50 -32.19
C SER G 112 -15.72 42.95 -31.94
N TRP G 113 -15.48 43.80 -32.96
CA TRP G 113 -15.81 45.21 -32.89
C TRP G 113 -16.66 45.59 -34.09
N GLY G 114 -17.81 46.19 -33.84
CA GLY G 114 -18.64 46.70 -34.92
C GLY G 114 -18.16 48.04 -35.42
N GLN G 115 -18.85 48.54 -36.46
CA GLN G 115 -18.48 49.84 -37.01
C GLN G 115 -18.81 50.95 -36.02
N GLY G 116 -19.97 50.87 -35.37
CA GLY G 116 -20.44 51.93 -34.50
C GLY G 116 -21.22 52.98 -35.27
N ILE G 117 -21.73 53.96 -34.51
CA ILE G 117 -22.57 55.02 -35.06
C ILE G 117 -22.30 56.29 -34.27
N LEU G 118 -22.66 57.42 -34.89
CA LEU G 118 -22.35 58.74 -34.37
C LEU G 118 -23.58 59.37 -33.72
N VAL G 119 -23.41 59.87 -32.51
CA VAL G 119 -24.45 60.62 -31.80
C VAL G 119 -23.87 61.98 -31.43
N THR G 120 -24.58 63.04 -31.81
CA THR G 120 -24.11 64.41 -31.62
C THR G 120 -25.13 65.16 -30.79
N VAL G 121 -24.85 66.44 -30.55
CA VAL G 121 -25.75 67.31 -29.81
C VAL G 121 -25.69 68.72 -30.38
N SER G 122 -26.73 69.50 -30.09
CA SER G 122 -26.83 70.88 -30.56
C SER G 122 -27.52 71.70 -29.49
N SER G 123 -27.29 73.01 -29.53
CA SER G 123 -27.90 73.92 -28.58
C SER G 123 -29.36 74.16 -28.93
N GLU H 1 -10.15 53.89 -9.08
CA GLU H 1 -10.02 53.75 -10.55
C GLU H 1 -8.56 53.55 -10.94
N ILE H 2 -8.30 52.52 -11.74
CA ILE H 2 -6.95 52.25 -12.21
C ILE H 2 -6.60 53.25 -13.31
N VAL H 3 -5.43 53.87 -13.18
CA VAL H 3 -4.97 54.90 -14.11
C VAL H 3 -3.88 54.29 -14.98
N MET H 4 -3.89 54.67 -16.26
CA MET H 4 -2.87 54.25 -17.22
C MET H 4 -2.40 55.46 -18.01
N THR H 5 -1.16 55.39 -18.50
CA THR H 5 -0.62 56.44 -19.35
C THR H 5 0.52 55.87 -20.18
N GLN H 6 0.72 56.45 -21.36
CA GLN H 6 1.79 56.09 -22.27
C GLN H 6 2.59 57.35 -22.57
N SER H 7 3.91 57.18 -22.79
CA SER H 7 4.74 58.33 -23.09
C SER H 7 6.05 57.87 -23.70
N PRO H 8 6.65 58.62 -24.63
CA PRO H 8 6.10 59.77 -25.37
C PRO H 8 4.91 59.40 -26.25
N ALA H 9 4.26 60.41 -26.83
CA ALA H 9 3.05 60.19 -27.62
C ALA H 9 3.36 60.07 -29.11
N THR H 10 4.06 61.06 -29.67
CA THR H 10 4.32 61.12 -31.10
C THR H 10 5.74 60.62 -31.38
N LEU H 11 5.86 59.70 -32.33
CA LEU H 11 7.16 59.17 -32.73
C LEU H 11 7.12 58.78 -34.20
N SER H 12 8.22 59.04 -34.90
CA SER H 12 8.39 58.68 -36.30
C SER H 12 9.61 57.77 -36.42
N VAL H 13 9.43 56.62 -37.06
CA VAL H 13 10.49 55.63 -37.22
C VAL H 13 10.46 55.13 -38.65
N SER H 14 11.63 54.82 -39.19
CA SER H 14 11.70 54.28 -40.54
C SER H 14 11.03 52.91 -40.58
N PRO H 15 10.36 52.55 -41.68
CA PRO H 15 9.70 51.24 -41.72
C PRO H 15 10.70 50.10 -41.63
N GLY H 16 10.27 49.02 -41.00
CA GLY H 16 11.08 47.83 -40.84
C GLY H 16 12.00 47.84 -39.63
N ASP H 17 12.06 48.94 -38.89
CA ASP H 17 12.93 49.05 -37.73
C ASP H 17 12.19 48.56 -36.48
N ARG H 18 12.77 48.84 -35.32
CA ARG H 18 12.20 48.44 -34.03
C ARG H 18 11.83 49.70 -33.25
N ALA H 19 10.60 49.74 -32.75
CA ALA H 19 10.11 50.87 -31.97
C ALA H 19 9.14 50.35 -30.93
N THR H 20 9.41 50.68 -29.66
CA THR H 20 8.62 50.20 -28.54
C THR H 20 8.15 51.38 -27.70
N LEU H 21 6.86 51.40 -27.39
CA LEU H 21 6.27 52.40 -26.49
C LEU H 21 5.62 51.67 -25.33
N SER H 22 5.90 52.14 -24.12
CA SER H 22 5.48 51.47 -22.89
C SER H 22 4.39 52.29 -22.20
N CYS H 23 3.39 51.61 -21.67
CA CYS H 23 2.31 52.24 -20.93
C CYS H 23 2.42 51.86 -19.45
N ARG H 24 2.47 52.87 -18.60
CA ARG H 24 2.60 52.66 -17.17
C ARG H 24 1.31 52.08 -16.60
N ALA H 25 1.29 51.80 -15.31
CA ALA H 25 0.11 51.25 -14.67
C ALA H 25 0.19 51.44 -13.16
N SER H 26 -0.73 52.23 -12.62
CA SER H 26 -0.89 52.28 -11.17
C SER H 26 -1.37 50.92 -10.67
N GLN H 27 -0.83 50.50 -9.53
CA GLN H 27 -1.13 49.18 -8.97
C GLN H 27 -0.59 48.10 -9.90
N SER H 28 -0.63 46.84 -9.46
CA SER H 28 -0.18 45.71 -10.25
C SER H 28 -1.39 44.95 -10.76
N VAL H 29 -1.46 44.76 -12.07
CA VAL H 29 -2.56 44.03 -12.69
C VAL H 29 -2.12 42.63 -13.15
N SER H 30 -1.04 42.11 -12.57
CA SER H 30 -0.52 40.78 -12.92
C SER H 30 -0.23 40.78 -14.42
N THR H 31 -0.39 39.66 -15.10
CA THR H 31 -0.19 39.58 -16.55
C THR H 31 -1.44 39.90 -17.34
N GLU H 32 -2.47 40.43 -16.68
CA GLU H 32 -3.76 40.67 -17.31
C GLU H 32 -3.76 42.06 -17.94
N LEU H 33 -3.74 42.10 -19.27
CA LEU H 33 -3.66 43.36 -20.01
C LEU H 33 -3.91 43.06 -21.48
N ALA H 34 -4.48 44.04 -22.18
CA ALA H 34 -4.76 43.90 -23.60
C ALA H 34 -4.23 45.11 -24.35
N TRP H 35 -3.79 44.88 -25.59
CA TRP H 35 -3.29 45.92 -26.47
C TRP H 35 -4.11 45.93 -27.75
N TYR H 36 -4.51 47.13 -28.19
CA TYR H 36 -5.44 47.29 -29.30
C TYR H 36 -4.82 48.13 -30.40
N GLN H 37 -5.23 47.82 -31.63
CA GLN H 37 -4.90 48.59 -32.82
C GLN H 37 -6.08 49.45 -33.23
N GLN H 38 -5.78 50.56 -33.90
CA GLN H 38 -6.83 51.39 -34.51
C GLN H 38 -6.21 52.09 -35.72
N LYS H 39 -6.41 51.53 -36.90
CA LYS H 39 -5.94 52.17 -38.10
C LYS H 39 -6.83 53.36 -38.44
N PRO H 40 -6.30 54.38 -39.14
CA PRO H 40 -7.15 55.54 -39.43
C PRO H 40 -8.25 55.21 -40.43
N GLY H 41 -9.49 55.17 -39.94
CA GLY H 41 -10.65 54.98 -40.82
C GLY H 41 -11.71 54.04 -40.31
N GLN H 42 -11.33 53.02 -39.53
CA GLN H 42 -12.25 51.99 -39.10
C GLN H 42 -12.13 51.80 -37.60
N ALA H 43 -12.87 50.81 -37.08
CA ALA H 43 -12.94 50.60 -35.64
C ALA H 43 -11.70 49.86 -35.14
N PRO H 44 -11.41 49.91 -33.85
CA PRO H 44 -10.26 49.18 -33.31
C PRO H 44 -10.47 47.67 -33.37
N ARG H 45 -9.35 46.96 -33.36
CA ARG H 45 -9.30 45.51 -33.28
C ARG H 45 -8.43 45.10 -32.08
N LEU H 46 -8.25 43.79 -31.93
CA LEU H 46 -7.49 43.24 -30.81
C LEU H 46 -6.21 42.61 -31.32
N LEU H 47 -5.11 42.79 -30.57
CA LEU H 47 -3.82 42.21 -30.90
C LEU H 47 -3.37 41.16 -29.90
N ILE H 48 -3.25 41.54 -28.63
CA ILE H 48 -2.68 40.66 -27.61
C ILE H 48 -3.62 40.68 -26.41
N TYR H 49 -4.10 39.51 -26.02
CA TYR H 49 -4.91 39.36 -24.82
C TYR H 49 -4.14 38.52 -23.81
N GLY H 50 -4.08 39.00 -22.57
CA GLY H 50 -3.27 38.38 -21.56
C GLY H 50 -1.81 38.78 -21.57
N ALA H 51 -1.42 39.67 -22.47
CA ALA H 51 -0.03 40.15 -22.57
C ALA H 51 0.95 39.03 -22.89
N SER H 52 0.47 37.92 -23.43
CA SER H 52 1.34 36.79 -23.78
C SER H 52 1.02 36.13 -25.10
N THR H 53 -0.16 36.33 -25.69
CA THR H 53 -0.56 35.61 -26.89
C THR H 53 -1.30 36.54 -27.84
N ARG H 54 -1.23 36.20 -29.12
CA ARG H 54 -1.91 36.96 -30.16
C ARG H 54 -3.34 36.46 -30.33
N ALA H 55 -4.13 37.23 -31.05
CA ALA H 55 -5.52 36.87 -31.34
C ALA H 55 -5.55 35.97 -32.58
N THR H 56 -6.75 35.74 -33.10
CA THR H 56 -6.91 34.90 -34.28
C THR H 56 -6.59 35.70 -35.54
N ASP H 57 -5.79 35.12 -36.43
CA ASP H 57 -5.43 35.74 -37.70
C ASP H 57 -4.75 37.09 -37.46
N ILE H 58 -3.59 37.03 -36.81
CA ILE H 58 -2.79 38.21 -36.47
C ILE H 58 -1.38 37.96 -36.95
N PRO H 59 -0.75 38.89 -37.68
CA PRO H 59 0.68 38.73 -37.98
C PRO H 59 1.50 38.66 -36.70
N ALA H 60 2.52 37.82 -36.72
CA ALA H 60 3.30 37.49 -35.53
C ALA H 60 4.45 38.45 -35.28
N ARG H 61 4.61 39.49 -36.10
CA ARG H 61 5.73 40.41 -35.92
C ARG H 61 5.64 41.20 -34.63
N PHE H 62 4.48 41.22 -33.98
CA PHE H 62 4.33 41.92 -32.71
C PHE H 62 4.86 41.05 -31.55
N SER H 63 5.02 41.69 -30.39
CA SER H 63 5.54 41.02 -29.21
C SER H 63 4.78 41.51 -27.98
N GLY H 64 4.27 40.57 -27.20
CA GLY H 64 3.62 40.88 -25.95
C GLY H 64 4.46 40.50 -24.76
N SER H 65 5.04 41.49 -24.07
CA SER H 65 5.95 41.25 -22.97
C SER H 65 5.66 42.24 -21.84
N GLY H 66 5.99 41.80 -20.62
CA GLY H 66 5.83 42.64 -19.45
C GLY H 66 5.11 41.95 -18.31
N SER H 67 5.25 42.48 -17.11
CA SER H 67 4.56 41.93 -15.94
C SER H 67 4.40 43.04 -14.92
N GLY H 68 3.33 42.96 -14.12
CA GLY H 68 3.09 43.98 -13.11
C GLY H 68 2.92 45.36 -13.73
N THR H 69 3.55 46.35 -13.10
CA THR H 69 3.43 47.72 -13.59
C THR H 69 4.25 47.93 -14.85
N GLU H 70 5.46 47.38 -14.90
CA GLU H 70 6.33 47.54 -16.05
C GLU H 70 5.78 46.70 -17.21
N PHE H 71 5.20 47.38 -18.19
CA PHE H 71 4.62 46.73 -19.36
C PHE H 71 5.20 47.37 -20.61
N THR H 72 5.53 46.53 -21.59
CA THR H 72 6.20 46.96 -22.80
C THR H 72 5.54 46.31 -24.01
N LEU H 73 5.67 46.98 -25.15
CA LEU H 73 5.26 46.43 -26.43
C LEU H 73 6.36 46.72 -27.43
N THR H 74 6.73 45.71 -28.23
CA THR H 74 7.77 45.86 -29.23
C THR H 74 7.36 45.13 -30.50
N ILE H 75 7.75 45.70 -31.64
CA ILE H 75 7.42 45.16 -32.95
C ILE H 75 8.72 44.82 -33.66
N SER H 76 8.80 43.59 -34.17
CA SER H 76 10.03 43.16 -34.86
C SER H 76 10.27 44.00 -36.11
N SER H 77 9.27 44.13 -36.96
CA SER H 77 9.37 44.91 -38.19
C SER H 77 8.12 45.77 -38.34
N LEU H 78 8.31 46.94 -38.94
CA LEU H 78 7.24 47.91 -39.13
C LEU H 78 6.96 48.08 -40.63
N GLN H 79 5.70 47.97 -41.01
CA GLN H 79 5.24 48.22 -42.36
C GLN H 79 4.38 49.48 -42.37
N SER H 80 3.98 49.89 -43.58
CA SER H 80 3.14 51.08 -43.70
C SER H 80 1.78 50.91 -43.04
N GLU H 81 1.33 49.66 -42.86
CA GLU H 81 0.05 49.43 -42.19
C GLU H 81 0.16 49.59 -40.68
N ASP H 82 1.33 49.29 -40.11
CA ASP H 82 1.49 49.34 -38.66
C ASP H 82 1.37 50.75 -38.10
N PHE H 83 1.52 51.77 -38.94
CA PHE H 83 1.44 53.15 -38.45
C PHE H 83 0.01 53.50 -38.08
N ALA H 84 -0.33 53.33 -36.80
CA ALA H 84 -1.69 53.52 -36.33
C ALA H 84 -1.63 54.02 -34.90
N VAL H 85 -2.76 53.97 -34.19
CA VAL H 85 -2.88 54.43 -32.82
C VAL H 85 -3.04 53.22 -31.92
N TYR H 86 -2.26 53.17 -30.84
CA TYR H 86 -2.19 52.03 -29.94
C TYR H 86 -2.89 52.36 -28.64
N PHE H 87 -3.61 51.39 -28.09
CA PHE H 87 -4.23 51.51 -26.77
C PHE H 87 -3.85 50.31 -25.92
N CYS H 88 -3.57 50.55 -24.65
CA CYS H 88 -3.29 49.49 -23.68
C CYS H 88 -4.37 49.52 -22.61
N GLN H 89 -4.93 48.35 -22.31
CA GLN H 89 -6.08 48.22 -21.43
C GLN H 89 -5.79 47.21 -20.33
N GLN H 90 -6.29 47.50 -19.13
CA GLN H 90 -6.21 46.62 -17.99
C GLN H 90 -7.61 46.16 -17.61
N TYR H 91 -7.70 44.94 -17.08
CA TYR H 91 -8.99 44.39 -16.67
C TYR H 91 -8.89 43.56 -15.40
N ASN H 92 -7.79 43.62 -14.66
CA ASN H 92 -7.72 42.86 -13.41
C ASN H 92 -8.79 43.33 -12.44
N ASN H 93 -8.94 44.65 -12.28
CA ASN H 93 -10.03 45.24 -11.51
C ASN H 93 -11.05 45.79 -12.52
N TRP H 94 -12.23 45.18 -12.54
CA TRP H 94 -13.18 45.43 -13.62
C TRP H 94 -14.55 45.90 -13.13
N PRO H 95 -14.64 46.85 -12.20
CA PRO H 95 -15.81 47.73 -12.20
C PRO H 95 -15.69 48.79 -13.27
N PRO H 96 -14.51 49.47 -13.39
CA PRO H 96 -14.28 50.30 -14.57
C PRO H 96 -13.42 49.62 -15.62
N ILE H 97 -13.26 50.26 -16.78
CA ILE H 97 -12.21 49.93 -17.74
C ILE H 97 -11.57 51.23 -18.17
N THR H 98 -10.24 51.25 -18.23
CA THR H 98 -9.48 52.45 -18.55
C THR H 98 -8.47 52.15 -19.65
N PHE H 99 -8.50 52.97 -20.69
CA PHE H 99 -7.57 52.89 -21.81
C PHE H 99 -6.49 53.96 -21.67
N GLY H 100 -5.48 53.87 -22.53
CA GLY H 100 -4.45 54.88 -22.60
C GLY H 100 -4.89 56.09 -23.40
N GLN H 101 -3.97 57.02 -23.59
CA GLN H 101 -4.25 58.24 -24.31
C GLN H 101 -3.92 58.15 -25.81
N GLY H 102 -3.38 57.03 -26.27
CA GLY H 102 -3.12 56.84 -27.68
C GLY H 102 -1.79 57.39 -28.13
N THR H 103 -1.04 56.57 -28.88
CA THR H 103 0.26 56.94 -29.42
C THR H 103 0.21 56.79 -30.93
N ARG H 104 0.47 57.88 -31.65
CA ARG H 104 0.37 57.92 -33.10
C ARG H 104 1.75 57.85 -33.73
N LEU H 105 1.85 57.10 -34.82
CA LEU H 105 3.10 56.94 -35.56
C LEU H 105 2.88 57.31 -37.02
N GLU H 106 3.83 58.05 -37.59
CA GLU H 106 3.70 58.56 -38.95
C GLU H 106 5.08 58.70 -39.55
N ILE H 107 5.13 58.68 -40.88
CA ILE H 107 6.40 58.78 -41.61
C ILE H 107 6.31 59.79 -42.74
N LYS H 108 5.21 60.54 -42.82
CA LYS H 108 5.08 61.56 -43.85
C LYS H 108 3.93 62.50 -43.53
N GLY I 1 -27.40 -10.33 3.92
CA GLY I 1 -27.65 -9.84 2.53
C GLY I 1 -26.48 -9.06 1.97
N LEU I 2 -25.89 -9.58 0.90
CA LEU I 2 -24.76 -8.90 0.28
C LEU I 2 -25.15 -7.54 -0.27
N PHE I 3 -26.32 -7.44 -0.92
CA PHE I 3 -26.77 -6.16 -1.45
C PHE I 3 -26.96 -5.14 -0.33
N GLY I 4 -27.32 -5.59 0.86
CA GLY I 4 -27.44 -4.68 2.00
C GLY I 4 -26.10 -4.16 2.50
N ALA I 5 -25.03 -4.93 2.31
CA ALA I 5 -23.71 -4.48 2.74
C ALA I 5 -23.25 -3.27 1.94
N ILE I 6 -23.35 -3.36 0.61
CA ILE I 6 -22.96 -2.23 -0.23
C ILE I 6 -23.96 -1.09 -0.08
N ALA I 7 -25.25 -1.41 0.03
CA ALA I 7 -26.30 -0.40 0.18
C ALA I 7 -26.26 0.62 -0.96
N GLY I 8 -25.99 0.14 -2.17
CA GLY I 8 -25.90 1.03 -3.30
C GLY I 8 -27.25 1.60 -3.70
N PHE I 9 -27.22 2.76 -4.34
CA PHE I 9 -28.45 3.43 -4.77
C PHE I 9 -29.02 2.84 -6.05
N ILE I 10 -28.27 1.98 -6.73
CA ILE I 10 -28.72 1.37 -7.99
C ILE I 10 -28.91 -0.13 -7.75
N GLU I 11 -29.79 -0.72 -8.55
CA GLU I 11 -30.12 -2.14 -8.42
C GLU I 11 -29.00 -2.98 -9.04
N GLY I 12 -29.24 -4.29 -9.18
CA GLY I 12 -28.19 -5.22 -9.56
C GLY I 12 -27.60 -4.98 -10.93
N GLY I 13 -28.26 -4.18 -11.77
CA GLY I 13 -27.78 -3.88 -13.10
C GLY I 13 -28.51 -4.71 -14.15
N TRP I 14 -28.20 -4.41 -15.40
CA TRP I 14 -28.86 -5.04 -16.54
C TRP I 14 -27.89 -5.97 -17.25
N THR I 15 -28.44 -6.74 -18.20
CA THR I 15 -27.67 -7.64 -19.03
C THR I 15 -27.91 -7.45 -20.52
N GLY I 16 -28.94 -6.69 -20.91
CA GLY I 16 -29.18 -6.50 -22.34
C GLY I 16 -28.08 -5.72 -23.03
N MET I 17 -27.61 -4.65 -22.40
CA MET I 17 -26.57 -3.82 -23.00
C MET I 17 -25.26 -4.59 -23.06
N VAL I 18 -24.52 -4.42 -24.14
CA VAL I 18 -23.25 -5.09 -24.33
C VAL I 18 -22.13 -4.17 -24.77
N ASP I 19 -22.43 -2.95 -25.21
CA ASP I 19 -21.45 -2.05 -25.82
C ASP I 19 -20.92 -1.02 -24.84
N GLY I 20 -20.79 -1.38 -23.57
CA GLY I 20 -20.23 -0.46 -22.59
C GLY I 20 -20.35 -1.01 -21.20
N TRP I 21 -19.95 -0.17 -20.24
CA TRP I 21 -20.03 -0.50 -18.82
C TRP I 21 -21.05 0.35 -18.08
N TYR I 22 -21.29 1.58 -18.53
CA TYR I 22 -22.35 2.42 -17.99
C TYR I 22 -23.19 2.94 -19.15
N GLY I 23 -24.50 2.95 -18.99
CA GLY I 23 -25.38 3.34 -20.06
C GLY I 23 -26.70 3.90 -19.60
N TYR I 24 -27.67 4.01 -20.52
CA TYR I 24 -28.98 4.56 -20.22
C TYR I 24 -30.05 3.66 -20.83
N HIS I 25 -31.31 3.99 -20.53
CA HIS I 25 -32.48 3.26 -21.00
C HIS I 25 -33.52 4.23 -21.54
N HIS I 26 -33.12 5.10 -22.46
CA HIS I 26 -34.02 6.10 -22.99
C HIS I 26 -35.30 5.46 -23.52
N GLN I 27 -36.43 6.09 -23.20
CA GLN I 27 -37.73 5.63 -23.69
C GLN I 27 -38.55 6.85 -24.06
N ASN I 28 -39.22 6.80 -25.20
CA ASN I 28 -40.01 7.92 -25.70
C ASN I 28 -40.94 7.38 -26.78
N GLU I 29 -41.92 8.19 -27.16
CA GLU I 29 -42.75 7.83 -28.29
C GLU I 29 -41.87 7.64 -29.52
N GLN I 30 -42.09 6.53 -30.22
CA GLN I 30 -41.26 6.16 -31.38
C GLN I 30 -39.78 6.10 -30.98
N GLY I 31 -39.50 5.36 -29.91
CA GLY I 31 -38.14 5.09 -29.51
C GLY I 31 -38.01 4.40 -28.18
N SER I 32 -37.14 3.40 -28.10
CA SER I 32 -36.91 2.67 -26.85
C SER I 32 -35.58 1.93 -26.98
N GLY I 33 -35.19 1.27 -25.91
CA GLY I 33 -34.02 0.42 -25.88
C GLY I 33 -32.97 0.92 -24.91
N TYR I 34 -31.74 0.47 -25.14
CA TYR I 34 -30.61 0.76 -24.28
C TYR I 34 -29.67 1.73 -24.98
N ALA I 35 -28.56 2.06 -24.30
CA ALA I 35 -27.55 2.95 -24.84
C ALA I 35 -26.24 2.67 -24.12
N ALA I 36 -25.28 3.56 -24.29
CA ALA I 36 -23.99 3.44 -23.62
C ALA I 36 -23.28 4.78 -23.67
N ASP I 37 -22.63 5.12 -22.57
CA ASP I 37 -21.93 6.41 -22.44
C ASP I 37 -20.48 6.20 -22.86
N GLN I 38 -20.20 6.41 -24.15
CA GLN I 38 -18.85 6.19 -24.67
C GLN I 38 -17.83 7.08 -23.98
N LYS I 39 -18.25 8.20 -23.40
CA LYS I 39 -17.29 9.06 -22.71
C LYS I 39 -16.74 8.39 -21.45
N SER I 40 -17.63 7.86 -20.61
CA SER I 40 -17.19 7.36 -19.31
C SER I 40 -16.43 6.04 -19.42
N THR I 41 -16.92 5.11 -20.26
CA THR I 41 -16.33 3.78 -20.30
C THR I 41 -14.89 3.82 -20.79
N GLN I 42 -14.62 4.59 -21.86
CA GLN I 42 -13.26 4.66 -22.39
C GLN I 42 -12.30 5.24 -21.35
N ASN I 43 -12.75 6.20 -20.56
CA ASN I 43 -11.95 6.77 -19.49
C ASN I 43 -11.98 5.93 -18.22
N ALA I 44 -12.73 4.84 -18.20
CA ALA I 44 -12.71 3.89 -17.08
C ALA I 44 -11.94 2.63 -17.39
N ILE I 45 -11.94 2.19 -18.65
CA ILE I 45 -11.20 0.99 -19.02
C ILE I 45 -9.70 1.26 -18.99
N ASN I 46 -9.27 2.45 -19.39
CA ASN I 46 -7.84 2.71 -19.48
C ASN I 46 -7.20 2.74 -18.10
N CYS I 47 -7.76 3.51 -17.17
CA CYS I 47 -7.12 3.65 -15.86
C CYS I 47 -7.07 2.31 -15.13
N ILE I 48 -8.14 1.53 -15.19
CA ILE I 48 -8.14 0.24 -14.51
C ILE I 48 -7.13 -0.70 -15.15
N THR I 49 -7.04 -0.71 -16.49
CA THR I 49 -6.06 -1.56 -17.15
C THR I 49 -4.64 -1.12 -16.79
N ASN I 50 -4.39 0.18 -16.77
CA ASN I 50 -3.05 0.66 -16.41
C ASN I 50 -2.70 0.28 -14.97
N LYS I 51 -3.68 0.20 -14.09
CA LYS I 51 -3.42 -0.30 -12.74
C LYS I 51 -2.99 -1.75 -12.77
N VAL I 52 -3.65 -2.57 -13.60
CA VAL I 52 -3.21 -3.94 -13.77
C VAL I 52 -1.87 -3.99 -14.49
N ASN I 53 -1.69 -3.18 -15.52
CA ASN I 53 -0.41 -3.15 -16.23
C ASN I 53 0.70 -2.70 -15.31
N SER I 54 0.45 -1.69 -14.48
CA SER I 54 1.47 -1.22 -13.55
C SER I 54 1.89 -2.33 -12.58
N VAL I 55 0.93 -3.13 -12.11
CA VAL I 55 1.28 -4.23 -11.22
C VAL I 55 2.12 -5.27 -11.96
N ILE I 56 1.71 -5.63 -13.18
CA ILE I 56 2.38 -6.71 -13.89
C ILE I 56 3.76 -6.26 -14.39
N GLU I 57 3.82 -5.09 -15.02
CA GLU I 57 5.04 -4.70 -15.72
C GLU I 57 6.17 -4.35 -14.76
N LYS I 58 5.86 -4.00 -13.51
CA LYS I 58 6.91 -3.59 -12.57
C LYS I 58 7.59 -4.76 -11.89
N MET I 59 7.19 -6.00 -12.18
CA MET I 59 7.93 -7.16 -11.70
C MET I 59 9.20 -7.29 -12.51
N ASN I 60 10.25 -6.59 -12.10
CA ASN I 60 11.54 -6.73 -12.75
C ASN I 60 11.99 -8.17 -12.59
N THR I 61 12.65 -8.70 -13.62
CA THR I 61 13.06 -10.09 -13.66
C THR I 61 14.55 -10.18 -13.95
N GLN I 62 15.21 -11.12 -13.29
CA GLN I 62 16.62 -11.35 -13.48
C GLN I 62 16.91 -12.82 -13.21
N PHE I 63 17.99 -13.31 -13.81
CA PHE I 63 18.35 -14.71 -13.65
C PHE I 63 18.62 -15.04 -12.19
N THR I 64 18.07 -16.16 -11.72
CA THR I 64 18.19 -16.58 -10.34
C THR I 64 18.67 -18.01 -10.29
N ALA I 65 19.36 -18.36 -9.20
CA ALA I 65 19.86 -19.69 -8.96
C ALA I 65 18.96 -20.43 -7.96
N VAL I 66 19.08 -21.75 -7.96
CA VAL I 66 18.35 -22.58 -7.02
C VAL I 66 19.15 -22.66 -5.72
N GLY I 67 18.51 -23.13 -4.65
CA GLY I 67 19.24 -23.39 -3.43
C GLY I 67 20.33 -24.41 -3.69
N LYS I 68 21.58 -24.03 -3.42
CA LYS I 68 22.71 -24.88 -3.76
C LYS I 68 22.75 -26.08 -2.83
N GLU I 69 23.77 -26.91 -3.01
CA GLU I 69 23.97 -28.09 -2.19
C GLU I 69 25.15 -27.89 -1.25
N PHE I 70 25.09 -28.56 -0.11
CA PHE I 70 26.14 -28.48 0.90
C PHE I 70 26.36 -29.86 1.49
N ASN I 71 27.59 -30.13 1.90
CA ASN I 71 27.91 -31.38 2.56
C ASN I 71 27.56 -31.32 4.04
N LYS I 72 27.62 -32.47 4.70
CA LYS I 72 27.14 -32.57 6.08
C LYS I 72 27.97 -31.74 7.05
N LEU I 73 29.19 -31.35 6.68
CA LEU I 73 30.06 -30.60 7.58
C LEU I 73 29.91 -29.09 7.43
N GLU I 74 29.00 -28.62 6.58
CA GLU I 74 28.75 -27.19 6.38
C GLU I 74 27.27 -26.89 6.55
N ARG I 75 26.67 -27.44 7.61
CA ARG I 75 25.24 -27.26 7.84
C ARG I 75 24.89 -25.79 8.06
N ARG I 76 25.81 -25.01 8.63
CA ARG I 76 25.52 -23.61 8.91
C ARG I 76 25.12 -22.85 7.65
N MET I 77 25.80 -23.11 6.54
CA MET I 77 25.44 -22.45 5.29
C MET I 77 24.02 -22.82 4.86
N GLU I 78 23.65 -24.09 5.03
CA GLU I 78 22.35 -24.54 4.54
C GLU I 78 21.22 -23.82 5.27
N ASN I 79 21.32 -23.66 6.58
CA ASN I 79 20.27 -22.97 7.32
C ASN I 79 20.25 -21.48 6.99
N LEU I 80 21.42 -20.87 6.80
CA LEU I 80 21.46 -19.49 6.36
C LEU I 80 20.80 -19.32 5.01
N ASN I 81 21.05 -20.26 4.09
CA ASN I 81 20.39 -20.23 2.80
C ASN I 81 18.88 -20.39 2.96
N LYS I 82 18.45 -21.26 3.87
CA LYS I 82 17.02 -21.40 4.11
C LYS I 82 16.43 -20.14 4.72
N LYS I 83 17.15 -19.49 5.65
CA LYS I 83 16.61 -18.30 6.29
C LYS I 83 16.40 -17.18 5.28
N VAL I 84 17.37 -16.95 4.39
CA VAL I 84 17.22 -15.89 3.41
C VAL I 84 16.13 -16.22 2.40
N ASP I 85 16.05 -17.49 1.97
CA ASP I 85 15.04 -17.86 0.99
C ASP I 85 13.65 -17.81 1.62
N ASP I 86 13.51 -18.27 2.86
CA ASP I 86 12.21 -18.19 3.53
C ASP I 86 11.82 -16.76 3.83
N GLY I 87 12.79 -15.89 4.13
CA GLY I 87 12.47 -14.50 4.38
C GLY I 87 11.83 -13.83 3.18
N PHE I 88 12.39 -14.04 2.00
CA PHE I 88 11.78 -13.49 0.79
C PHE I 88 10.43 -14.13 0.52
N LEU I 89 10.30 -15.43 0.76
CA LEU I 89 9.02 -16.10 0.54
C LEU I 89 7.94 -15.50 1.42
N ASP I 90 8.24 -15.26 2.70
CA ASP I 90 7.26 -14.66 3.58
C ASP I 90 6.95 -13.22 3.20
N ILE I 91 7.95 -12.48 2.71
CA ILE I 91 7.72 -11.09 2.33
C ILE I 91 6.74 -11.00 1.17
N TRP I 92 6.99 -11.78 0.11
CA TRP I 92 6.20 -11.64 -1.10
C TRP I 92 4.77 -12.10 -0.90
N THR I 93 4.54 -13.10 -0.05
CA THR I 93 3.18 -13.52 0.23
C THR I 93 2.35 -12.37 0.80
N TYR I 94 2.89 -11.68 1.80
CA TYR I 94 2.16 -10.59 2.42
C TYR I 94 2.11 -9.36 1.53
N ASN I 95 3.22 -9.04 0.85
CA ASN I 95 3.25 -7.85 0.02
C ASN I 95 2.30 -7.97 -1.17
N ALA I 96 2.40 -9.08 -1.92
CA ALA I 96 1.54 -9.25 -3.08
C ALA I 96 0.08 -9.32 -2.68
N GLU I 97 -0.22 -10.06 -1.61
CA GLU I 97 -1.62 -10.29 -1.24
C GLU I 97 -2.29 -8.99 -0.80
N LEU I 98 -1.66 -8.27 0.13
CA LEU I 98 -2.27 -7.04 0.60
C LEU I 98 -2.37 -5.99 -0.49
N LEU I 99 -1.57 -6.11 -1.55
CA LEU I 99 -1.70 -5.19 -2.67
C LEU I 99 -3.01 -5.43 -3.41
N VAL I 100 -3.31 -6.68 -3.75
CA VAL I 100 -4.52 -6.97 -4.51
C VAL I 100 -5.77 -6.97 -3.64
N LEU I 101 -5.63 -7.00 -2.33
CA LEU I 101 -6.77 -6.84 -1.44
C LEU I 101 -7.10 -5.38 -1.19
N LEU I 102 -6.08 -4.54 -1.01
CA LEU I 102 -6.31 -3.11 -0.80
C LEU I 102 -6.68 -2.40 -2.11
N GLU I 103 -6.11 -2.84 -3.23
CA GLU I 103 -6.40 -2.23 -4.52
C GLU I 103 -7.62 -2.83 -5.20
N ASN I 104 -8.19 -3.89 -4.64
CA ASN I 104 -9.49 -4.36 -5.13
C ASN I 104 -10.61 -3.46 -4.65
N GLU I 105 -10.51 -2.94 -3.43
CA GLU I 105 -11.49 -1.96 -2.96
C GLU I 105 -11.36 -0.64 -3.70
N ARG I 106 -10.15 -0.27 -4.11
CA ARG I 106 -9.97 0.96 -4.85
C ARG I 106 -10.75 0.93 -6.17
N THR I 107 -10.68 -0.19 -6.89
CA THR I 107 -11.43 -0.31 -8.13
C THR I 107 -12.92 -0.49 -7.89
N LEU I 108 -13.31 -1.25 -6.86
CA LEU I 108 -14.72 -1.40 -6.57
C LEU I 108 -15.35 -0.07 -6.18
N ASP I 109 -14.65 0.72 -5.38
CA ASP I 109 -15.14 2.06 -5.06
C ASP I 109 -15.15 2.95 -6.31
N PHE I 110 -14.15 2.80 -7.16
CA PHE I 110 -14.10 3.59 -8.39
C PHE I 110 -15.33 3.34 -9.24
N HIS I 111 -15.71 2.08 -9.42
CA HIS I 111 -16.87 1.75 -10.24
C HIS I 111 -18.16 2.30 -9.61
N ASP I 112 -18.28 2.19 -8.29
CA ASP I 112 -19.46 2.74 -7.63
C ASP I 112 -19.53 4.25 -7.78
N SER I 113 -18.39 4.93 -7.65
CA SER I 113 -18.37 6.38 -7.78
C SER I 113 -18.68 6.82 -9.20
N ASN I 114 -18.25 6.04 -10.20
CA ASN I 114 -18.53 6.41 -11.59
C ASN I 114 -20.02 6.49 -11.86
N VAL I 115 -20.80 5.56 -11.32
CA VAL I 115 -22.24 5.62 -11.49
C VAL I 115 -22.80 6.88 -10.84
N LYS I 116 -22.31 7.21 -9.63
CA LYS I 116 -22.87 8.35 -8.91
C LYS I 116 -22.61 9.66 -9.63
N ASN I 117 -21.37 9.93 -10.04
CA ASN I 117 -21.08 11.20 -10.69
C ASN I 117 -21.80 11.31 -12.03
N LEU I 118 -21.87 10.20 -12.78
CA LEU I 118 -22.65 10.23 -14.01
C LEU I 118 -24.13 10.48 -13.72
N TYR I 119 -24.65 9.90 -12.63
CA TYR I 119 -26.02 10.21 -12.22
C TYR I 119 -26.12 11.69 -11.88
N GLU I 120 -25.15 12.22 -11.14
CA GLU I 120 -25.18 13.63 -10.77
C GLU I 120 -25.16 14.53 -11.99
N LYS I 121 -24.52 14.09 -13.08
CA LYS I 121 -24.43 14.93 -14.27
C LYS I 121 -25.80 15.12 -14.89
N VAL I 122 -26.62 14.08 -14.95
CA VAL I 122 -27.93 14.20 -15.58
C VAL I 122 -28.95 14.88 -14.67
N LYS I 123 -28.76 14.83 -13.36
CA LYS I 123 -29.64 15.59 -12.46
C LYS I 123 -29.47 17.09 -12.65
N SER I 124 -28.22 17.57 -12.66
CA SER I 124 -27.96 18.99 -12.79
C SER I 124 -28.27 19.53 -14.18
N GLN I 125 -28.23 18.68 -15.21
CA GLN I 125 -28.50 19.14 -16.56
C GLN I 125 -29.92 19.69 -16.67
N LEU I 126 -30.88 18.99 -16.08
CA LEU I 126 -32.26 19.44 -16.03
C LEU I 126 -32.81 19.10 -14.65
N LYS I 127 -33.41 20.09 -13.98
CA LYS I 127 -33.77 19.96 -12.57
C LYS I 127 -35.28 19.93 -12.38
N ASN I 128 -35.99 20.97 -12.83
CA ASN I 128 -37.43 21.01 -12.63
C ASN I 128 -38.21 20.24 -13.69
N ASN I 129 -37.58 19.93 -14.82
CA ASN I 129 -38.21 19.15 -15.88
C ASN I 129 -37.93 17.66 -15.71
N ALA I 130 -38.20 17.15 -14.52
CA ALA I 130 -37.97 15.74 -14.21
C ALA I 130 -38.53 15.46 -12.83
N LYS I 131 -38.87 14.19 -12.60
CA LYS I 131 -39.39 13.73 -11.33
C LYS I 131 -38.57 12.54 -10.86
N GLU I 132 -38.27 12.50 -9.57
CA GLU I 132 -37.47 11.42 -8.99
C GLU I 132 -38.38 10.20 -8.86
N ILE I 133 -38.50 9.44 -9.94
CA ILE I 133 -39.38 8.28 -9.93
C ILE I 133 -38.88 7.25 -8.93
N GLY I 134 -37.56 7.03 -8.87
CA GLY I 134 -37.02 6.03 -7.98
C GLY I 134 -35.52 5.84 -8.11
N ASN I 135 -35.10 4.59 -8.22
CA ASN I 135 -33.68 4.24 -8.24
C ASN I 135 -33.08 4.67 -9.58
N GLY I 136 -32.64 5.93 -9.63
CA GLY I 136 -31.94 6.43 -10.79
C GLY I 136 -32.74 6.42 -12.07
N CYS I 137 -34.04 6.63 -11.99
CA CYS I 137 -34.91 6.74 -13.15
C CYS I 137 -35.71 8.03 -13.03
N PHE I 138 -35.74 8.81 -14.10
CA PHE I 138 -36.49 10.06 -14.14
C PHE I 138 -37.71 9.91 -15.04
N GLU I 139 -38.56 10.94 -15.00
CA GLU I 139 -39.74 11.03 -15.84
C GLU I 139 -39.84 12.44 -16.37
N PHE I 140 -39.79 12.58 -17.69
CA PHE I 140 -39.88 13.89 -18.32
C PHE I 140 -41.32 14.35 -18.33
N TYR I 141 -41.61 15.47 -17.67
CA TYR I 141 -42.96 16.02 -17.74
C TYR I 141 -43.32 16.40 -19.17
N HIS I 142 -42.39 17.00 -19.89
CA HIS I 142 -42.59 17.37 -21.27
C HIS I 142 -42.40 16.16 -22.19
N LYS I 143 -42.85 16.31 -23.43
CA LYS I 143 -42.53 15.33 -24.46
C LYS I 143 -41.13 15.59 -24.99
N CYS I 144 -40.39 14.51 -25.23
CA CYS I 144 -38.99 14.61 -25.65
C CYS I 144 -38.69 13.50 -26.63
N ASN I 145 -38.48 13.85 -27.89
CA ASN I 145 -38.19 12.89 -28.94
C ASN I 145 -36.73 12.46 -28.87
N ASN I 146 -36.32 11.61 -29.83
CA ASN I 146 -34.97 11.07 -29.80
C ASN I 146 -33.93 12.18 -29.93
N GLU I 147 -34.16 13.13 -30.83
CA GLU I 147 -33.23 14.25 -30.98
C GLU I 147 -33.10 15.01 -29.66
N CYS I 148 -34.22 15.26 -28.99
CA CYS I 148 -34.17 15.86 -27.66
C CYS I 148 -33.43 14.97 -26.68
N MET I 149 -33.69 13.66 -26.72
CA MET I 149 -33.09 12.76 -25.74
C MET I 149 -31.57 12.74 -25.84
N GLU I 150 -31.03 12.77 -27.05
CA GLU I 150 -29.59 12.79 -27.22
C GLU I 150 -28.94 13.98 -26.51
N SER I 151 -29.69 15.06 -26.30
CA SER I 151 -29.16 16.19 -25.54
C SER I 151 -28.73 15.75 -24.15
N VAL I 152 -29.46 14.82 -23.54
CA VAL I 152 -29.05 14.31 -22.23
C VAL I 152 -27.71 13.62 -22.33
N LYS I 153 -27.53 12.78 -23.37
CA LYS I 153 -26.25 12.11 -23.55
C LYS I 153 -25.14 13.08 -23.91
N ASN I 154 -25.45 14.12 -24.67
CA ASN I 154 -24.50 15.20 -24.86
C ASN I 154 -24.28 15.95 -23.55
N GLY I 155 -23.40 16.93 -23.60
CA GLY I 155 -23.31 17.93 -22.56
C GLY I 155 -24.16 19.15 -22.83
N THR I 156 -25.04 19.10 -23.82
CA THR I 156 -25.82 20.24 -24.26
C THR I 156 -27.28 20.04 -23.88
N TYR I 157 -27.92 21.12 -23.43
CA TYR I 157 -29.34 21.10 -23.07
C TYR I 157 -29.80 22.53 -22.90
N ASP I 158 -30.91 22.88 -23.53
CA ASP I 158 -31.46 24.24 -23.49
C ASP I 158 -32.61 24.25 -22.49
N TYR I 159 -32.32 24.72 -21.27
CA TYR I 159 -33.37 24.82 -20.25
C TYR I 159 -34.50 25.75 -20.67
N PRO I 160 -34.26 27.01 -21.08
CA PRO I 160 -35.39 27.89 -21.39
C PRO I 160 -36.27 27.38 -22.52
N LYS I 161 -35.72 26.60 -23.46
CA LYS I 161 -36.53 26.04 -24.52
C LYS I 161 -37.64 25.15 -23.95
N TYR I 162 -37.34 24.43 -22.88
CA TYR I 162 -38.28 23.51 -22.27
C TYR I 162 -38.83 24.00 -20.93
N SER I 163 -38.25 25.07 -20.37
CA SER I 163 -38.81 25.62 -19.14
C SER I 163 -40.23 26.10 -19.37
N GLU I 164 -40.49 26.75 -20.49
CA GLU I 164 -41.85 27.16 -20.82
C GLU I 164 -42.76 25.94 -20.99
N GLU I 165 -42.23 24.82 -21.46
CA GLU I 165 -43.01 23.60 -21.50
C GLU I 165 -43.34 23.09 -20.11
N SER I 166 -42.41 23.26 -19.16
CA SER I 166 -42.69 22.90 -17.78
C SER I 166 -43.81 23.73 -17.18
N LYS I 167 -44.07 24.92 -17.71
CA LYS I 167 -45.22 25.69 -17.27
C LYS I 167 -46.52 24.94 -17.56
N LEU I 168 -46.57 24.21 -18.69
CA LEU I 168 -47.72 23.37 -18.96
C LEU I 168 -47.84 22.27 -17.90
N ASN I 169 -46.71 21.74 -17.44
CA ASN I 169 -46.75 20.78 -16.35
C ASN I 169 -47.31 21.41 -15.08
N ARG I 170 -46.94 22.65 -14.79
CA ARG I 170 -47.51 23.35 -13.65
C ARG I 170 -49.02 23.45 -13.78
N GLU I 171 -49.52 23.63 -15.00
CA GLU I 171 -50.96 23.58 -15.23
C GLU I 171 -51.52 22.19 -14.98
N LYS I 172 -50.77 21.14 -15.35
CA LYS I 172 -51.25 19.79 -15.13
C LYS I 172 -51.43 19.51 -13.64
N ILE I 173 -50.48 19.94 -12.82
CA ILE I 173 -50.55 19.73 -11.37
C ILE I 173 -51.29 20.89 -10.73
N ASP J 1 -41.89 8.85 -20.64
CA ASP J 1 -40.53 9.12 -21.08
C ASP J 1 -39.57 9.06 -19.90
N THR J 2 -38.54 8.23 -19.99
CA THR J 2 -37.62 8.03 -18.89
C THR J 2 -36.19 7.99 -19.39
N ILE J 3 -35.27 8.35 -18.52
CA ILE J 3 -33.84 8.06 -18.69
C ILE J 3 -33.34 7.45 -17.39
N CYS J 4 -32.88 6.21 -17.46
CA CYS J 4 -32.43 5.47 -16.29
C CYS J 4 -30.92 5.25 -16.36
N ILE J 5 -30.35 4.93 -15.20
CA ILE J 5 -28.91 4.79 -15.04
C ILE J 5 -28.62 3.39 -14.51
N GLY J 6 -27.68 2.70 -15.15
CA GLY J 6 -27.28 1.39 -14.69
C GLY J 6 -25.95 1.00 -15.27
N TYR J 7 -25.53 -0.23 -14.97
CA TYR J 7 -24.24 -0.73 -15.40
C TYR J 7 -24.38 -2.12 -16.00
N HIS J 8 -23.48 -2.43 -16.93
CA HIS J 8 -23.54 -3.70 -17.65
C HIS J 8 -23.14 -4.85 -16.74
N ALA J 9 -23.80 -6.00 -16.91
CA ALA J 9 -23.54 -7.18 -16.10
C ALA J 9 -23.92 -8.42 -16.90
N ASN J 10 -22.98 -9.33 -17.08
CA ASN J 10 -23.17 -10.56 -17.82
C ASN J 10 -22.93 -11.77 -16.92
N ASN J 11 -23.36 -12.93 -17.39
CA ASN J 11 -23.16 -14.16 -16.63
C ASN J 11 -21.68 -14.46 -16.48
N SER J 12 -21.27 -14.82 -15.27
CA SER J 12 -19.88 -15.16 -15.00
C SER J 12 -19.78 -15.73 -13.60
N THR J 13 -18.89 -16.71 -13.43
CA THR J 13 -18.66 -17.36 -12.14
C THR J 13 -17.38 -16.90 -11.47
N ASP J 14 -16.71 -15.88 -12.02
CA ASP J 14 -15.45 -15.42 -11.44
C ASP J 14 -15.68 -14.90 -10.03
N THR J 15 -14.75 -15.23 -9.13
CA THR J 15 -14.80 -14.80 -7.75
C THR J 15 -13.50 -14.08 -7.40
N VAL J 16 -13.62 -12.97 -6.67
CA VAL J 16 -12.48 -12.16 -6.27
C VAL J 16 -12.64 -11.79 -4.81
N ASP J 17 -11.57 -11.92 -4.04
CA ASP J 17 -11.61 -11.65 -2.62
C ASP J 17 -11.13 -10.23 -2.33
N THR J 18 -11.80 -9.59 -1.37
CA THR J 18 -11.47 -8.23 -0.96
C THR J 18 -11.51 -8.18 0.56
N VAL J 19 -11.50 -6.98 1.12
CA VAL J 19 -11.40 -6.80 2.57
C VAL J 19 -12.78 -6.57 3.18
N CYS J 20 -13.64 -5.83 2.47
CA CYS J 20 -14.99 -5.62 2.99
C CYS J 20 -15.82 -6.90 2.93
N GLU J 21 -15.50 -7.81 2.02
CA GLU J 21 -16.24 -9.06 1.91
C GLU J 21 -15.34 -10.09 1.23
N LYS J 22 -15.92 -11.24 0.91
CA LYS J 22 -15.20 -12.32 0.25
C LYS J 22 -16.15 -13.07 -0.67
N ASN J 23 -15.57 -13.75 -1.65
CA ASN J 23 -16.33 -14.60 -2.57
C ASN J 23 -17.37 -13.79 -3.33
N VAL J 24 -17.03 -12.54 -3.67
CA VAL J 24 -17.94 -11.71 -4.45
C VAL J 24 -17.77 -12.04 -5.93
N THR J 25 -18.88 -12.10 -6.65
CA THR J 25 -18.89 -12.45 -8.06
C THR J 25 -18.77 -11.17 -8.87
N VAL J 26 -17.88 -11.18 -9.87
CA VAL J 26 -17.60 -10.02 -10.69
C VAL J 26 -17.63 -10.44 -12.16
N THR J 27 -17.74 -9.44 -13.04
CA THR J 27 -17.91 -9.72 -14.45
C THR J 27 -16.60 -10.16 -15.11
N HIS J 28 -15.57 -9.34 -15.00
CA HIS J 28 -14.28 -9.62 -15.64
C HIS J 28 -13.16 -9.43 -14.63
N SER J 29 -12.17 -10.32 -14.71
CA SER J 29 -11.07 -10.31 -13.76
C SER J 29 -9.82 -10.85 -14.45
N VAL J 30 -8.67 -10.52 -13.87
CA VAL J 30 -7.37 -10.93 -14.38
C VAL J 30 -6.55 -11.46 -13.21
N ASN J 31 -5.89 -12.59 -13.41
CA ASN J 31 -5.11 -13.24 -12.37
C ASN J 31 -3.62 -12.97 -12.55
N LEU J 32 -2.90 -13.05 -11.44
CA LEU J 32 -1.45 -12.92 -11.42
C LEU J 32 -0.73 -14.19 -11.00
N LEU J 33 -1.44 -15.18 -10.46
CA LEU J 33 -0.83 -16.39 -9.93
C LEU J 33 -1.00 -17.51 -10.93
N GLU J 34 0.11 -18.14 -11.30
CA GLU J 34 0.13 -19.27 -12.22
C GLU J 34 0.37 -20.55 -11.41
N ASP J 35 -0.45 -21.57 -11.66
CA ASP J 35 -0.35 -22.84 -10.96
C ASP J 35 -0.37 -24.02 -11.93
N SER J 36 0.02 -23.79 -13.18
CA SER J 36 0.00 -24.80 -14.23
C SER J 36 1.41 -24.99 -14.77
N HIS J 37 1.83 -26.26 -14.89
CA HIS J 37 3.13 -26.59 -15.45
C HIS J 37 2.97 -27.68 -16.50
N ASN J 38 3.84 -27.64 -17.51
CA ASN J 38 3.73 -28.56 -18.63
C ASN J 38 3.99 -30.01 -18.20
N GLY J 39 4.90 -30.21 -17.26
CA GLY J 39 5.29 -31.54 -16.85
C GLY J 39 6.43 -32.15 -17.64
N LYS J 40 7.22 -31.33 -18.35
CA LYS J 40 8.34 -31.83 -19.12
C LYS J 40 9.33 -30.70 -19.32
N LEU J 41 10.62 -31.02 -19.16
CA LEU J 41 11.67 -30.04 -19.35
C LEU J 41 11.82 -29.70 -20.83
N CYS J 42 12.41 -28.54 -21.10
CA CYS J 42 12.47 -28.02 -22.46
C CYS J 42 13.79 -27.30 -22.68
N LEU J 43 14.18 -27.21 -23.95
CA LEU J 43 15.32 -26.41 -24.37
C LEU J 43 15.09 -24.94 -24.03
N LEU J 44 15.84 -24.41 -23.06
CA LEU J 44 15.51 -23.13 -22.46
C LEU J 44 16.16 -21.96 -23.19
N LYS J 45 17.47 -21.80 -23.08
CA LYS J 45 18.18 -20.69 -23.73
C LYS J 45 18.74 -21.12 -25.08
N GLY J 46 17.83 -21.56 -25.96
CA GLY J 46 18.19 -21.90 -27.32
C GLY J 46 19.11 -23.09 -27.48
N ILE J 47 19.58 -23.69 -26.39
CA ILE J 47 20.54 -24.79 -26.42
C ILE J 47 19.96 -25.94 -25.60
N ALA J 48 20.02 -27.13 -26.15
CA ALA J 48 19.43 -28.28 -25.47
C ALA J 48 20.20 -28.60 -24.20
N PRO J 49 19.59 -28.56 -23.03
CA PRO J 49 20.32 -28.94 -21.82
C PRO J 49 20.58 -30.43 -21.78
N LEU J 50 21.67 -30.82 -21.13
CA LEU J 50 22.02 -32.22 -21.02
C LEU J 50 21.15 -32.90 -19.97
N GLN J 51 20.92 -34.19 -20.16
CA GLN J 51 20.06 -34.98 -19.30
C GLN J 51 20.86 -36.20 -18.82
N LEU J 52 21.38 -36.13 -17.60
CA LEU J 52 22.13 -37.25 -17.04
C LEU J 52 21.19 -38.43 -16.82
N GLY J 53 21.58 -39.59 -17.32
CA GLY J 53 20.81 -40.80 -17.14
C GLY J 53 21.43 -41.74 -16.15
N ASN J 54 20.86 -41.82 -14.94
CA ASN J 54 21.40 -42.67 -13.89
C ASN J 54 22.86 -42.37 -13.61
N CYS J 55 23.21 -41.09 -13.57
CA CYS J 55 24.59 -40.68 -13.33
C CYS J 55 24.61 -39.37 -12.59
N SER J 56 25.72 -39.10 -11.92
CA SER J 56 25.96 -37.88 -11.17
C SER J 56 27.07 -37.08 -11.85
N VAL J 57 27.20 -35.82 -11.44
CA VAL J 57 28.18 -34.94 -12.06
C VAL J 57 29.59 -35.49 -11.86
N ALA J 58 29.91 -35.92 -10.63
CA ALA J 58 31.24 -36.45 -10.38
C ALA J 58 31.49 -37.72 -11.17
N GLY J 59 30.50 -38.62 -11.22
CA GLY J 59 30.69 -39.86 -11.96
C GLY J 59 30.94 -39.61 -13.43
N TRP J 60 30.22 -38.65 -14.02
CA TRP J 60 30.37 -38.37 -15.43
C TRP J 60 31.61 -37.53 -15.74
N ILE J 61 31.99 -36.61 -14.85
CA ILE J 61 33.22 -35.85 -15.09
C ILE J 61 34.42 -36.78 -15.03
N LEU J 62 34.51 -37.62 -14.00
CA LEU J 62 35.67 -38.48 -13.86
C LEU J 62 35.74 -39.55 -14.94
N GLY J 63 34.68 -39.70 -15.74
CA GLY J 63 34.71 -40.64 -16.84
C GLY J 63 34.44 -42.06 -16.40
N ASN J 64 33.27 -42.28 -15.81
CA ASN J 64 32.88 -43.64 -15.46
C ASN J 64 32.73 -44.46 -16.74
N PRO J 65 32.92 -45.78 -16.68
CA PRO J 65 32.66 -46.58 -17.87
C PRO J 65 31.22 -46.45 -18.35
N GLU J 66 30.28 -46.30 -17.43
CA GLU J 66 28.91 -45.95 -17.77
C GLU J 66 28.85 -44.44 -17.97
N CYS J 67 27.65 -43.89 -18.15
CA CYS J 67 27.51 -42.46 -18.41
C CYS J 67 28.24 -42.07 -19.69
N GLU J 68 28.35 -43.02 -20.62
CA GLU J 68 28.99 -42.77 -21.90
C GLU J 68 28.04 -42.24 -22.96
N LEU J 69 26.73 -42.26 -22.68
CA LEU J 69 25.75 -41.94 -23.72
C LEU J 69 25.78 -40.46 -24.09
N LEU J 70 26.22 -39.61 -23.17
CA LEU J 70 26.01 -38.17 -23.27
C LEU J 70 27.30 -37.39 -23.48
N ILE J 71 28.31 -38.00 -24.11
CA ILE J 71 29.55 -37.29 -24.36
C ILE J 71 29.33 -36.16 -25.37
N SER J 72 28.56 -36.43 -26.42
CA SER J 72 28.35 -35.46 -27.49
C SER J 72 27.19 -34.52 -27.20
N LYS J 73 27.21 -33.90 -26.02
CA LYS J 73 26.20 -32.96 -25.56
C LYS J 73 26.87 -31.74 -24.95
N GLU J 74 27.83 -31.17 -25.69
CA GLU J 74 28.77 -30.21 -25.13
C GLU J 74 28.09 -28.96 -24.58
N SER J 75 27.49 -28.14 -25.44
CA SER J 75 26.88 -26.90 -25.00
C SER J 75 25.53 -27.17 -24.34
N TRP J 76 25.18 -26.33 -23.38
CA TRP J 76 23.92 -26.52 -22.64
C TRP J 76 23.56 -25.23 -21.92
N SER J 77 22.57 -25.30 -21.04
CA SER J 77 22.17 -24.20 -20.18
C SER J 77 22.12 -24.65 -18.72
N TYR J 78 21.82 -25.93 -18.49
CA TYR J 78 21.76 -26.47 -17.13
C TYR J 78 21.82 -27.99 -17.24
N ILE J 79 21.95 -28.63 -16.08
CA ILE J 79 22.15 -30.08 -15.97
C ILE J 79 20.98 -30.67 -15.20
N VAL J 80 20.44 -31.77 -15.72
CA VAL J 80 19.33 -32.49 -15.09
C VAL J 80 19.87 -33.83 -14.60
N GLU J 81 19.63 -34.12 -13.32
CA GLU J 81 20.07 -35.35 -12.69
C GLU J 81 18.86 -36.24 -12.37
N THR J 82 19.13 -37.37 -11.74
CA THR J 82 18.16 -38.31 -11.23
C THR J 82 18.07 -38.17 -9.71
N PRO J 83 16.88 -38.32 -9.10
CA PRO J 83 16.80 -38.09 -7.65
C PRO J 83 17.74 -38.95 -6.82
N ASN J 84 18.06 -40.16 -7.26
CA ASN J 84 19.00 -41.05 -6.58
C ASN J 84 20.03 -41.51 -7.61
N PRO J 85 21.00 -40.67 -7.95
CA PRO J 85 22.01 -41.07 -8.95
C PRO J 85 22.91 -42.15 -8.39
N GLU J 86 22.88 -43.33 -9.03
CA GLU J 86 23.60 -44.49 -8.51
C GLU J 86 24.99 -44.61 -9.09
N ASN J 87 25.09 -44.73 -10.42
CA ASN J 87 26.38 -44.96 -11.07
C ASN J 87 27.17 -43.66 -11.09
N GLY J 88 27.74 -43.33 -9.93
CA GLY J 88 28.58 -42.16 -9.78
C GLY J 88 30.05 -42.50 -9.83
N THR J 89 30.71 -42.49 -8.67
CA THR J 89 32.12 -42.85 -8.57
C THR J 89 32.24 -44.31 -8.16
N CYS J 90 32.80 -45.14 -9.05
CA CYS J 90 32.91 -46.56 -8.76
C CYS J 90 33.88 -46.80 -7.60
N TYR J 91 35.07 -46.22 -7.67
CA TYR J 91 36.11 -46.45 -6.67
C TYR J 91 35.97 -45.34 -5.62
N PRO J 92 35.57 -45.65 -4.37
CA PRO J 92 35.09 -44.58 -3.49
C PRO J 92 36.19 -43.80 -2.81
N GLY J 93 35.80 -42.70 -2.18
CA GLY J 93 36.74 -41.80 -1.52
C GLY J 93 36.05 -40.49 -1.21
N TYR J 94 36.87 -39.44 -1.06
CA TYR J 94 36.39 -38.10 -0.81
C TYR J 94 36.70 -37.22 -2.02
N PHE J 95 35.64 -36.75 -2.68
CA PHE J 95 35.80 -35.86 -3.84
C PHE J 95 35.90 -34.44 -3.32
N ALA J 96 37.13 -33.95 -3.17
CA ALA J 96 37.35 -32.65 -2.55
C ALA J 96 36.68 -31.54 -3.34
N ASP J 97 36.09 -30.59 -2.62
CA ASP J 97 35.46 -29.41 -3.22
C ASP J 97 34.41 -29.83 -4.25
N TYR J 98 33.62 -30.84 -3.89
CA TYR J 98 32.57 -31.33 -4.79
C TYR J 98 31.59 -30.21 -5.13
N GLU J 99 31.05 -29.55 -4.12
CA GLU J 99 30.00 -28.58 -4.36
C GLU J 99 30.47 -27.42 -5.22
N GLU J 100 31.72 -26.98 -5.03
CA GLU J 100 32.25 -25.90 -5.85
C GLU J 100 32.28 -26.30 -7.32
N LEU J 101 32.66 -27.56 -7.61
CA LEU J 101 32.75 -28.01 -8.99
C LEU J 101 31.40 -27.97 -9.68
N ARG J 102 30.33 -28.36 -8.98
CA ARG J 102 29.02 -28.39 -9.60
C ARG J 102 28.59 -26.99 -10.03
N GLU J 103 28.79 -25.99 -9.18
CA GLU J 103 28.37 -24.64 -9.52
C GLU J 103 29.11 -24.11 -10.74
N GLN J 104 30.43 -24.31 -10.78
CA GLN J 104 31.20 -23.80 -11.92
C GLN J 104 30.84 -24.52 -13.20
N LEU J 105 30.57 -25.82 -13.11
CA LEU J 105 30.15 -26.60 -14.27
C LEU J 105 28.66 -26.47 -14.57
N SER J 106 27.92 -25.71 -13.78
CA SER J 106 26.49 -25.55 -14.02
C SER J 106 26.20 -24.81 -15.32
N SER J 107 27.14 -24.00 -15.80
CA SER J 107 26.95 -23.22 -17.03
C SER J 107 28.26 -23.22 -17.80
N VAL J 108 28.24 -23.75 -19.03
CA VAL J 108 29.38 -23.67 -19.92
C VAL J 108 28.86 -23.47 -21.34
N SER J 109 29.73 -22.95 -22.20
CA SER J 109 29.46 -22.84 -23.62
C SER J 109 30.20 -23.88 -24.45
N SER J 110 31.46 -24.14 -24.13
CA SER J 110 32.25 -25.18 -24.77
C SER J 110 32.73 -26.16 -23.72
N PHE J 111 32.79 -27.44 -24.08
CA PHE J 111 33.20 -28.50 -23.18
C PHE J 111 34.12 -29.48 -23.91
N GLU J 112 35.10 -28.94 -24.64
CA GLU J 112 35.97 -29.76 -25.47
C GLU J 112 36.77 -30.72 -24.59
N ARG J 113 36.46 -32.01 -24.68
CA ARG J 113 37.22 -33.05 -23.99
C ARG J 113 38.36 -33.49 -24.91
N PHE J 114 39.59 -33.11 -24.56
CA PHE J 114 40.74 -33.29 -25.42
C PHE J 114 41.86 -34.00 -24.68
N GLU J 115 42.58 -34.84 -25.41
CA GLU J 115 43.74 -35.54 -24.86
C GLU J 115 44.77 -34.54 -24.37
N ILE J 116 45.30 -34.78 -23.18
CA ILE J 116 46.29 -33.90 -22.55
C ILE J 116 47.60 -34.65 -22.27
N PHE J 117 47.50 -35.88 -21.79
CA PHE J 117 48.67 -36.73 -21.56
C PHE J 117 48.45 -38.03 -22.33
N PRO J 118 48.83 -38.10 -23.60
CA PRO J 118 48.57 -39.32 -24.38
C PRO J 118 49.17 -40.55 -23.71
N LYS J 119 48.35 -41.60 -23.61
CA LYS J 119 48.77 -42.81 -22.92
C LYS J 119 49.86 -43.56 -23.67
N GLU J 120 50.04 -43.30 -24.96
CA GLU J 120 50.95 -44.07 -25.79
C GLU J 120 52.33 -43.45 -25.90
N SER J 121 52.50 -42.20 -25.49
CA SER J 121 53.78 -41.51 -25.62
C SER J 121 54.25 -40.82 -24.34
N SER J 122 53.36 -40.47 -23.42
CA SER J 122 53.74 -39.72 -22.25
C SER J 122 54.16 -40.58 -21.07
N TRP J 123 54.01 -41.89 -21.13
CA TRP J 123 54.47 -42.79 -20.07
C TRP J 123 55.22 -43.99 -20.67
N PRO J 124 56.37 -43.76 -21.32
CA PRO J 124 57.17 -44.89 -21.77
C PRO J 124 57.58 -45.85 -20.66
N ASN J 125 57.80 -45.35 -19.44
CA ASN J 125 58.44 -46.14 -18.40
C ASN J 125 57.49 -46.55 -17.27
N HIS J 126 56.19 -46.48 -17.48
CA HIS J 126 55.21 -46.94 -16.50
C HIS J 126 54.11 -47.69 -17.22
N THR J 127 53.59 -48.73 -16.56
CA THR J 127 52.48 -49.48 -17.13
C THR J 127 51.19 -48.75 -16.84
N VAL J 128 50.41 -48.49 -17.89
CA VAL J 128 49.21 -47.68 -17.79
C VAL J 128 47.93 -48.50 -17.72
N THR J 129 47.99 -49.80 -18.02
CA THR J 129 46.81 -50.64 -18.04
C THR J 129 46.50 -51.11 -16.61
N GLY J 130 45.98 -50.18 -15.83
CA GLY J 130 45.54 -50.46 -14.48
C GLY J 130 44.03 -50.59 -14.44
N VAL J 131 43.55 -51.70 -13.87
CA VAL J 131 42.14 -52.03 -13.85
C VAL J 131 41.71 -52.33 -12.43
N SER J 132 40.41 -52.21 -12.18
CA SER J 132 39.82 -52.46 -10.88
C SER J 132 38.59 -53.33 -11.03
N ALA J 133 38.42 -54.27 -10.11
CA ALA J 133 37.26 -55.14 -10.10
C ALA J 133 36.00 -54.44 -9.60
N SER J 134 36.12 -53.24 -9.04
CA SER J 134 34.98 -52.52 -8.52
C SER J 134 34.29 -51.64 -9.56
N CYS J 135 34.83 -51.56 -10.78
CA CYS J 135 34.28 -50.74 -11.85
C CYS J 135 34.13 -51.58 -13.12
N SER J 136 33.63 -52.80 -12.96
CA SER J 136 33.48 -53.69 -14.10
C SER J 136 32.47 -53.14 -15.09
N HIS J 137 32.76 -53.30 -16.37
CA HIS J 137 31.90 -52.85 -17.46
C HIS J 137 31.65 -54.01 -18.39
N ASN J 138 30.37 -54.36 -18.57
CA ASN J 138 29.98 -55.47 -19.44
C ASN J 138 30.66 -56.77 -19.02
N GLY J 139 30.77 -56.98 -17.71
CA GLY J 139 31.26 -58.23 -17.18
C GLY J 139 32.76 -58.38 -17.08
N LYS J 140 33.53 -57.37 -17.49
CA LYS J 140 34.98 -57.41 -17.43
C LYS J 140 35.50 -56.15 -16.76
N SER J 141 36.64 -56.29 -16.09
CA SER J 141 37.22 -55.18 -15.34
C SER J 141 37.66 -54.06 -16.27
N SER J 142 37.54 -52.83 -15.77
CA SER J 142 37.93 -51.64 -16.52
C SER J 142 38.36 -50.58 -15.52
N PHE J 143 38.47 -49.35 -16.00
CA PHE J 143 38.79 -48.21 -15.14
C PHE J 143 38.11 -46.97 -15.72
N TYR J 144 38.29 -45.83 -15.05
CA TYR J 144 37.72 -44.58 -15.53
C TYR J 144 38.18 -44.30 -16.96
N ARG J 145 37.42 -43.45 -17.64
CA ARG J 145 37.72 -43.05 -19.01
C ARG J 145 38.33 -41.66 -19.09
N ASN J 146 38.75 -41.09 -17.97
CA ASN J 146 39.48 -39.83 -17.97
C ASN J 146 40.71 -39.85 -17.06
N LEU J 147 40.90 -40.90 -16.26
CA LEU J 147 42.04 -41.03 -15.35
C LEU J 147 42.90 -42.19 -15.80
N LEU J 148 44.05 -42.35 -15.15
CA LEU J 148 45.04 -43.34 -15.58
C LEU J 148 45.79 -43.83 -14.35
N TRP J 149 45.57 -45.10 -13.99
CA TRP J 149 46.25 -45.72 -12.86
C TRP J 149 47.63 -46.17 -13.30
N LEU J 150 48.67 -45.67 -12.65
CA LEU J 150 50.05 -45.93 -13.02
C LEU J 150 50.66 -46.95 -12.08
N THR J 151 51.34 -47.94 -12.64
CA THR J 151 51.99 -49.00 -11.87
C THR J 151 53.44 -49.14 -12.33
N GLY J 152 54.17 -50.03 -11.67
CA GLY J 152 55.58 -50.22 -11.97
C GLY J 152 55.80 -51.07 -13.21
N LYS J 153 57.09 -51.27 -13.52
CA LYS J 153 57.48 -52.02 -14.70
C LYS J 153 58.92 -52.46 -14.52
N ASN J 154 59.20 -53.73 -14.83
CA ASN J 154 60.48 -54.36 -14.51
C ASN J 154 60.83 -54.16 -13.04
N GLY J 155 59.81 -54.21 -12.18
CA GLY J 155 60.03 -54.04 -10.76
C GLY J 155 60.56 -52.68 -10.35
N LEU J 156 60.52 -51.69 -11.24
CA LEU J 156 61.02 -50.35 -10.97
C LEU J 156 59.93 -49.34 -11.34
N TYR J 157 59.80 -48.32 -10.51
CA TYR J 157 58.81 -47.25 -10.70
C TYR J 157 59.60 -45.94 -10.74
N PRO J 158 60.07 -45.52 -11.90
CA PRO J 158 60.79 -44.24 -11.98
C PRO J 158 59.88 -43.08 -11.65
N ASN J 159 60.34 -42.24 -10.73
CA ASN J 159 59.61 -41.02 -10.40
C ASN J 159 59.38 -40.18 -11.65
N LEU J 160 58.17 -39.67 -11.79
CA LEU J 160 57.76 -38.96 -13.00
C LEU J 160 57.69 -37.46 -12.73
N SER J 161 57.92 -36.68 -13.78
CA SER J 161 57.87 -35.23 -13.70
C SER J 161 57.45 -34.70 -15.08
N LYS J 162 56.16 -34.43 -15.23
CA LYS J 162 55.62 -33.90 -16.47
C LYS J 162 55.11 -32.48 -16.27
N SER J 163 54.83 -31.82 -17.39
CA SER J 163 54.43 -30.42 -17.39
C SER J 163 53.38 -30.21 -18.46
N TYR J 164 52.66 -29.10 -18.36
CA TYR J 164 51.67 -28.73 -19.36
C TYR J 164 51.50 -27.22 -19.35
N VAL J 165 51.36 -26.65 -20.55
CA VAL J 165 51.11 -25.23 -20.73
C VAL J 165 49.79 -25.06 -21.47
N ASN J 166 48.90 -24.25 -20.91
CA ASN J 166 47.58 -24.05 -21.50
C ASN J 166 47.69 -23.18 -22.74
N ASN J 167 48.06 -23.77 -23.88
CA ASN J 167 48.24 -23.01 -25.10
C ASN J 167 46.96 -22.33 -25.55
N LYS J 168 45.81 -22.90 -25.21
CA LYS J 168 44.54 -22.32 -25.64
C LYS J 168 44.35 -20.94 -25.00
N GLU J 169 43.46 -20.15 -25.60
CA GLU J 169 43.17 -18.81 -25.13
C GLU J 169 41.99 -18.77 -24.16
N LYS J 170 41.77 -19.85 -23.42
CA LYS J 170 40.60 -19.94 -22.54
C LYS J 170 40.82 -21.06 -21.53
N GLU J 171 40.01 -21.03 -20.47
CA GLU J 171 40.28 -21.83 -19.29
C GLU J 171 40.24 -23.32 -19.59
N VAL J 172 40.99 -24.09 -18.78
CA VAL J 172 40.97 -25.54 -18.84
C VAL J 172 40.83 -26.09 -17.43
N LEU J 173 40.21 -27.26 -17.34
CA LEU J 173 39.97 -27.94 -16.08
C LEU J 173 40.61 -29.31 -16.13
N VAL J 174 41.39 -29.63 -15.09
CA VAL J 174 42.12 -30.89 -15.02
C VAL J 174 41.80 -31.59 -13.71
N LEU J 175 41.80 -32.92 -13.75
CA LEU J 175 41.50 -33.74 -12.58
C LEU J 175 42.60 -34.77 -12.37
N TRP J 176 42.83 -35.11 -11.12
CA TRP J 176 43.78 -36.16 -10.76
C TRP J 176 43.40 -36.71 -9.40
N GLY J 177 43.96 -37.87 -9.07
CA GLY J 177 43.66 -38.54 -7.83
C GLY J 177 44.87 -39.25 -7.26
N VAL J 178 44.75 -39.61 -5.99
CA VAL J 178 45.79 -40.30 -5.24
C VAL J 178 45.20 -41.57 -4.66
N HIS J 179 45.91 -42.69 -4.82
CA HIS J 179 45.42 -43.99 -4.41
C HIS J 179 46.04 -44.36 -3.06
N HIS J 180 45.18 -44.68 -2.09
CA HIS J 180 45.62 -45.10 -0.76
C HIS J 180 45.46 -46.60 -0.65
N PRO J 181 46.54 -47.40 -0.71
CA PRO J 181 46.37 -48.84 -0.58
C PRO J 181 45.91 -49.20 0.83
N PRO J 182 45.26 -50.36 1.01
CA PRO J 182 44.77 -50.72 2.33
C PRO J 182 45.81 -51.36 3.24
N ASN J 183 46.88 -51.92 2.68
CA ASN J 183 47.92 -52.57 3.47
C ASN J 183 49.28 -52.24 2.88
N ILE J 184 50.30 -52.26 3.74
CA ILE J 184 51.64 -51.92 3.29
C ILE J 184 52.17 -52.92 2.27
N GLY J 185 51.67 -54.15 2.28
CA GLY J 185 52.12 -55.13 1.30
C GLY J 185 51.75 -54.74 -0.12
N ASN J 186 50.50 -54.32 -0.32
CA ASN J 186 50.08 -53.89 -1.66
C ASN J 186 50.83 -52.64 -2.10
N GLN J 187 51.04 -51.69 -1.18
CA GLN J 187 51.77 -50.48 -1.53
C GLN J 187 53.13 -50.81 -2.11
N ARG J 188 53.91 -51.63 -1.42
CA ARG J 188 55.23 -52.01 -1.92
C ARG J 188 55.14 -52.86 -3.19
N ALA J 189 54.02 -53.53 -3.42
CA ALA J 189 53.91 -54.39 -4.60
C ALA J 189 53.89 -53.55 -5.87
N LEU J 190 53.06 -52.52 -5.92
CA LEU J 190 52.84 -51.75 -7.13
C LEU J 190 53.71 -50.51 -7.23
N TYR J 191 54.47 -50.16 -6.19
CA TYR J 191 55.27 -48.94 -6.20
C TYR J 191 56.68 -49.12 -5.65
N HIS J 192 56.99 -50.23 -4.99
CA HIS J 192 58.35 -50.52 -4.53
C HIS J 192 58.89 -49.44 -3.61
N THR J 193 58.01 -48.77 -2.87
CA THR J 193 58.43 -47.79 -1.88
C THR J 193 57.40 -47.77 -0.76
N GLU J 194 57.85 -47.30 0.42
CA GLU J 194 57.02 -47.31 1.61
C GLU J 194 56.45 -45.95 1.96
N ASN J 195 57.11 -44.87 1.57
CA ASN J 195 56.68 -43.51 1.88
C ASN J 195 56.68 -42.70 0.58
N ALA J 196 55.57 -42.77 -0.15
CA ALA J 196 55.46 -42.06 -1.41
C ALA J 196 55.00 -40.63 -1.17
N TYR J 197 55.05 -39.82 -2.24
CA TYR J 197 54.61 -38.45 -2.18
C TYR J 197 54.34 -37.97 -3.60
N VAL J 198 53.27 -37.19 -3.75
CA VAL J 198 52.93 -36.56 -5.02
C VAL J 198 52.83 -35.06 -4.78
N SER J 199 52.92 -34.29 -5.86
CA SER J 199 52.89 -32.84 -5.75
C SER J 199 52.41 -32.24 -7.05
N VAL J 200 51.61 -31.18 -6.94
CA VAL J 200 51.11 -30.42 -8.08
C VAL J 200 51.33 -28.95 -7.78
N VAL J 201 51.69 -28.19 -8.81
CA VAL J 201 51.96 -26.76 -8.65
C VAL J 201 51.39 -26.01 -9.84
N SER J 202 51.25 -24.70 -9.67
CA SER J 202 50.85 -23.81 -10.76
C SER J 202 51.31 -22.41 -10.39
N SER J 203 50.79 -21.41 -11.10
CA SER J 203 51.17 -20.03 -10.82
C SER J 203 50.75 -19.62 -9.40
N HIS J 204 49.53 -19.96 -9.01
CA HIS J 204 48.98 -19.57 -7.70
C HIS J 204 48.25 -20.75 -7.07
N TYR J 205 48.86 -21.93 -7.12
CA TYR J 205 48.23 -23.13 -6.57
C TYR J 205 49.32 -24.16 -6.33
N SER J 206 49.29 -24.80 -5.16
CA SER J 206 50.28 -25.82 -4.84
C SER J 206 49.81 -26.60 -3.62
N ARG J 207 49.89 -27.92 -3.70
CA ARG J 207 49.64 -28.80 -2.56
C ARG J 207 50.58 -29.99 -2.63
N ARG J 208 50.82 -30.62 -1.48
CA ARG J 208 51.63 -31.82 -1.39
C ARG J 208 50.79 -32.89 -0.71
N PHE J 209 50.32 -33.87 -1.48
CA PHE J 209 49.55 -34.97 -0.96
C PHE J 209 50.47 -36.13 -0.61
N THR J 210 50.12 -36.85 0.45
CA THR J 210 50.84 -38.04 0.85
C THR J 210 49.85 -39.17 1.08
N PRO J 211 50.20 -40.42 0.76
CA PRO J 211 49.26 -41.52 0.98
C PRO J 211 49.09 -41.83 2.47
N GLU J 212 47.93 -42.37 2.80
CA GLU J 212 47.59 -42.77 4.16
C GLU J 212 47.12 -44.21 4.14
N ILE J 213 47.78 -45.07 4.90
CA ILE J 213 47.51 -46.50 4.92
C ILE J 213 46.78 -46.83 6.21
N ALA J 214 45.64 -47.50 6.09
CA ALA J 214 44.89 -47.94 7.25
C ALA J 214 43.79 -48.88 6.81
N LYS J 215 43.38 -49.75 7.72
CA LYS J 215 42.26 -50.67 7.47
C LYS J 215 40.96 -49.87 7.43
N ARG J 216 40.12 -50.15 6.44
CA ARG J 216 38.90 -49.40 6.22
C ARG J 216 37.73 -50.35 6.03
N PRO J 217 36.50 -49.90 6.31
CA PRO J 217 35.34 -50.76 6.05
C PRO J 217 35.16 -51.00 4.57
N LYS J 218 34.66 -52.18 4.24
CA LYS J 218 34.51 -52.57 2.85
C LYS J 218 33.40 -51.75 2.19
N VAL J 219 33.70 -51.18 1.03
CA VAL J 219 32.73 -50.44 0.23
C VAL J 219 32.80 -50.97 -1.18
N ARG J 220 31.67 -51.43 -1.71
CA ARG J 220 31.60 -51.99 -3.06
C ARG J 220 32.64 -53.10 -3.24
N ASP J 221 32.79 -53.93 -2.21
CA ASP J 221 33.76 -55.04 -2.24
C ASP J 221 35.17 -54.52 -2.46
N GLN J 222 35.48 -53.38 -1.86
CA GLN J 222 36.81 -52.79 -1.99
C GLN J 222 37.09 -51.92 -0.79
N GLU J 223 38.35 -51.91 -0.36
CA GLU J 223 38.78 -51.15 0.81
C GLU J 223 39.53 -49.88 0.47
N GLY J 224 40.49 -49.94 -0.47
CA GLY J 224 41.27 -48.77 -0.78
C GLY J 224 40.42 -47.63 -1.30
N ARG J 225 40.94 -46.41 -1.14
CA ARG J 225 40.22 -45.20 -1.48
C ARG J 225 41.05 -44.34 -2.41
N ILE J 226 40.36 -43.62 -3.30
CA ILE J 226 40.98 -42.64 -4.18
C ILE J 226 40.38 -41.28 -3.85
N ASN J 227 41.23 -40.32 -3.49
CA ASN J 227 40.81 -38.95 -3.27
C ASN J 227 41.01 -38.18 -4.55
N TYR J 228 39.91 -37.73 -5.16
CA TYR J 228 39.98 -36.97 -6.40
C TYR J 228 40.11 -35.49 -6.09
N TYR J 229 40.91 -34.79 -6.91
CA TYR J 229 41.11 -33.37 -6.78
C TYR J 229 40.97 -32.72 -8.15
N TRP J 230 40.70 -31.42 -8.14
CA TRP J 230 40.53 -30.66 -9.38
C TRP J 230 41.07 -29.25 -9.18
N THR J 231 41.30 -28.57 -10.29
CA THR J 231 41.80 -27.20 -10.25
C THR J 231 41.40 -26.50 -11.54
N LEU J 232 41.93 -25.30 -11.74
CA LEU J 232 41.70 -24.53 -12.96
C LEU J 232 42.99 -23.80 -13.33
N LEU J 233 43.12 -23.50 -14.61
CA LEU J 233 44.25 -22.77 -15.13
C LEU J 233 43.78 -21.45 -15.73
N GLU J 234 44.71 -20.73 -16.35
CA GLU J 234 44.44 -19.49 -17.04
C GLU J 234 45.19 -19.51 -18.37
N PRO J 235 44.82 -18.63 -19.30
CA PRO J 235 45.55 -18.59 -20.59
C PRO J 235 47.04 -18.40 -20.37
N GLY J 236 47.82 -19.38 -20.82
CA GLY J 236 49.26 -19.34 -20.68
C GLY J 236 49.78 -19.89 -19.36
N ASP J 237 48.91 -20.29 -18.45
CA ASP J 237 49.34 -20.80 -17.16
C ASP J 237 49.99 -22.17 -17.33
N THR J 238 50.72 -22.60 -16.29
CA THR J 238 51.45 -23.85 -16.30
C THR J 238 51.07 -24.69 -15.09
N ILE J 239 51.05 -26.00 -15.28
CA ILE J 239 50.78 -26.96 -14.21
C ILE J 239 51.79 -28.09 -14.34
N ILE J 240 52.48 -28.40 -13.24
CA ILE J 240 53.54 -29.39 -13.24
C ILE J 240 53.18 -30.48 -12.24
N PHE J 241 53.23 -31.73 -12.68
CA PHE J 241 52.99 -32.89 -11.83
C PHE J 241 54.34 -33.52 -11.49
N GLU J 242 54.63 -33.63 -10.20
CA GLU J 242 55.79 -34.35 -9.71
C GLU J 242 55.32 -35.36 -8.69
N ALA J 243 55.76 -36.60 -8.84
CA ALA J 243 55.32 -37.67 -7.96
C ALA J 243 56.34 -38.80 -8.01
N ASN J 244 56.28 -39.66 -6.98
CA ASN J 244 57.09 -40.86 -6.93
C ASN J 244 56.27 -42.07 -6.52
N GLY J 245 54.94 -41.99 -6.60
CA GLY J 245 54.09 -43.10 -6.25
C GLY J 245 52.66 -42.70 -5.90
N ASN J 246 51.71 -43.52 -6.32
CA ASN J 246 50.31 -43.37 -5.94
C ASN J 246 49.70 -42.12 -6.56
N LEU J 247 50.12 -41.80 -7.78
CA LEU J 247 49.53 -40.74 -8.57
C LEU J 247 48.66 -41.36 -9.65
N ILE J 248 47.43 -40.87 -9.77
CA ILE J 248 46.54 -41.22 -10.86
C ILE J 248 46.53 -40.02 -11.80
N ALA J 249 47.40 -40.04 -12.79
CA ALA J 249 47.61 -38.87 -13.62
C ALA J 249 46.36 -38.59 -14.46
N PRO J 250 46.15 -37.34 -14.88
CA PRO J 250 45.05 -37.06 -15.79
C PRO J 250 45.31 -37.68 -17.16
N TRP J 251 44.22 -38.01 -17.83
CA TRP J 251 44.26 -38.50 -19.20
C TRP J 251 43.47 -37.62 -20.15
N TYR J 252 42.35 -37.08 -19.70
CA TYR J 252 41.55 -36.13 -20.48
C TYR J 252 41.27 -34.93 -19.61
N ALA J 253 41.55 -33.73 -20.12
CA ALA J 253 41.20 -32.51 -19.44
C ALA J 253 39.81 -32.05 -19.88
N PHE J 254 39.40 -30.88 -19.43
CA PHE J 254 38.11 -30.32 -19.82
C PHE J 254 38.26 -28.82 -19.97
N ALA J 255 38.12 -28.33 -21.19
CA ALA J 255 38.11 -26.90 -21.46
C ALA J 255 36.69 -26.38 -21.30
N LEU J 256 36.52 -25.33 -20.51
CA LEU J 256 35.21 -24.82 -20.13
C LEU J 256 35.13 -23.33 -20.40
N SER J 257 33.91 -22.85 -20.61
CA SER J 257 33.61 -21.48 -21.04
C SER J 257 32.51 -20.88 -20.19
N ARG J 258 32.71 -20.92 -18.87
CA ARG J 258 31.70 -20.50 -17.90
C ARG J 258 31.09 -19.15 -18.29
N GLY J 259 29.78 -19.15 -18.50
CA GLY J 259 29.06 -17.93 -18.82
C GLY J 259 28.02 -17.55 -17.80
N PHE J 260 28.30 -16.49 -17.03
CA PHE J 260 27.38 -15.88 -16.07
C PHE J 260 26.62 -16.88 -15.21
N GLY J 261 27.21 -18.05 -14.96
CA GLY J 261 26.64 -19.00 -14.04
C GLY J 261 25.28 -19.55 -14.44
N SER J 262 24.86 -20.62 -13.77
CA SER J 262 23.54 -21.20 -13.96
C SER J 262 23.22 -22.03 -12.72
N GLY J 263 22.20 -22.89 -12.83
CA GLY J 263 21.84 -23.78 -11.75
C GLY J 263 21.65 -25.19 -12.25
N ILE J 264 21.57 -26.12 -11.29
CA ILE J 264 21.41 -27.54 -11.56
C ILE J 264 20.03 -27.95 -11.05
N ILE J 265 19.32 -28.75 -11.84
CA ILE J 265 17.99 -29.25 -11.50
C ILE J 265 18.08 -30.75 -11.30
N THR J 266 17.32 -31.25 -10.32
CA THR J 266 17.14 -32.67 -10.10
C THR J 266 15.66 -33.00 -10.25
N SER J 267 15.35 -33.94 -11.14
CA SER J 267 13.97 -34.32 -11.42
C SER J 267 13.99 -35.64 -12.19
N ASN J 268 12.81 -36.07 -12.64
CA ASN J 268 12.67 -37.29 -13.42
C ASN J 268 11.69 -37.12 -14.58
N ALA J 269 11.41 -35.88 -14.98
CA ALA J 269 10.43 -35.65 -16.02
C ALA J 269 10.92 -36.20 -17.36
N PRO J 270 10.00 -36.61 -18.25
CA PRO J 270 10.44 -37.09 -19.56
C PRO J 270 11.08 -35.98 -20.37
N MET J 271 12.01 -36.37 -21.24
CA MET J 271 12.69 -35.43 -22.12
C MET J 271 11.73 -34.98 -23.22
N ASP J 272 11.68 -33.68 -23.46
CA ASP J 272 10.93 -33.13 -24.57
C ASP J 272 11.58 -31.81 -24.98
N GLU J 273 11.30 -31.38 -26.20
CA GLU J 273 11.91 -30.21 -26.79
C GLU J 273 10.85 -29.14 -27.03
N CYS J 274 11.10 -27.94 -26.50
CA CYS J 274 10.24 -26.77 -26.70
C CYS J 274 11.00 -25.57 -26.16
N ASP J 275 10.34 -24.42 -26.14
CA ASP J 275 10.91 -23.19 -25.61
C ASP J 275 10.18 -22.81 -24.32
N ALA J 276 10.96 -22.58 -23.26
CA ALA J 276 10.41 -22.25 -21.96
C ALA J 276 11.11 -21.03 -21.39
N LYS J 277 10.33 -20.12 -20.81
CA LYS J 277 10.92 -18.95 -20.17
C LYS J 277 11.77 -19.33 -18.98
N CYS J 278 11.29 -20.26 -18.15
CA CYS J 278 12.07 -20.79 -17.05
C CYS J 278 11.56 -22.18 -16.71
N GLN J 279 12.41 -22.95 -16.04
CA GLN J 279 12.18 -24.35 -15.80
C GLN J 279 11.69 -24.54 -14.37
N THR J 280 11.51 -25.80 -13.98
CA THR J 280 11.03 -26.16 -12.66
C THR J 280 11.16 -27.67 -12.52
N PRO J 281 11.50 -28.21 -11.36
CA PRO J 281 11.64 -29.67 -11.25
C PRO J 281 10.40 -30.42 -11.69
N GLN J 282 9.21 -29.88 -11.42
CA GLN J 282 7.98 -30.49 -11.93
C GLN J 282 7.83 -30.27 -13.43
N GLY J 283 8.34 -29.17 -13.96
CA GLY J 283 8.18 -28.88 -15.38
C GLY J 283 8.62 -27.47 -15.76
N ALA J 284 7.75 -26.75 -16.47
CA ALA J 284 8.05 -25.38 -16.88
C ALA J 284 6.76 -24.59 -16.89
N ILE J 285 6.89 -23.27 -16.85
CA ILE J 285 5.76 -22.36 -16.81
C ILE J 285 5.72 -21.56 -18.10
N ASN J 286 4.66 -20.76 -18.26
CA ASN J 286 4.43 -19.98 -19.46
C ASN J 286 4.01 -18.56 -19.08
N SER J 287 3.94 -17.69 -20.09
CA SER J 287 3.49 -16.32 -19.91
C SER J 287 4.43 -15.56 -18.97
N SER J 288 4.07 -14.32 -18.65
CA SER J 288 4.88 -13.44 -17.83
C SER J 288 4.07 -12.92 -16.65
N LEU J 289 3.35 -13.81 -15.99
CA LEU J 289 2.64 -13.44 -14.79
C LEU J 289 3.65 -13.11 -13.68
N PRO J 290 3.33 -12.17 -12.79
CA PRO J 290 4.32 -11.75 -11.79
C PRO J 290 4.57 -12.74 -10.68
N PHE J 291 3.69 -13.73 -10.48
CA PHE J 291 3.82 -14.65 -9.36
C PHE J 291 3.53 -16.07 -9.82
N GLN J 292 3.95 -17.03 -9.02
CA GLN J 292 3.66 -18.43 -9.26
C GLN J 292 3.72 -19.19 -7.94
N ASN J 293 3.03 -20.33 -7.89
CA ASN J 293 2.98 -21.17 -6.70
C ASN J 293 3.12 -22.63 -7.10
N VAL J 294 3.97 -22.92 -8.08
CA VAL J 294 4.17 -24.29 -8.56
C VAL J 294 5.41 -24.91 -7.93
N HIS J 295 6.46 -24.12 -7.69
CA HIS J 295 7.67 -24.65 -7.06
C HIS J 295 8.55 -23.48 -6.67
N PRO J 296 9.19 -23.50 -5.50
CA PRO J 296 10.15 -22.45 -5.15
C PRO J 296 11.53 -22.60 -5.79
N VAL J 297 11.71 -23.55 -6.70
CA VAL J 297 12.97 -23.76 -7.40
C VAL J 297 12.74 -23.49 -8.88
N THR J 298 13.50 -22.57 -9.44
CA THR J 298 13.33 -22.16 -10.83
C THR J 298 14.70 -21.93 -11.47
N ILE J 299 14.74 -22.03 -12.79
CA ILE J 299 15.96 -21.82 -13.56
C ILE J 299 15.61 -20.83 -14.66
N GLY J 300 15.98 -19.57 -14.47
CA GLY J 300 15.72 -18.55 -15.46
C GLY J 300 15.30 -17.26 -14.78
N GLU J 301 14.85 -16.32 -15.61
CA GLU J 301 14.31 -15.05 -15.15
C GLU J 301 12.80 -15.15 -15.19
N CYS J 302 12.18 -15.42 -14.05
CA CYS J 302 10.76 -15.72 -14.02
C CYS J 302 10.25 -15.57 -12.58
N PRO J 303 8.94 -15.57 -12.38
CA PRO J 303 8.36 -14.83 -11.24
C PRO J 303 8.70 -15.44 -9.88
N LYS J 304 8.37 -14.67 -8.85
CA LYS J 304 8.66 -15.07 -7.48
C LYS J 304 7.74 -16.19 -7.03
N TYR J 305 8.22 -16.99 -6.09
CA TYR J 305 7.37 -17.99 -5.45
C TYR J 305 6.42 -17.31 -4.47
N VAL J 306 5.18 -17.80 -4.43
CA VAL J 306 4.17 -17.31 -3.50
C VAL J 306 3.42 -18.50 -2.94
N ARG J 307 3.29 -18.56 -1.61
CA ARG J 307 2.57 -19.65 -0.96
C ARG J 307 1.07 -19.54 -1.10
N SER J 308 0.54 -18.35 -1.38
CA SER J 308 -0.90 -18.15 -1.43
C SER J 308 -1.55 -19.07 -2.46
N ALA J 309 -2.87 -19.19 -2.35
CA ALA J 309 -3.63 -20.12 -3.18
C ALA J 309 -4.16 -19.46 -4.45
N LYS J 310 -4.82 -18.31 -4.33
CA LYS J 310 -5.35 -17.62 -5.49
C LYS J 310 -5.42 -16.12 -5.19
N LEU J 311 -5.30 -15.32 -6.24
CA LEU J 311 -5.42 -13.88 -6.12
C LEU J 311 -5.63 -13.27 -7.50
N ARG J 312 -6.54 -12.31 -7.58
CA ARG J 312 -6.87 -11.68 -8.86
C ARG J 312 -7.64 -10.41 -8.58
N MET J 313 -7.30 -9.34 -9.31
CA MET J 313 -8.05 -8.11 -9.26
C MET J 313 -9.14 -8.12 -10.33
N VAL J 314 -10.05 -7.17 -10.24
CA VAL J 314 -11.18 -7.08 -11.15
C VAL J 314 -10.92 -5.95 -12.14
N THR J 315 -11.73 -5.93 -13.17
CA THR J 315 -11.81 -4.79 -14.09
C THR J 315 -13.22 -4.25 -14.24
N GLY J 316 -14.22 -5.12 -14.26
CA GLY J 316 -15.60 -4.72 -14.36
C GLY J 316 -16.24 -4.50 -13.00
N LEU J 317 -17.56 -4.61 -12.98
CA LEU J 317 -18.33 -4.32 -11.79
C LEU J 317 -18.79 -5.62 -11.13
N ARG J 318 -19.39 -5.49 -9.94
CA ARG J 318 -19.98 -6.63 -9.27
C ARG J 318 -21.11 -7.21 -10.11
N ASN J 319 -21.09 -8.53 -10.27
CA ASN J 319 -22.07 -9.22 -11.12
C ASN J 319 -23.27 -9.55 -10.27
N ILE J 320 -24.35 -8.81 -10.45
CA ILE J 320 -25.63 -9.08 -9.79
C ILE J 320 -26.71 -9.16 -10.86
N PRO J 321 -26.95 -10.33 -11.46
CA PRO J 321 -27.89 -10.39 -12.60
C PRO J 321 -29.30 -9.98 -12.21
N SER J 322 -29.84 -10.62 -11.17
CA SER J 322 -31.19 -10.32 -10.71
C SER J 322 -31.31 -10.73 -9.25
N ILE J 323 -32.31 -10.18 -8.58
CA ILE J 323 -32.56 -10.47 -7.18
C ILE J 323 -33.56 -11.61 -7.05
N GLU K 1 -53.03 -12.79 -2.76
CA GLU K 1 -53.47 -12.90 -4.18
C GLU K 1 -53.91 -11.54 -4.73
N VAL K 2 -53.82 -11.37 -6.03
CA VAL K 2 -54.18 -10.13 -6.71
C VAL K 2 -55.43 -10.38 -7.55
N GLN K 3 -56.41 -9.50 -7.41
CA GLN K 3 -57.68 -9.62 -8.11
C GLN K 3 -58.01 -8.30 -8.78
N LEU K 4 -58.66 -8.38 -9.93
CA LEU K 4 -59.09 -7.21 -10.69
C LEU K 4 -60.56 -7.36 -11.07
N LEU K 5 -61.24 -6.22 -11.14
CA LEU K 5 -62.65 -6.17 -11.55
C LEU K 5 -62.79 -5.17 -12.68
N GLU K 6 -63.60 -5.51 -13.68
CA GLU K 6 -63.80 -4.69 -14.87
C GLU K 6 -65.28 -4.55 -15.17
N SER K 7 -65.64 -3.43 -15.79
CA SER K 7 -67.02 -3.16 -16.12
C SER K 7 -67.06 -2.11 -17.23
N GLY K 8 -68.25 -1.97 -17.83
CA GLY K 8 -68.48 -1.00 -18.88
C GLY K 8 -68.77 -1.59 -20.24
N GLY K 9 -68.87 -2.91 -20.35
CA GLY K 9 -69.13 -3.52 -21.64
C GLY K 9 -70.58 -3.41 -22.06
N GLY K 10 -70.83 -3.70 -23.33
CA GLY K 10 -72.18 -3.65 -23.86
C GLY K 10 -72.16 -3.40 -25.35
N LEU K 11 -73.21 -2.72 -25.82
CA LEU K 11 -73.39 -2.38 -27.23
C LEU K 11 -73.28 -0.86 -27.39
N VAL K 12 -72.48 -0.43 -28.36
CA VAL K 12 -72.26 0.99 -28.62
C VAL K 12 -72.26 1.21 -30.13
N ARG K 13 -72.87 2.30 -30.56
CA ARG K 13 -72.94 2.61 -31.98
C ARG K 13 -71.70 3.38 -32.43
N PRO K 14 -71.42 3.42 -33.73
CA PRO K 14 -70.30 4.24 -34.22
C PRO K 14 -70.52 5.71 -33.85
N GLY K 15 -69.42 6.37 -33.49
CA GLY K 15 -69.46 7.76 -33.11
C GLY K 15 -69.73 8.02 -31.64
N GLY K 16 -70.00 7.00 -30.84
CA GLY K 16 -70.25 7.15 -29.43
C GLY K 16 -68.97 7.08 -28.61
N SER K 17 -69.14 7.17 -27.30
CA SER K 17 -68.04 7.13 -26.36
C SER K 17 -68.38 6.19 -25.21
N LEU K 18 -67.38 5.41 -24.78
CA LEU K 18 -67.55 4.42 -23.72
C LEU K 18 -66.47 4.62 -22.67
N ARG K 19 -66.81 4.25 -21.44
CA ARG K 19 -65.90 4.33 -20.29
C ARG K 19 -65.83 2.97 -19.64
N LEU K 20 -64.65 2.36 -19.66
CA LEU K 20 -64.42 1.04 -19.06
C LEU K 20 -63.68 1.23 -17.76
N SER K 21 -64.34 0.92 -16.64
CA SER K 21 -63.74 0.99 -15.33
C SER K 21 -63.12 -0.36 -14.99
N CYS K 22 -61.86 -0.35 -14.56
CA CYS K 22 -61.13 -1.58 -14.28
C CYS K 22 -60.37 -1.37 -12.96
N LYS K 23 -60.95 -1.84 -11.87
CA LYS K 23 -60.41 -1.60 -10.54
C LYS K 23 -59.19 -2.48 -10.30
N ALA K 24 -58.41 -2.10 -9.28
CA ALA K 24 -57.20 -2.80 -8.89
C ALA K 24 -57.19 -3.02 -7.39
N SER K 25 -56.70 -4.20 -6.98
CA SER K 25 -56.58 -4.52 -5.57
C SER K 25 -55.55 -5.64 -5.41
N GLY K 26 -55.02 -5.76 -4.20
CA GLY K 26 -54.06 -6.80 -3.87
C GLY K 26 -52.61 -6.46 -4.12
N PHE K 27 -52.31 -5.25 -4.62
CA PHE K 27 -50.94 -4.85 -4.88
C PHE K 27 -50.85 -3.34 -4.78
N SER K 28 -49.61 -2.85 -4.72
CA SER K 28 -49.34 -1.41 -4.65
C SER K 28 -49.69 -0.79 -5.99
N PHE K 29 -50.89 -0.20 -6.08
CA PHE K 29 -51.33 0.38 -7.35
C PHE K 29 -50.53 1.62 -7.71
N SER K 30 -50.10 2.40 -6.72
CA SER K 30 -49.40 3.64 -7.01
C SER K 30 -48.07 3.39 -7.71
N ARG K 31 -47.33 2.38 -7.28
CA ARG K 31 -45.99 2.13 -7.79
C ARG K 31 -45.96 1.19 -9.00
N HIS K 32 -47.11 0.64 -9.40
CA HIS K 32 -47.18 -0.29 -10.52
C HIS K 32 -47.96 0.34 -11.67
N GLY K 33 -47.47 0.10 -12.89
CA GLY K 33 -48.17 0.56 -14.07
C GLY K 33 -49.27 -0.39 -14.50
N LEU K 34 -50.07 0.06 -15.46
CA LEU K 34 -51.15 -0.74 -16.03
C LEU K 34 -51.17 -0.55 -17.54
N SER K 35 -51.88 -1.45 -18.21
CA SER K 35 -52.00 -1.38 -19.66
C SER K 35 -53.27 -2.11 -20.08
N TRP K 36 -53.58 -2.08 -21.37
CA TRP K 36 -54.77 -2.70 -21.92
C TRP K 36 -54.39 -3.52 -23.15
N VAL K 37 -55.13 -4.61 -23.35
CA VAL K 37 -54.96 -5.47 -24.52
C VAL K 37 -56.33 -5.82 -25.07
N ARG K 38 -56.38 -6.11 -26.37
CA ARG K 38 -57.64 -6.31 -27.06
C ARG K 38 -57.50 -7.54 -27.97
N GLN K 39 -58.51 -8.41 -27.94
CA GLN K 39 -58.49 -9.64 -28.73
C GLN K 39 -59.75 -9.69 -29.58
N ALA K 40 -59.57 -9.58 -30.90
CA ALA K 40 -60.68 -9.76 -31.81
C ALA K 40 -61.08 -11.24 -31.86
N PRO K 41 -62.32 -11.54 -32.25
CA PRO K 41 -62.74 -12.94 -32.28
C PRO K 41 -61.96 -13.77 -33.29
N GLY K 42 -61.20 -14.75 -32.80
CA GLY K 42 -60.46 -15.66 -33.65
C GLY K 42 -59.04 -15.25 -33.95
N LYS K 43 -58.65 -14.01 -33.65
CA LYS K 43 -57.33 -13.50 -33.96
C LYS K 43 -56.53 -13.29 -32.69
N GLY K 44 -55.26 -12.90 -32.88
CA GLY K 44 -54.37 -12.72 -31.75
C GLY K 44 -54.58 -11.40 -31.04
N LEU K 45 -53.98 -11.31 -29.85
CA LEU K 45 -54.09 -10.11 -29.04
C LEU K 45 -53.33 -8.96 -29.68
N GLU K 46 -53.85 -7.74 -29.48
CA GLU K 46 -53.29 -6.53 -30.07
C GLU K 46 -53.28 -5.44 -29.01
N TRP K 47 -52.12 -5.21 -28.41
CA TRP K 47 -52.01 -4.24 -27.32
C TRP K 47 -52.38 -2.85 -27.81
N VAL K 48 -53.00 -2.06 -26.94
CA VAL K 48 -53.57 -0.76 -27.30
C VAL K 48 -52.89 0.38 -26.55
N SER K 49 -52.74 0.25 -25.23
CA SER K 49 -52.26 1.36 -24.42
C SER K 49 -51.61 0.86 -23.14
N SER K 50 -50.55 1.55 -22.73
CA SER K 50 -49.87 1.27 -21.46
C SER K 50 -49.52 2.60 -20.81
N ILE K 51 -49.69 2.68 -19.49
CA ILE K 51 -49.45 3.90 -18.73
C ILE K 51 -48.68 3.55 -17.48
N SER K 52 -47.60 4.30 -17.23
CA SER K 52 -46.78 4.10 -16.04
C SER K 52 -47.43 4.78 -14.84
N GLY K 53 -46.72 4.84 -13.73
CA GLY K 53 -47.28 5.41 -12.53
C GLY K 53 -47.51 6.90 -12.60
N SER K 54 -48.43 7.37 -11.77
CA SER K 54 -48.69 8.79 -11.52
C SER K 54 -49.12 9.55 -12.77
N SER K 55 -49.56 8.86 -13.81
CA SER K 55 -50.19 9.51 -14.98
C SER K 55 -49.27 10.54 -15.61
N LEU K 56 -48.01 10.17 -15.85
CA LEU K 56 -47.05 11.03 -16.52
C LEU K 56 -46.47 10.43 -17.79
N SER K 57 -46.65 9.13 -18.02
CA SER K 57 -46.20 8.47 -19.24
C SER K 57 -47.39 7.78 -19.89
N ARG K 58 -47.73 8.19 -21.11
CA ARG K 58 -48.87 7.67 -21.83
C ARG K 58 -48.42 7.23 -23.22
N TYR K 59 -48.76 6.00 -23.59
CA TYR K 59 -48.40 5.45 -24.88
C TYR K 59 -49.61 4.76 -25.50
N TYR K 60 -49.79 4.94 -26.79
CA TYR K 60 -50.92 4.37 -27.52
C TYR K 60 -50.43 3.62 -28.74
N ALA K 61 -51.17 2.58 -29.12
CA ALA K 61 -50.88 1.86 -30.34
C ALA K 61 -51.25 2.71 -31.55
N ASP K 62 -50.50 2.54 -32.63
CA ASP K 62 -50.70 3.36 -33.82
C ASP K 62 -52.10 3.20 -34.40
N SER K 63 -52.76 2.06 -34.16
CA SER K 63 -54.08 1.85 -34.74
C SER K 63 -55.10 2.85 -34.21
N VAL K 64 -55.03 3.17 -32.92
CA VAL K 64 -55.98 4.07 -32.28
C VAL K 64 -55.31 5.31 -31.74
N LYS K 65 -54.13 5.67 -32.25
CA LYS K 65 -53.44 6.86 -31.77
C LYS K 65 -54.22 8.11 -32.14
N GLY K 66 -54.32 9.04 -31.18
CA GLY K 66 -55.01 10.29 -31.39
C GLY K 66 -56.50 10.24 -31.22
N ARG K 67 -57.07 9.09 -30.81
CA ARG K 67 -58.51 8.97 -30.61
C ARG K 67 -58.86 8.24 -29.32
N PHE K 68 -57.88 7.86 -28.51
CA PHE K 68 -58.10 7.23 -27.22
C PHE K 68 -57.43 8.06 -26.14
N THR K 69 -57.94 7.94 -24.91
CA THR K 69 -57.37 8.63 -23.77
C THR K 69 -57.52 7.77 -22.53
N ILE K 70 -56.53 7.83 -21.64
CA ILE K 70 -56.48 6.99 -20.46
C ILE K 70 -56.15 7.85 -19.25
N SER K 71 -56.76 7.52 -18.11
CA SER K 71 -56.51 8.22 -16.87
C SER K 71 -56.54 7.21 -15.73
N ARG K 72 -55.94 7.60 -14.60
CA ARG K 72 -55.87 6.76 -13.42
C ARG K 72 -56.16 7.58 -12.17
N ASP K 73 -56.79 6.94 -11.19
CA ASP K 73 -57.12 7.56 -9.91
C ASP K 73 -56.49 6.73 -8.80
N ASN K 74 -55.64 7.38 -8.00
CA ASN K 74 -54.98 6.67 -6.90
C ASN K 74 -55.92 6.46 -5.71
N SER K 75 -56.78 7.42 -5.42
CA SER K 75 -57.66 7.30 -4.25
C SER K 75 -58.61 6.11 -4.40
N GLN K 76 -59.20 5.95 -5.58
CA GLN K 76 -60.12 4.85 -5.85
C GLN K 76 -59.42 3.63 -6.43
N ASN K 77 -58.09 3.67 -6.55
CA ASN K 77 -57.26 2.62 -7.18
C ASN K 77 -57.99 1.94 -8.32
N THR K 78 -58.41 2.74 -9.31
CA THR K 78 -59.09 2.22 -10.48
C THR K 78 -58.55 2.90 -11.73
N LEU K 79 -58.66 2.21 -12.86
CA LEU K 79 -58.22 2.70 -14.15
C LEU K 79 -59.41 2.87 -15.08
N TYR K 80 -59.39 3.93 -15.87
CA TYR K 80 -60.42 4.22 -16.85
C TYR K 80 -59.83 4.08 -18.25
N LEU K 81 -60.71 3.85 -19.23
CA LEU K 81 -60.33 3.73 -20.63
C LEU K 81 -61.33 4.56 -21.45
N GLN K 82 -61.01 5.84 -21.65
CA GLN K 82 -61.86 6.73 -22.42
C GLN K 82 -61.57 6.55 -23.90
N MET K 83 -62.59 6.79 -24.73
CA MET K 83 -62.45 6.61 -26.16
C MET K 83 -63.67 7.20 -26.86
N ASN K 84 -63.58 7.28 -28.18
CA ASN K 84 -64.69 7.74 -29.01
C ASN K 84 -64.42 7.27 -30.44
N SER K 85 -65.38 7.53 -31.33
CA SER K 85 -65.27 7.17 -32.74
C SER K 85 -65.07 5.66 -32.90
N LEU K 86 -66.12 4.94 -32.49
CA LEU K 86 -66.10 3.49 -32.57
C LEU K 86 -65.88 3.01 -34.01
N ARG K 87 -65.43 1.78 -34.14
CA ARG K 87 -65.17 1.14 -35.42
C ARG K 87 -65.86 -0.21 -35.50
N VAL K 88 -66.14 -0.64 -36.74
CA VAL K 88 -66.84 -1.89 -36.95
C VAL K 88 -65.92 -3.10 -36.73
N GLU K 89 -64.61 -2.92 -36.82
CA GLU K 89 -63.65 -3.99 -36.57
C GLU K 89 -63.19 -4.01 -35.12
N ASP K 90 -63.73 -3.14 -34.27
CA ASP K 90 -63.29 -3.02 -32.88
C ASP K 90 -64.08 -3.91 -31.93
N THR K 91 -64.85 -4.87 -32.45
CA THR K 91 -65.61 -5.78 -31.60
C THR K 91 -64.64 -6.78 -30.98
N ALA K 92 -64.21 -6.51 -29.76
CA ALA K 92 -63.19 -7.35 -29.13
C ALA K 92 -63.31 -7.24 -27.61
N VAL K 93 -62.77 -8.25 -26.94
CA VAL K 93 -62.70 -8.25 -25.48
C VAL K 93 -61.51 -7.40 -25.06
N PHE K 94 -61.62 -6.75 -23.90
CA PHE K 94 -60.60 -5.83 -23.42
C PHE K 94 -60.20 -6.23 -22.00
N TYR K 95 -59.05 -6.90 -21.88
CA TYR K 95 -58.53 -7.33 -20.58
C TYR K 95 -57.67 -6.24 -19.96
N CYS K 96 -57.45 -6.38 -18.65
CA CYS K 96 -56.53 -5.52 -17.91
C CYS K 96 -55.28 -6.30 -17.57
N VAL K 97 -54.14 -5.63 -17.61
CA VAL K 97 -52.85 -6.25 -17.36
C VAL K 97 -52.01 -5.32 -16.49
N LYS K 98 -51.22 -5.90 -15.60
CA LYS K 98 -50.39 -5.15 -14.67
C LYS K 98 -48.96 -5.07 -15.19
N ASP K 99 -48.46 -3.85 -15.36
CA ASP K 99 -47.06 -3.66 -15.70
C ASP K 99 -46.19 -4.14 -14.54
N ARG K 100 -44.96 -4.55 -14.87
CA ARG K 100 -44.07 -5.10 -13.85
C ARG K 100 -43.85 -4.12 -12.71
N LEU K 101 -43.23 -2.97 -13.01
CA LEU K 101 -42.97 -1.95 -12.00
C LEU K 101 -42.74 -0.63 -12.73
N ASP K 102 -42.69 0.44 -11.95
CA ASP K 102 -42.48 1.76 -12.51
C ASP K 102 -41.00 2.08 -12.67
N THR K 103 -40.20 1.80 -11.65
CA THR K 103 -38.78 2.13 -11.66
C THR K 103 -37.91 0.99 -12.19
N ALA K 104 -38.41 -0.24 -12.20
CA ALA K 104 -37.65 -1.33 -12.78
C ALA K 104 -37.37 -1.05 -14.26
N VAL K 105 -36.16 -1.37 -14.69
CA VAL K 105 -35.72 -1.00 -16.03
C VAL K 105 -36.28 -1.96 -17.08
N PRO K 106 -36.21 -3.28 -16.90
CA PRO K 106 -36.83 -4.17 -17.90
C PRO K 106 -38.33 -4.23 -17.67
N ARG K 107 -39.09 -3.73 -18.65
CA ARG K 107 -40.54 -3.55 -18.50
C ARG K 107 -41.27 -4.17 -19.68
N GLY K 108 -42.48 -4.64 -19.44
CA GLY K 108 -43.35 -5.07 -20.52
C GLY K 108 -44.15 -6.34 -20.29
N TRP K 109 -43.63 -7.28 -19.52
CA TRP K 109 -44.37 -8.52 -19.29
C TRP K 109 -45.51 -8.29 -18.32
N PHE K 110 -46.58 -9.07 -18.50
CA PHE K 110 -47.79 -8.94 -17.69
C PHE K 110 -47.94 -10.18 -16.81
N ASP K 111 -48.15 -9.97 -15.52
CA ASP K 111 -48.31 -11.06 -14.57
C ASP K 111 -49.78 -11.37 -14.30
N SER K 112 -50.55 -10.37 -13.88
CA SER K 112 -51.94 -10.55 -13.49
C SER K 112 -52.84 -10.19 -14.65
N TRP K 113 -53.82 -11.05 -14.93
CA TRP K 113 -54.78 -10.85 -16.01
C TRP K 113 -56.19 -10.97 -15.47
N GLY K 114 -57.01 -9.95 -15.71
CA GLY K 114 -58.40 -10.00 -15.34
C GLY K 114 -59.22 -10.77 -16.36
N GLN K 115 -60.52 -10.89 -16.08
CA GLN K 115 -61.41 -11.59 -17.00
C GLN K 115 -61.66 -10.75 -18.24
N GLY K 116 -61.85 -9.43 -18.07
CA GLY K 116 -62.18 -8.56 -19.17
C GLY K 116 -63.67 -8.57 -19.45
N ILE K 117 -64.08 -7.67 -20.35
CA ILE K 117 -65.48 -7.53 -20.74
C ILE K 117 -65.54 -7.36 -22.25
N LEU K 118 -66.76 -7.48 -22.77
CA LEU K 118 -67.01 -7.49 -24.21
C LEU K 118 -67.63 -6.16 -24.63
N VAL K 119 -67.07 -5.56 -25.67
CA VAL K 119 -67.60 -4.34 -26.29
C VAL K 119 -67.83 -4.61 -27.77
N THR K 120 -69.05 -4.35 -28.23
CA THR K 120 -69.47 -4.66 -29.58
C THR K 120 -69.92 -3.39 -30.28
N VAL K 121 -70.36 -3.54 -31.53
CA VAL K 121 -70.87 -2.42 -32.32
C VAL K 121 -72.00 -2.91 -33.21
N SER K 122 -72.83 -1.96 -33.64
CA SER K 122 -73.97 -2.26 -34.51
C SER K 122 -74.17 -1.10 -35.47
N SER K 123 -74.82 -1.41 -36.59
CA SER K 123 -75.10 -0.40 -37.60
C SER K 123 -76.22 0.53 -37.13
N GLU L 1 -41.83 -0.99 -36.25
CA GLU L 1 -42.75 -2.06 -35.74
C GLU L 1 -42.08 -3.43 -35.80
N ILE L 2 -41.89 -4.02 -34.61
CA ILE L 2 -41.21 -5.31 -34.51
C ILE L 2 -42.24 -6.40 -34.80
N VAL L 3 -41.94 -7.25 -35.79
CA VAL L 3 -42.92 -8.17 -36.36
C VAL L 3 -42.62 -9.58 -35.87
N MET L 4 -43.67 -10.30 -35.49
CA MET L 4 -43.56 -11.67 -35.01
C MET L 4 -44.41 -12.60 -35.85
N THR L 5 -44.01 -13.87 -35.90
CA THR L 5 -44.76 -14.89 -36.59
C THR L 5 -44.34 -16.26 -36.06
N GLN L 6 -45.30 -17.16 -35.98
CA GLN L 6 -45.09 -18.55 -35.57
C GLN L 6 -45.55 -19.45 -36.69
N SER L 7 -44.80 -20.52 -36.96
CA SER L 7 -45.17 -21.41 -38.05
C SER L 7 -44.56 -22.78 -37.81
N PRO L 8 -45.26 -23.88 -38.13
CA PRO L 8 -46.66 -23.97 -38.57
C PRO L 8 -47.65 -23.66 -37.46
N ALA L 9 -48.94 -23.53 -37.81
CA ALA L 9 -49.95 -23.11 -36.85
C ALA L 9 -50.62 -24.29 -36.17
N THR L 10 -51.20 -25.21 -36.94
CA THR L 10 -51.98 -26.31 -36.42
C THR L 10 -51.11 -27.56 -36.32
N LEU L 11 -51.12 -28.19 -35.14
CA LEU L 11 -50.36 -29.41 -34.91
C LEU L 11 -51.07 -30.27 -33.88
N SER L 12 -51.08 -31.58 -34.12
CA SER L 12 -51.64 -32.56 -33.20
C SER L 12 -50.57 -33.55 -32.81
N VAL L 13 -50.38 -33.75 -31.51
CA VAL L 13 -49.37 -34.65 -30.98
C VAL L 13 -49.99 -35.49 -29.87
N SER L 14 -49.52 -36.73 -29.75
CA SER L 14 -49.99 -37.58 -28.67
C SER L 14 -49.57 -37.01 -27.33
N PRO L 15 -50.38 -37.15 -26.28
CA PRO L 15 -49.99 -36.58 -24.98
C PRO L 15 -48.73 -37.24 -24.44
N GLY L 16 -47.95 -36.43 -23.72
CA GLY L 16 -46.73 -36.92 -23.10
C GLY L 16 -45.50 -36.86 -23.97
N ASP L 17 -45.63 -36.53 -25.25
CA ASP L 17 -44.51 -36.50 -26.17
C ASP L 17 -43.85 -35.12 -26.13
N ARG L 18 -42.97 -34.85 -27.09
CA ARG L 18 -42.26 -33.58 -27.21
C ARG L 18 -42.73 -32.88 -28.47
N ALA L 19 -43.12 -31.61 -28.33
CA ALA L 19 -43.57 -30.80 -29.47
C ALA L 19 -43.12 -29.37 -29.24
N THR L 20 -42.34 -28.85 -30.18
CA THR L 20 -41.77 -27.50 -30.09
C THR L 20 -42.17 -26.69 -31.32
N LEU L 21 -42.65 -25.48 -31.07
CA LEU L 21 -43.02 -24.55 -32.14
C LEU L 21 -42.33 -23.22 -31.89
N SER L 22 -41.56 -22.76 -32.87
CA SER L 22 -40.70 -21.60 -32.73
C SER L 22 -41.31 -20.41 -33.45
N CYS L 23 -41.19 -19.23 -32.86
CA CYS L 23 -41.70 -18.00 -33.45
C CYS L 23 -40.52 -17.10 -33.82
N ARG L 24 -40.46 -16.72 -35.10
CA ARG L 24 -39.40 -15.87 -35.62
C ARG L 24 -39.53 -14.46 -35.05
N ALA L 25 -38.48 -13.66 -35.25
CA ALA L 25 -38.46 -12.30 -34.74
C ALA L 25 -37.59 -11.44 -35.64
N SER L 26 -38.21 -10.46 -36.31
CA SER L 26 -37.44 -9.46 -37.02
C SER L 26 -36.62 -8.64 -36.02
N GLN L 27 -35.35 -8.41 -36.35
CA GLN L 27 -34.43 -7.67 -35.49
C GLN L 27 -34.17 -8.46 -34.21
N SER L 28 -33.01 -8.27 -33.60
CA SER L 28 -32.66 -8.98 -32.38
C SER L 28 -33.22 -8.25 -31.17
N VAL L 29 -33.89 -9.01 -30.30
CA VAL L 29 -34.48 -8.45 -29.08
C VAL L 29 -33.77 -9.03 -27.86
N SER L 30 -32.50 -9.40 -28.02
CA SER L 30 -31.72 -9.95 -26.93
C SER L 30 -32.44 -11.14 -26.30
N THR L 31 -32.33 -11.32 -24.99
CA THR L 31 -33.02 -12.39 -24.28
C THR L 31 -34.37 -11.95 -23.75
N GLU L 32 -34.87 -10.80 -24.17
CA GLU L 32 -36.10 -10.23 -23.63
C GLU L 32 -37.27 -10.71 -24.48
N LEU L 33 -38.10 -11.57 -23.90
CA LEU L 33 -39.21 -12.18 -24.62
C LEU L 33 -40.08 -12.91 -23.61
N ALA L 34 -41.38 -12.93 -23.87
CA ALA L 34 -42.33 -13.58 -22.98
C ALA L 34 -43.22 -14.52 -23.78
N TRP L 35 -43.63 -15.62 -23.13
CA TRP L 35 -44.51 -16.61 -23.72
C TRP L 35 -45.74 -16.76 -22.84
N TYR L 36 -46.91 -16.87 -23.48
CA TYR L 36 -48.18 -16.88 -22.77
C TYR L 36 -49.01 -18.09 -23.17
N GLN L 37 -49.82 -18.55 -22.22
CA GLN L 37 -50.82 -19.59 -22.45
C GLN L 37 -52.20 -18.98 -22.50
N GLN L 38 -53.12 -19.65 -23.18
CA GLN L 38 -54.52 -19.24 -23.18
C GLN L 38 -55.36 -20.51 -23.38
N LYS L 39 -55.85 -21.06 -22.28
CA LYS L 39 -56.72 -22.22 -22.36
C LYS L 39 -58.11 -21.80 -22.86
N PRO L 40 -58.81 -22.69 -23.58
CA PRO L 40 -60.13 -22.28 -24.09
C PRO L 40 -61.13 -22.03 -22.97
N GLY L 41 -61.52 -20.76 -22.78
CA GLY L 41 -62.55 -20.44 -21.81
C GLY L 41 -62.28 -19.20 -20.97
N GLN L 42 -61.01 -18.90 -20.70
CA GLN L 42 -60.66 -17.81 -19.79
C GLN L 42 -59.51 -17.01 -20.37
N ALA L 43 -59.04 -16.04 -19.60
CA ALA L 43 -58.04 -15.11 -20.09
C ALA L 43 -56.66 -15.76 -20.11
N PRO L 44 -55.71 -15.19 -20.87
CA PRO L 44 -54.36 -15.76 -20.89
C PRO L 44 -53.63 -15.55 -19.56
N ARG L 45 -52.58 -16.35 -19.38
CA ARG L 45 -51.68 -16.26 -18.23
C ARG L 45 -50.25 -16.13 -18.73
N LEU L 46 -49.31 -16.08 -17.80
CA LEU L 46 -47.89 -15.91 -18.10
C LEU L 46 -47.14 -17.19 -17.72
N LEU L 47 -46.19 -17.58 -18.58
CA LEU L 47 -45.39 -18.77 -18.35
C LEU L 47 -43.91 -18.44 -18.15
N ILE L 48 -43.28 -17.78 -19.12
CA ILE L 48 -41.84 -17.53 -19.11
C ILE L 48 -41.61 -16.06 -19.40
N TYR L 49 -40.98 -15.36 -18.47
CA TYR L 49 -40.59 -13.98 -18.66
C TYR L 49 -39.07 -13.89 -18.71
N GLY L 50 -38.55 -13.21 -19.73
CA GLY L 50 -37.13 -13.18 -19.96
C GLY L 50 -36.58 -14.36 -20.73
N ALA L 51 -37.43 -15.29 -21.15
CA ALA L 51 -37.03 -16.46 -21.92
C ALA L 51 -36.06 -17.35 -21.16
N SER L 52 -36.01 -17.23 -19.83
CA SER L 52 -35.11 -18.05 -19.02
C SER L 52 -35.71 -18.57 -17.73
N THR L 53 -36.83 -18.04 -17.25
CA THR L 53 -37.37 -18.42 -15.96
C THR L 53 -38.89 -18.51 -16.03
N ARG L 54 -39.46 -19.32 -15.15
CA ARG L 54 -40.89 -19.49 -15.06
C ARG L 54 -41.49 -18.47 -14.09
N ALA L 55 -42.81 -18.31 -14.17
CA ALA L 55 -43.53 -17.41 -13.28
C ALA L 55 -43.79 -18.12 -11.96
N THR L 56 -44.64 -17.53 -11.11
CA THR L 56 -44.95 -18.11 -9.82
C THR L 56 -46.02 -19.18 -9.97
N ASP L 57 -45.80 -20.32 -9.31
CA ASP L 57 -46.74 -21.45 -9.33
C ASP L 57 -47.01 -21.91 -10.76
N ILE L 58 -45.94 -22.38 -11.40
CA ILE L 58 -45.97 -22.85 -12.78
C ILE L 58 -45.36 -24.23 -12.83
N PRO L 59 -46.00 -25.23 -13.43
CA PRO L 59 -45.32 -26.52 -13.63
C PRO L 59 -44.05 -26.34 -14.45
N ALA L 60 -43.03 -27.11 -14.10
CA ALA L 60 -41.70 -26.94 -14.66
C ALA L 60 -41.48 -27.77 -15.94
N ARG L 61 -42.51 -28.43 -16.44
CA ARG L 61 -42.35 -29.26 -17.63
C ARG L 61 -42.04 -28.44 -18.87
N PHE L 62 -42.24 -27.11 -18.83
CA PHE L 62 -41.94 -26.26 -19.97
C PHE L 62 -40.44 -25.90 -19.98
N SER L 63 -40.01 -25.32 -21.09
CA SER L 63 -38.61 -24.95 -21.29
C SER L 63 -38.53 -23.65 -22.06
N GLY L 64 -37.82 -22.67 -21.48
CA GLY L 64 -37.58 -21.40 -22.15
C GLY L 64 -36.17 -21.31 -22.68
N SER L 65 -36.02 -21.38 -24.01
CA SER L 65 -34.72 -21.40 -24.65
C SER L 65 -34.73 -20.50 -25.88
N GLY L 66 -33.55 -20.02 -26.25
CA GLY L 66 -33.39 -19.20 -27.44
C GLY L 66 -32.72 -17.87 -27.15
N SER L 67 -32.22 -17.22 -28.19
CA SER L 67 -31.60 -15.90 -28.06
C SER L 67 -31.65 -15.22 -29.41
N GLY L 68 -31.66 -13.88 -29.37
CA GLY L 68 -31.70 -13.13 -30.61
C GLY L 68 -32.96 -13.42 -31.40
N THR L 69 -32.79 -13.65 -32.71
CA THR L 69 -33.95 -13.90 -33.57
C THR L 69 -34.47 -15.32 -33.38
N GLU L 70 -33.56 -16.28 -33.21
CA GLU L 70 -33.95 -17.69 -33.07
C GLU L 70 -34.47 -17.92 -31.65
N PHE L 71 -35.78 -18.05 -31.53
CA PHE L 71 -36.44 -18.30 -30.24
C PHE L 71 -37.32 -19.52 -30.38
N THR L 72 -37.20 -20.44 -29.43
CA THR L 72 -37.90 -21.71 -29.47
C THR L 72 -38.53 -22.00 -28.12
N LEU L 73 -39.58 -22.83 -28.14
CA LEU L 73 -40.23 -23.31 -26.93
C LEU L 73 -40.40 -24.81 -27.05
N THR L 74 -40.11 -25.52 -25.96
CA THR L 74 -40.25 -26.98 -25.93
C THR L 74 -40.83 -27.40 -24.58
N ILE L 75 -41.63 -28.46 -24.62
CA ILE L 75 -42.30 -29.00 -23.45
C ILE L 75 -41.83 -30.44 -23.24
N SER L 76 -41.39 -30.75 -22.02
CA SER L 76 -40.91 -32.09 -21.74
C SER L 76 -42.02 -33.12 -21.91
N SER L 77 -43.17 -32.87 -21.29
CA SER L 77 -44.32 -33.76 -21.36
C SER L 77 -45.58 -32.93 -21.59
N LEU L 78 -46.53 -33.52 -22.30
CA LEU L 78 -47.78 -32.85 -22.65
C LEU L 78 -48.94 -33.59 -21.98
N GLN L 79 -49.80 -32.83 -21.32
CA GLN L 79 -51.03 -33.34 -20.72
C GLN L 79 -52.22 -32.75 -21.46
N SER L 80 -53.43 -33.21 -21.08
CA SER L 80 -54.64 -32.67 -21.70
C SER L 80 -54.83 -31.20 -21.42
N GLU L 81 -54.21 -30.67 -20.36
CA GLU L 81 -54.31 -29.23 -20.00
C GLU L 81 -53.47 -28.41 -20.96
N ASP L 82 -52.33 -28.93 -21.42
CA ASP L 82 -51.39 -28.14 -22.23
C ASP L 82 -51.95 -27.78 -23.60
N PHE L 83 -52.98 -28.48 -24.07
CA PHE L 83 -53.52 -28.23 -25.40
C PHE L 83 -54.26 -26.91 -25.38
N ALA L 84 -53.57 -25.84 -25.76
CA ALA L 84 -54.12 -24.49 -25.70
C ALA L 84 -53.51 -23.67 -26.84
N VAL L 85 -53.72 -22.36 -26.79
CA VAL L 85 -53.20 -21.43 -27.79
C VAL L 85 -52.02 -20.69 -27.18
N TYR L 86 -50.91 -20.65 -27.92
CA TYR L 86 -49.64 -20.15 -27.42
C TYR L 86 -49.34 -18.81 -28.08
N PHE L 87 -48.88 -17.84 -27.28
CA PHE L 87 -48.45 -16.54 -27.77
C PHE L 87 -47.03 -16.25 -27.32
N CYS L 88 -46.25 -15.62 -28.19
CA CYS L 88 -44.90 -15.19 -27.88
C CYS L 88 -44.80 -13.69 -28.10
N GLN L 89 -44.23 -12.99 -27.13
CA GLN L 89 -44.22 -11.53 -27.10
C GLN L 89 -42.81 -11.03 -26.86
N GLN L 90 -42.48 -9.89 -27.46
CA GLN L 90 -41.25 -9.17 -27.20
C GLN L 90 -41.54 -7.86 -26.49
N TYR L 91 -40.53 -7.37 -25.77
CA TYR L 91 -40.63 -6.08 -25.10
C TYR L 91 -39.31 -5.32 -25.09
N ASN L 92 -38.35 -5.67 -25.96
CA ASN L 92 -37.11 -4.92 -26.00
C ASN L 92 -37.36 -3.49 -26.49
N ASN L 93 -38.06 -3.35 -27.61
CA ASN L 93 -38.51 -2.05 -28.10
C ASN L 93 -39.99 -1.92 -27.77
N TRP L 94 -40.32 -0.93 -26.92
CA TRP L 94 -41.64 -0.87 -26.29
C TRP L 94 -42.32 0.49 -26.45
N PRO L 95 -42.32 1.07 -27.66
CA PRO L 95 -43.44 1.95 -28.00
C PRO L 95 -44.66 1.14 -28.41
N PRO L 96 -44.50 0.11 -29.29
CA PRO L 96 -45.57 -0.88 -29.44
C PRO L 96 -45.33 -2.15 -28.64
N ILE L 97 -46.33 -3.04 -28.64
CA ILE L 97 -46.16 -4.42 -28.23
C ILE L 97 -46.84 -5.28 -29.29
N THR L 98 -46.17 -6.34 -29.72
CA THR L 98 -46.67 -7.20 -30.79
C THR L 98 -46.64 -8.65 -30.35
N PHE L 99 -47.80 -9.30 -30.44
CA PHE L 99 -47.93 -10.72 -30.15
C PHE L 99 -47.84 -11.51 -31.45
N GLY L 100 -47.80 -12.84 -31.31
CA GLY L 100 -47.85 -13.72 -32.46
C GLY L 100 -49.28 -13.95 -32.92
N GLN L 101 -49.42 -14.82 -33.91
CA GLN L 101 -50.72 -15.15 -34.47
C GLN L 101 -51.39 -16.32 -33.79
N GLY L 102 -50.71 -16.99 -32.86
CA GLY L 102 -51.33 -18.05 -32.09
C GLY L 102 -51.27 -19.41 -32.78
N THR L 103 -50.83 -20.43 -32.04
CA THR L 103 -50.76 -21.80 -32.53
C THR L 103 -51.63 -22.68 -31.63
N ARG L 104 -52.57 -23.39 -32.25
CA ARG L 104 -53.53 -24.21 -31.53
C ARG L 104 -53.08 -25.67 -31.55
N LEU L 105 -53.07 -26.30 -30.38
CA LEU L 105 -52.71 -27.71 -30.25
C LEU L 105 -53.94 -28.49 -29.81
N GLU L 106 -54.20 -29.59 -30.49
CA GLU L 106 -55.40 -30.40 -30.23
C GLU L 106 -55.08 -31.85 -30.53
N ILE L 107 -55.98 -32.74 -30.07
CA ILE L 107 -55.85 -34.17 -30.30
C ILE L 107 -57.09 -34.75 -30.95
N LYS L 108 -58.26 -34.46 -30.39
CA LYS L 108 -59.50 -35.02 -30.90
C LYS L 108 -60.68 -34.10 -30.65
#